data_7ZIL
#
_entry.id   7ZIL
#
_cell.length_a   150.098
_cell.length_b   96.023
_cell.length_c   128.058
_cell.angle_alpha   90.000
_cell.angle_beta   110.555
_cell.angle_gamma   90.000
#
_symmetry.space_group_name_H-M   'C 1 2 1'
#
loop_
_entity.id
_entity.type
_entity.pdbx_description
1 polymer 'Major capsid protein VP1'
2 branched 'N-acetyl-alpha-neuraminic acid-(2-3)-beta-D-galactopyranose-(1-4)-beta-D-glucopyranose'
3 non-polymer 1,2-ETHANEDIOL
4 non-polymer 'CHLORIDE ION'
5 non-polymer 'SODIUM ION'
6 non-polymer DI(HYDROXYETHYL)ETHER
7 water water
#
_entity_poly.entity_id   1
_entity_poly.type   'polypeptide(L)'
_entity_poly.pdbx_seq_one_letter_code
;GSHMGGVEVLEVKTGVDSITEVECFLTPEMGDPDEHLRGFSKSISISDTFESDSPNRDMLPCYSVARIPLPNLNEDLTCG
NILMWEAVTLKTEVIGVTSLMNVHSNGQATHDNGAGKPVQGTSFHFFSVGGEALELQGVLFNYRTKYPDGTIFPKNATVQ
SQVMNTEHKAYLDKNKAYPVECWVPDPTRNENTRYFGTLTGGENVPPVLHITNTATTVLLDEFGVGPLCKGDNLYLSAVD
VCGMFTNRSGSQQWRGLSRYFKVQLRKRRVKN
;
_entity_poly.pdbx_strand_id   AAA,BBB,CCC,DDD,EEE
#
loop_
_chem_comp.id
_chem_comp.type
_chem_comp.name
_chem_comp.formula
BGC D-saccharide, beta linking beta-D-glucopyranose 'C6 H12 O6'
CL non-polymer 'CHLORIDE ION' 'Cl -1'
EDO non-polymer 1,2-ETHANEDIOL 'C2 H6 O2'
GAL D-saccharide, beta linking beta-D-galactopyranose 'C6 H12 O6'
NA non-polymer 'SODIUM ION' 'Na 1'
PEG non-polymer DI(HYDROXYETHYL)ETHER 'C4 H10 O3'
SIA D-saccharide, alpha linking 'N-acetyl-alpha-neuraminic acid' 'C11 H19 N O9'
#
# COMPACT_ATOMS: atom_id res chain seq x y z
N VAL A 7 -28.16 -19.51 24.80
CA VAL A 7 -28.48 -18.14 25.34
C VAL A 7 -29.48 -17.46 24.40
N GLU A 8 -30.67 -17.12 24.91
CA GLU A 8 -31.59 -16.14 24.27
C GLU A 8 -31.18 -14.75 24.77
N VAL A 9 -30.83 -13.88 23.83
CA VAL A 9 -30.40 -12.49 24.15
C VAL A 9 -31.65 -11.62 24.06
N LEU A 10 -31.95 -10.93 25.16
N LEU A 10 -31.98 -10.94 25.17
CA LEU A 10 -33.14 -10.07 25.28
CA LEU A 10 -33.17 -10.06 25.25
C LEU A 10 -32.69 -8.60 25.28
C LEU A 10 -32.70 -8.60 25.27
N GLU A 11 -33.35 -7.71 26.03
CA GLU A 11 -33.13 -6.26 25.86
C GLU A 11 -31.86 -5.80 26.58
N VAL A 12 -31.32 -4.73 26.05
CA VAL A 12 -30.28 -3.89 26.70
C VAL A 12 -30.94 -3.05 27.80
N LYS A 13 -30.34 -3.02 28.97
CA LYS A 13 -30.74 -2.08 30.03
C LYS A 13 -30.28 -0.69 29.65
N THR A 14 -31.07 0.32 30.02
CA THR A 14 -30.67 1.74 29.84
C THR A 14 -30.64 2.47 31.17
N GLY A 15 -30.18 3.72 31.11
CA GLY A 15 -30.03 4.59 32.28
C GLY A 15 -28.60 4.60 32.78
N VAL A 16 -28.32 5.47 33.75
CA VAL A 16 -26.93 5.84 34.16
C VAL A 16 -26.19 4.60 34.67
N ASP A 17 -26.90 3.65 35.30
CA ASP A 17 -26.30 2.52 36.04
C ASP A 17 -26.08 1.33 35.09
N SER A 18 -26.45 1.48 33.83
CA SER A 18 -26.49 0.38 32.84
C SER A 18 -25.14 0.20 32.15
N ILE A 19 -24.18 1.10 32.35
CA ILE A 19 -22.90 1.10 31.58
C ILE A 19 -21.71 1.04 32.55
N THR A 20 -20.62 0.44 32.08
CA THR A 20 -19.32 0.49 32.79
C THR A 20 -18.21 0.51 31.74
N GLU A 21 -17.03 0.90 32.17
CA GLU A 21 -15.85 1.02 31.28
C GLU A 21 -14.72 0.23 31.94
N VAL A 22 -13.91 -0.41 31.11
CA VAL A 22 -12.63 -1.00 31.51
C VAL A 22 -11.55 -0.26 30.75
N GLU A 23 -10.52 0.16 31.47
CA GLU A 23 -9.35 0.82 30.86
C GLU A 23 -8.12 0.18 31.48
N CYS A 24 -7.21 -0.28 30.63
CA CYS A 24 -5.98 -0.88 31.16
C CYS A 24 -4.97 -1.02 30.04
N PHE A 25 -3.80 -1.50 30.43
CA PHE A 25 -2.78 -1.86 29.44
C PHE A 25 -2.28 -3.26 29.72
N LEU A 26 -1.91 -3.92 28.63
N LEU A 26 -1.91 -3.92 28.63
CA LEU A 26 -1.27 -5.26 28.69
CA LEU A 26 -1.26 -5.26 28.66
C LEU A 26 0.19 -5.07 28.26
C LEU A 26 0.20 -5.06 28.26
N THR A 27 1.10 -5.48 29.13
CA THR A 27 2.54 -5.48 28.81
C THR A 27 2.84 -6.62 27.86
N PRO A 28 3.86 -6.45 27.00
CA PRO A 28 4.27 -7.51 26.12
C PRO A 28 5.10 -8.55 26.88
N GLU A 29 5.08 -9.77 26.39
CA GLU A 29 5.81 -10.90 27.03
C GLU A 29 6.75 -11.51 26.00
N MET A 30 7.87 -10.84 25.77
CA MET A 30 8.80 -11.21 24.68
C MET A 30 9.87 -12.21 25.11
N GLY A 31 10.05 -12.43 26.42
CA GLY A 31 11.02 -13.42 26.94
C GLY A 31 11.84 -12.87 28.09
N ASP A 32 12.20 -11.60 28.03
CA ASP A 32 12.83 -10.88 29.17
C ASP A 32 14.06 -11.65 29.66
N PRO A 33 15.12 -11.72 28.82
CA PRO A 33 16.24 -12.62 29.10
C PRO A 33 17.16 -12.21 30.25
N ASP A 34 17.13 -10.96 30.66
CA ASP A 34 17.88 -10.52 31.85
C ASP A 34 17.16 -9.35 32.50
N GLU A 35 17.69 -8.84 33.58
CA GLU A 35 17.05 -7.79 34.40
C GLU A 35 17.05 -6.44 33.69
N HIS A 36 17.70 -6.32 32.55
CA HIS A 36 17.79 -5.05 31.80
C HIS A 36 16.98 -5.08 30.51
N LEU A 37 16.35 -6.21 30.19
CA LEU A 37 15.85 -6.45 28.82
C LEU A 37 14.34 -6.78 28.81
N ARG A 38 13.60 -6.23 29.76
CA ARG A 38 12.12 -6.28 29.68
C ARG A 38 11.65 -5.69 28.35
N GLY A 39 10.79 -6.44 27.64
CA GLY A 39 10.29 -6.00 26.34
C GLY A 39 11.05 -6.59 25.17
N PHE A 40 12.16 -7.26 25.43
CA PHE A 40 12.99 -7.92 24.41
C PHE A 40 12.98 -9.43 24.65
N SER A 41 13.22 -10.19 23.59
CA SER A 41 13.57 -11.61 23.73
C SER A 41 15.08 -11.78 23.93
N LYS A 42 15.45 -13.00 24.29
N LYS A 42 15.46 -13.00 24.28
CA LYS A 42 16.84 -13.47 24.11
CA LYS A 42 16.84 -13.48 24.09
C LYS A 42 17.22 -13.35 22.64
C LYS A 42 17.21 -13.34 22.61
N SER A 43 18.50 -13.14 22.34
CA SER A 43 18.97 -13.23 20.94
CA SER A 43 19.06 -13.27 20.98
C SER A 43 18.53 -14.56 20.33
N ILE A 44 18.26 -14.53 19.05
N ILE A 44 18.16 -14.50 19.06
CA ILE A 44 17.65 -15.69 18.35
CA ILE A 44 17.76 -15.72 18.30
C ILE A 44 18.78 -16.53 17.76
C ILE A 44 19.01 -16.56 18.03
N SER A 45 18.84 -17.77 18.18
N SER A 45 18.89 -17.83 18.32
CA SER A 45 19.82 -18.76 17.71
CA SER A 45 19.82 -18.87 17.83
C SER A 45 19.12 -19.84 16.91
C SER A 45 19.07 -19.70 16.79
N ILE A 46 19.79 -20.37 15.90
CA ILE A 46 19.19 -21.21 14.85
C ILE A 46 19.70 -22.63 15.06
N SER A 47 18.78 -23.58 15.10
CA SER A 47 19.15 -25.01 15.19
C SER A 47 19.81 -25.45 13.88
N ASP A 48 20.58 -26.53 13.91
N ASP A 48 20.75 -26.38 14.03
CA ASP A 48 21.23 -27.02 12.66
CA ASP A 48 21.63 -26.85 12.92
C ASP A 48 20.34 -28.05 11.95
C ASP A 48 20.86 -27.83 12.04
N THR A 49 19.22 -28.49 12.54
N THR A 49 19.81 -28.45 12.59
CA THR A 49 18.23 -29.37 11.88
CA THR A 49 18.97 -29.45 11.89
C THR A 49 16.83 -29.13 12.46
C THR A 49 17.52 -29.16 12.26
N PHE A 50 15.76 -29.56 11.78
N PHE A 50 16.46 -29.73 11.64
CA PHE A 50 14.39 -29.55 12.37
CA PHE A 50 15.05 -29.48 12.11
C PHE A 50 14.35 -30.45 13.60
C PHE A 50 14.74 -30.30 13.35
N GLU A 51 15.08 -31.56 13.58
N GLU A 51 15.43 -31.42 13.46
CA GLU A 51 15.16 -32.53 14.72
CA GLU A 51 15.11 -32.37 14.57
C GLU A 51 15.66 -31.79 15.97
C GLU A 51 15.72 -31.86 15.89
N SER A 52 16.64 -30.89 15.81
CA SER A 52 17.36 -30.31 16.96
C SER A 52 16.80 -28.96 17.40
N ASP A 53 15.69 -28.50 16.84
CA ASP A 53 15.09 -27.20 17.23
C ASP A 53 14.65 -27.31 18.69
N SER A 54 15.21 -26.49 19.57
N SER A 54 15.16 -26.44 19.55
N SER A 54 15.27 -26.51 19.57
CA SER A 54 14.97 -26.54 21.04
CA SER A 54 14.98 -26.53 21.02
CA SER A 54 15.07 -26.52 21.04
C SER A 54 15.07 -25.15 21.62
C SER A 54 15.05 -25.15 21.65
C SER A 54 15.14 -25.09 21.54
N PRO A 55 14.12 -24.24 21.28
CA PRO A 55 14.21 -22.85 21.72
C PRO A 55 14.08 -22.72 23.23
N ASN A 56 14.92 -21.86 23.80
CA ASN A 56 14.80 -21.55 25.22
C ASN A 56 13.59 -20.66 25.45
N ARG A 57 13.03 -20.78 26.65
CA ARG A 57 11.82 -20.03 27.01
C ARG A 57 12.02 -18.53 26.80
N ASP A 58 13.17 -17.99 27.14
CA ASP A 58 13.36 -16.52 27.06
C ASP A 58 13.55 -16.05 25.60
N MET A 59 13.57 -16.96 24.63
CA MET A 59 13.66 -16.63 23.20
C MET A 59 12.26 -16.63 22.54
N LEU A 60 11.22 -17.00 23.27
CA LEU A 60 9.87 -17.19 22.69
C LEU A 60 8.90 -16.16 23.20
N PRO A 61 8.49 -15.19 22.34
CA PRO A 61 7.37 -14.33 22.69
C PRO A 61 6.12 -15.18 22.99
N CYS A 62 5.33 -14.70 23.93
CA CYS A 62 4.07 -15.34 24.36
C CYS A 62 2.91 -14.36 24.20
N TYR A 63 1.73 -14.93 24.13
CA TYR A 63 0.49 -14.14 24.20
C TYR A 63 0.37 -13.46 25.58
N SER A 64 -0.11 -12.21 25.56
CA SER A 64 -0.53 -11.48 26.77
C SER A 64 -2.03 -11.68 27.00
N VAL A 65 -2.43 -11.77 28.26
CA VAL A 65 -3.86 -11.88 28.62
C VAL A 65 -4.09 -11.22 29.96
N ALA A 66 -5.25 -10.59 30.08
CA ALA A 66 -5.78 -10.11 31.36
C ALA A 66 -7.23 -10.53 31.49
N ARG A 67 -7.58 -11.06 32.65
N ARG A 67 -7.58 -11.08 32.65
CA ARG A 67 -8.98 -11.30 33.07
CA ARG A 67 -8.97 -11.40 33.05
C ARG A 67 -9.37 -10.16 34.01
C ARG A 67 -9.37 -10.30 34.02
N ILE A 68 -10.33 -9.35 33.59
N ILE A 68 -10.39 -9.52 33.66
CA ILE A 68 -10.73 -8.11 34.31
CA ILE A 68 -10.79 -8.32 34.44
C ILE A 68 -12.09 -8.35 34.95
C ILE A 68 -12.16 -8.57 35.03
N PRO A 69 -12.18 -8.56 36.29
N PRO A 69 -12.27 -8.54 36.37
CA PRO A 69 -13.48 -8.57 36.94
CA PRO A 69 -13.57 -8.70 37.00
C PRO A 69 -14.32 -7.33 36.66
C PRO A 69 -14.36 -7.39 36.85
N LEU A 70 -15.62 -7.56 36.45
CA LEU A 70 -16.59 -6.48 36.28
C LEU A 70 -17.52 -6.45 37.48
N PRO A 71 -18.34 -5.39 37.60
CA PRO A 71 -19.27 -5.33 38.73
C PRO A 71 -20.20 -6.55 38.72
N ASN A 72 -20.37 -7.16 39.88
CA ASN A 72 -21.26 -8.34 40.02
C ASN A 72 -22.70 -7.98 39.64
N LEU A 73 -23.32 -8.83 38.84
CA LEU A 73 -24.69 -8.52 38.37
C LEU A 73 -25.74 -9.39 39.02
N ASN A 74 -25.44 -10.64 39.30
CA ASN A 74 -26.56 -11.47 39.82
C ASN A 74 -26.20 -11.96 41.22
N ASN A 81 -32.89 -16.42 33.80
CA ASN A 81 -33.13 -14.99 33.46
C ASN A 81 -32.09 -14.17 34.23
N ILE A 82 -31.01 -13.72 33.57
CA ILE A 82 -29.90 -12.99 34.27
C ILE A 82 -29.46 -11.78 33.45
N LEU A 83 -28.67 -10.93 34.06
CA LEU A 83 -27.98 -9.83 33.34
C LEU A 83 -26.54 -10.28 33.08
N MET A 84 -26.03 -9.85 31.94
CA MET A 84 -24.61 -10.02 31.61
C MET A 84 -24.09 -8.70 31.07
N TRP A 85 -22.83 -8.44 31.35
CA TRP A 85 -22.14 -7.31 30.71
C TRP A 85 -21.83 -7.68 29.27
N GLU A 86 -22.14 -6.76 28.39
CA GLU A 86 -21.94 -6.91 26.94
C GLU A 86 -20.90 -5.88 26.50
N ALA A 87 -19.81 -6.35 25.91
CA ALA A 87 -18.76 -5.44 25.41
C ALA A 87 -19.22 -4.87 24.06
N VAL A 88 -19.21 -3.56 23.95
N VAL A 88 -19.21 -3.56 23.89
CA VAL A 88 -19.83 -2.85 22.80
CA VAL A 88 -19.81 -2.96 22.67
C VAL A 88 -18.77 -2.19 21.93
C VAL A 88 -18.81 -2.11 21.88
N THR A 89 -17.83 -1.48 22.54
CA THR A 89 -16.81 -0.73 21.79
C THR A 89 -15.43 -0.92 22.40
N LEU A 90 -14.44 -0.77 21.54
CA LEU A 90 -13.01 -0.86 21.93
C LEU A 90 -12.28 0.35 21.34
N LYS A 91 -11.44 0.98 22.17
CA LYS A 91 -10.37 1.84 21.67
C LYS A 91 -9.07 1.16 22.08
N THR A 92 -8.12 1.09 21.17
CA THR A 92 -6.85 0.40 21.46
C THR A 92 -5.73 1.12 20.74
N GLU A 93 -4.53 1.06 21.29
N GLU A 93 -4.54 0.98 21.33
CA GLU A 93 -3.36 1.35 20.45
CA GLU A 93 -3.33 1.76 20.95
C GLU A 93 -2.14 0.87 21.19
C GLU A 93 -2.08 0.96 21.33
N VAL A 94 -1.08 0.88 20.44
CA VAL A 94 0.26 0.43 20.87
C VAL A 94 0.92 1.61 21.59
N ILE A 95 1.47 1.35 22.77
CA ILE A 95 2.02 2.38 23.67
C ILE A 95 3.54 2.42 23.52
N GLY A 96 4.07 3.57 23.15
CA GLY A 96 5.52 3.76 23.08
C GLY A 96 6.08 3.63 21.69
N VAL A 97 5.31 3.94 20.64
CA VAL A 97 5.80 3.70 19.26
C VAL A 97 7.08 4.51 19.00
N THR A 98 7.24 5.67 19.62
CA THR A 98 8.41 6.51 19.33
C THR A 98 9.70 5.97 19.92
N SER A 99 9.63 5.01 20.82
CA SER A 99 10.86 4.40 21.39
C SER A 99 11.66 3.75 20.29
N LEU A 100 11.04 3.35 19.19
CA LEU A 100 11.75 2.73 18.05
C LEU A 100 12.60 3.75 17.30
N MET A 101 12.56 5.02 17.69
CA MET A 101 13.49 6.02 17.10
C MET A 101 14.85 6.04 17.82
N ASN A 102 15.05 5.21 18.83
CA ASN A 102 16.39 5.09 19.46
C ASN A 102 17.29 4.20 18.58
N VAL A 103 18.02 4.85 17.67
CA VAL A 103 18.96 4.25 16.70
C VAL A 103 20.39 4.52 17.16
N HIS A 104 20.59 4.76 18.44
CA HIS A 104 21.92 5.15 18.98
C HIS A 104 22.36 4.26 20.15
N SER A 105 21.69 3.15 20.39
CA SER A 105 21.90 2.34 21.61
C SER A 105 22.32 0.92 21.21
N ASN A 106 23.63 0.75 21.01
CA ASN A 106 24.26 -0.54 20.62
C ASN A 106 23.57 -1.20 19.43
N GLY A 107 23.12 -0.41 18.48
CA GLY A 107 22.62 -0.93 17.21
C GLY A 107 23.77 -1.17 16.24
N GLN A 108 23.43 -1.86 15.18
CA GLN A 108 24.33 -2.15 14.05
C GLN A 108 24.22 -1.00 13.05
N ALA A 109 25.29 -0.31 12.79
CA ALA A 109 25.30 0.78 11.80
C ALA A 109 24.84 0.20 10.48
N THR A 110 23.97 0.92 9.79
CA THR A 110 23.42 0.38 8.54
C THR A 110 24.41 0.52 7.38
N HIS A 111 25.40 1.39 7.54
CA HIS A 111 26.58 1.51 6.65
C HIS A 111 27.68 2.22 7.44
N ASP A 112 28.89 2.29 6.89
N ASP A 112 28.88 2.32 6.87
CA ASP A 112 30.04 2.92 7.60
CA ASP A 112 30.01 2.91 7.62
C ASP A 112 29.68 4.36 8.00
C ASP A 112 29.65 4.36 8.01
N ASN A 113 29.76 4.67 9.30
CA ASN A 113 29.51 5.99 9.90
C ASN A 113 28.02 6.28 10.04
N GLY A 114 27.15 5.34 9.69
CA GLY A 114 25.70 5.58 9.72
C GLY A 114 25.07 5.34 11.07
N ALA A 115 23.79 5.62 11.15
CA ALA A 115 22.98 5.41 12.36
C ALA A 115 22.69 3.91 12.52
N GLY A 116 22.18 3.56 13.70
CA GLY A 116 21.85 2.16 13.98
C GLY A 116 20.63 1.69 13.21
N LYS A 117 20.59 0.41 12.88
N LYS A 117 20.60 0.41 12.87
CA LYS A 117 19.44 -0.21 12.17
CA LYS A 117 19.43 -0.21 12.21
C LYS A 117 18.22 -0.18 13.10
C LYS A 117 18.24 -0.08 13.16
N PRO A 118 17.10 0.42 12.67
CA PRO A 118 15.87 0.42 13.46
C PRO A 118 15.29 -0.98 13.59
N VAL A 119 14.43 -1.14 14.59
CA VAL A 119 13.61 -2.35 14.73
C VAL A 119 12.81 -2.54 13.44
N GLN A 120 12.83 -3.75 12.92
CA GLN A 120 12.17 -4.04 11.64
C GLN A 120 12.08 -5.55 11.49
N GLY A 121 11.40 -5.98 10.44
CA GLY A 121 11.25 -7.41 10.17
C GLY A 121 9.94 -7.93 10.72
N THR A 122 9.84 -9.25 10.84
CA THR A 122 8.56 -9.90 11.09
C THR A 122 7.88 -9.24 12.30
N SER A 123 6.59 -8.91 12.12
CA SER A 123 5.75 -8.39 13.21
C SER A 123 4.47 -9.19 13.33
N PHE A 124 3.92 -9.21 14.54
CA PHE A 124 2.56 -9.75 14.77
C PHE A 124 1.89 -8.81 15.73
N HIS A 125 0.82 -8.20 15.26
CA HIS A 125 -0.01 -7.27 16.06
C HIS A 125 -1.41 -7.88 16.13
N PHE A 126 -1.85 -8.13 17.33
CA PHE A 126 -3.05 -8.93 17.59
C PHE A 126 -3.70 -8.39 18.85
N PHE A 127 -5.04 -8.33 18.82
CA PHE A 127 -5.79 -8.05 20.05
C PHE A 127 -7.16 -8.73 19.96
N SER A 128 -7.70 -9.01 21.14
CA SER A 128 -9.04 -9.60 21.23
C SER A 128 -9.72 -9.14 22.50
N VAL A 129 -11.05 -9.11 22.41
CA VAL A 129 -11.95 -8.79 23.53
C VAL A 129 -13.00 -9.88 23.59
N GLY A 130 -13.14 -10.54 24.71
CA GLY A 130 -14.16 -11.59 24.81
C GLY A 130 -14.76 -11.71 26.19
N GLY A 131 -15.86 -12.48 26.22
CA GLY A 131 -16.57 -12.76 27.46
C GLY A 131 -16.11 -14.02 28.15
N GLU A 132 -14.99 -14.58 27.69
CA GLU A 132 -14.39 -15.81 28.18
C GLU A 132 -12.99 -15.86 27.54
N ALA A 133 -12.18 -16.77 28.00
CA ALA A 133 -10.80 -16.87 27.49
C ALA A 133 -10.81 -17.09 25.97
N LEU A 134 -9.84 -16.50 25.32
CA LEU A 134 -9.58 -16.75 23.89
C LEU A 134 -9.31 -18.25 23.71
N GLU A 135 -9.96 -18.84 22.73
CA GLU A 135 -9.76 -20.27 22.39
C GLU A 135 -8.68 -20.36 21.32
N LEU A 136 -7.72 -21.24 21.59
CA LEU A 136 -6.53 -21.37 20.71
C LEU A 136 -6.50 -22.71 19.97
N GLN A 137 -5.91 -22.68 18.79
CA GLN A 137 -5.65 -23.90 18.00
C GLN A 137 -4.13 -23.89 17.79
N GLY A 138 -3.51 -25.04 18.04
CA GLY A 138 -2.06 -25.14 17.82
C GLY A 138 -1.69 -25.45 16.38
N VAL A 139 -0.69 -24.74 15.87
CA VAL A 139 -0.11 -25.06 14.53
C VAL A 139 1.40 -24.87 14.69
N LEU A 140 2.14 -25.90 14.29
CA LEU A 140 3.61 -25.86 14.47
C LEU A 140 4.33 -25.72 13.12
N PHE A 141 5.33 -24.85 13.11
CA PHE A 141 6.16 -24.75 11.88
C PHE A 141 6.89 -26.07 11.66
N ASN A 142 7.36 -26.63 12.77
CA ASN A 142 8.15 -27.88 12.77
C ASN A 142 7.65 -28.70 13.96
N TYR A 143 7.04 -29.85 13.69
CA TYR A 143 6.43 -30.65 14.78
C TYR A 143 7.48 -31.27 15.72
N ARG A 144 8.73 -31.30 15.28
CA ARG A 144 9.82 -31.91 16.10
C ARG A 144 10.47 -30.84 17.00
N THR A 145 10.01 -29.60 16.94
CA THR A 145 10.51 -28.58 17.87
C THR A 145 10.28 -28.97 19.32
N LYS A 146 11.33 -28.91 20.15
N LYS A 146 11.32 -28.92 20.14
CA LYS A 146 11.17 -29.22 21.59
CA LYS A 146 11.17 -29.22 21.59
C LYS A 146 10.90 -27.91 22.33
C LYS A 146 10.91 -27.91 22.32
N TYR A 147 9.65 -27.70 22.75
CA TYR A 147 9.30 -26.47 23.47
C TYR A 147 9.76 -26.58 24.91
N PRO A 148 10.12 -25.44 25.53
CA PRO A 148 10.73 -25.49 26.83
C PRO A 148 9.81 -25.52 28.06
N ASP A 149 10.37 -26.05 29.14
CA ASP A 149 9.63 -26.06 30.43
C ASP A 149 9.20 -24.62 30.76
N GLY A 150 8.00 -24.50 31.30
CA GLY A 150 7.47 -23.18 31.66
C GLY A 150 6.55 -22.62 30.60
N THR A 151 6.53 -23.26 29.43
CA THR A 151 5.59 -22.83 28.37
C THR A 151 4.50 -23.87 28.22
N ILE A 152 3.35 -23.45 27.69
CA ILE A 152 2.23 -24.37 27.40
C ILE A 152 2.18 -24.46 25.87
N PHE A 153 2.38 -25.65 25.36
CA PHE A 153 2.52 -25.81 23.90
C PHE A 153 1.78 -27.04 23.43
N PRO A 154 1.58 -27.19 22.12
CA PRO A 154 0.88 -28.35 21.58
C PRO A 154 1.57 -29.67 21.99
N LYS A 155 0.79 -30.52 22.61
CA LYS A 155 1.32 -31.81 23.10
C LYS A 155 0.97 -32.94 22.14
N ASN A 156 1.73 -34.03 22.22
CA ASN A 156 1.52 -35.19 21.32
C ASN A 156 1.58 -34.72 19.87
N ALA A 157 2.56 -33.87 19.59
CA ALA A 157 2.68 -33.32 18.23
C ALA A 157 3.01 -34.43 17.23
N THR A 158 2.42 -34.35 16.04
CA THR A 158 2.70 -35.29 14.95
C THR A 158 2.98 -34.43 13.72
N VAL A 159 3.34 -35.06 12.62
CA VAL A 159 3.66 -34.27 11.40
C VAL A 159 2.39 -33.51 10.96
N GLN A 160 1.21 -34.07 11.29
N GLN A 160 1.20 -34.06 11.29
CA GLN A 160 -0.07 -33.39 10.94
CA GLN A 160 -0.09 -33.39 10.94
C GLN A 160 -0.18 -32.05 11.68
C GLN A 160 -0.18 -32.05 11.68
N SER A 161 0.49 -31.92 12.83
CA SER A 161 0.49 -30.64 13.59
C SER A 161 1.08 -29.49 12.77
N GLN A 162 1.85 -29.78 11.71
CA GLN A 162 2.42 -28.73 10.82
C GLN A 162 1.34 -28.09 9.91
N VAL A 163 0.17 -28.71 9.85
CA VAL A 163 -0.93 -28.14 9.00
C VAL A 163 -2.21 -27.98 9.84
N MET A 164 -2.67 -29.07 10.46
N MET A 164 -2.67 -29.08 10.45
CA MET A 164 -3.89 -29.01 11.30
CA MET A 164 -3.89 -29.01 11.30
C MET A 164 -4.08 -30.30 12.10
C MET A 164 -4.07 -30.30 12.10
N ASN A 165 -3.87 -30.22 13.41
CA ASN A 165 -4.09 -31.39 14.28
C ASN A 165 -5.14 -30.89 15.28
N THR A 166 -6.35 -31.42 15.20
CA THR A 166 -7.48 -30.91 16.03
C THR A 166 -7.31 -31.20 17.53
N GLU A 167 -6.34 -32.03 17.87
N GLU A 167 -6.33 -32.03 17.87
CA GLU A 167 -6.06 -32.31 19.31
CA GLU A 167 -6.06 -32.31 19.29
C GLU A 167 -5.53 -31.06 20.00
C GLU A 167 -5.54 -31.06 19.99
N HIS A 168 -4.90 -30.15 19.24
CA HIS A 168 -4.27 -28.96 19.87
C HIS A 168 -5.26 -27.83 20.15
N LYS A 169 -6.09 -28.05 21.15
CA LYS A 169 -7.06 -27.02 21.59
C LYS A 169 -6.65 -26.55 22.98
N ALA A 170 -6.66 -25.24 23.19
CA ALA A 170 -6.32 -24.70 24.52
C ALA A 170 -7.05 -23.38 24.75
N TYR A 171 -7.02 -22.91 25.98
CA TYR A 171 -7.57 -21.58 26.33
C TYR A 171 -6.40 -20.67 26.68
N LEU A 172 -6.44 -19.41 26.27
CA LEU A 172 -5.39 -18.45 26.68
C LEU A 172 -5.77 -18.05 28.11
N ASP A 173 -5.26 -18.81 29.07
CA ASP A 173 -5.71 -18.67 30.47
C ASP A 173 -4.53 -18.40 31.41
N LYS A 174 -3.38 -18.07 30.84
CA LYS A 174 -2.17 -17.82 31.65
C LYS A 174 -1.31 -16.85 30.86
N ASN A 175 -0.79 -15.86 31.56
N ASN A 175 -0.81 -15.83 31.56
CA ASN A 175 0.05 -14.84 30.89
CA ASN A 175 0.07 -14.84 30.88
C ASN A 175 1.49 -15.36 30.84
C ASN A 175 1.49 -15.40 30.82
N LYS A 176 2.25 -14.96 29.81
CA LYS A 176 3.67 -15.38 29.69
C LYS A 176 3.85 -16.91 29.60
N ALA A 177 2.94 -17.61 28.92
CA ALA A 177 2.99 -19.10 28.92
C ALA A 177 2.78 -19.70 27.53
N TYR A 178 1.89 -19.10 26.74
CA TYR A 178 1.50 -19.66 25.42
C TYR A 178 2.35 -19.01 24.32
N PRO A 179 3.33 -19.74 23.74
CA PRO A 179 4.17 -19.08 22.74
C PRO A 179 3.35 -18.64 21.52
N VAL A 180 3.70 -17.47 21.03
CA VAL A 180 3.02 -16.92 19.84
C VAL A 180 3.15 -17.88 18.68
N GLU A 181 4.36 -18.44 18.48
CA GLU A 181 4.62 -19.19 17.24
C GLU A 181 3.86 -20.52 17.16
N CYS A 182 3.33 -20.97 18.30
N CYS A 182 3.30 -21.03 18.25
CA CYS A 182 2.67 -22.29 18.45
CA CYS A 182 2.64 -22.34 18.13
C CYS A 182 1.15 -22.23 18.25
C CYS A 182 1.13 -22.28 18.38
N TRP A 183 0.56 -21.08 18.52
CA TRP A 183 -0.89 -20.96 18.77
C TRP A 183 -1.46 -19.83 17.96
N VAL A 184 -2.69 -20.05 17.48
CA VAL A 184 -3.52 -18.99 16.88
C VAL A 184 -4.90 -19.06 17.49
N PRO A 185 -5.67 -17.96 17.38
CA PRO A 185 -7.09 -18.05 17.66
C PRO A 185 -7.72 -19.19 16.85
N ASP A 186 -8.54 -19.99 17.52
CA ASP A 186 -9.24 -21.10 16.86
C ASP A 186 -10.45 -20.54 16.13
N PRO A 187 -10.45 -20.53 14.78
CA PRO A 187 -11.60 -19.96 14.06
C PRO A 187 -12.85 -20.84 14.15
N THR A 188 -12.70 -22.08 14.60
CA THR A 188 -13.82 -23.01 14.77
C THR A 188 -14.58 -22.75 16.07
N ARG A 189 -13.99 -21.93 16.94
CA ARG A 189 -14.66 -21.56 18.21
CA ARG A 189 -14.66 -21.56 18.21
C ARG A 189 -14.73 -20.00 18.30
N ASN A 190 -14.52 -19.48 19.52
CA ASN A 190 -14.46 -18.01 19.71
C ASN A 190 -15.75 -17.27 19.30
N GLU A 191 -16.92 -17.90 19.42
N GLU A 191 -16.92 -17.87 19.45
CA GLU A 191 -18.21 -17.22 19.16
CA GLU A 191 -18.18 -17.18 19.10
C GLU A 191 -18.31 -15.96 20.02
C GLU A 191 -18.45 -16.03 20.09
N ASN A 192 -17.81 -16.03 21.25
CA ASN A 192 -18.05 -15.01 22.30
C ASN A 192 -16.83 -14.10 22.49
N THR A 193 -15.99 -14.02 21.45
CA THR A 193 -14.80 -13.15 21.40
C THR A 193 -14.81 -12.43 20.05
N ARG A 194 -14.20 -11.25 20.00
CA ARG A 194 -13.85 -10.59 18.73
C ARG A 194 -12.33 -10.48 18.70
N TYR A 195 -11.72 -11.03 17.65
CA TYR A 195 -10.25 -11.00 17.55
C TYR A 195 -9.82 -10.41 16.22
N PHE A 196 -8.60 -9.88 16.22
CA PHE A 196 -8.02 -9.15 15.07
C PHE A 196 -6.52 -9.31 15.12
N GLY A 197 -5.92 -9.73 14.02
CA GLY A 197 -4.47 -9.83 14.00
C GLY A 197 -3.90 -9.72 12.60
N THR A 198 -2.66 -9.28 12.53
CA THR A 198 -1.91 -9.20 11.27
C THR A 198 -0.48 -9.68 11.49
N LEU A 199 -0.08 -10.66 10.71
CA LEU A 199 1.33 -11.07 10.60
CA LEU A 199 1.31 -11.12 10.59
C LEU A 199 1.89 -10.42 9.35
N THR A 200 2.95 -9.65 9.53
CA THR A 200 3.70 -9.12 8.39
C THR A 200 5.10 -9.75 8.47
N GLY A 201 5.49 -10.61 7.49
N GLY A 201 5.45 -10.62 7.51
CA GLY A 201 6.73 -11.39 7.55
CA GLY A 201 6.74 -11.30 7.50
C GLY A 201 7.82 -10.91 6.61
C GLY A 201 7.88 -10.44 6.97
N GLY A 202 9.08 -11.02 7.01
CA GLY A 202 10.22 -10.60 6.20
C GLY A 202 11.21 -9.90 7.07
N GLU A 203 12.51 -10.03 6.80
CA GLU A 203 13.53 -9.52 7.75
C GLU A 203 13.65 -8.01 7.65
N ASN A 204 13.13 -7.38 6.59
CA ASN A 204 13.36 -5.93 6.37
C ASN A 204 12.06 -5.16 6.43
N VAL A 205 10.91 -5.79 6.71
N VAL A 205 10.96 -5.84 6.80
CA VAL A 205 9.61 -5.05 6.58
CA VAL A 205 9.62 -5.20 6.96
C VAL A 205 9.63 -3.92 7.61
C VAL A 205 9.78 -4.00 7.86
N PRO A 206 9.12 -2.71 7.26
N PRO A 206 9.46 -2.77 7.36
CA PRO A 206 9.19 -1.56 8.16
CA PRO A 206 9.27 -1.60 8.20
C PRO A 206 8.03 -1.58 9.14
C PRO A 206 8.08 -1.70 9.16
N PRO A 207 8.20 -1.35 10.46
CA PRO A 207 7.02 -1.15 11.30
C PRO A 207 6.24 0.05 10.70
N VAL A 208 4.92 -0.07 10.69
CA VAL A 208 4.00 1.06 10.42
C VAL A 208 3.00 1.08 11.58
N LEU A 209 3.18 2.04 12.48
CA LEU A 209 2.43 2.07 13.75
C LEU A 209 1.69 3.39 13.80
N HIS A 210 0.37 3.29 13.82
CA HIS A 210 -0.51 4.46 13.86
C HIS A 210 -1.03 4.63 15.29
N ILE A 211 -1.09 5.88 15.73
CA ILE A 211 -1.71 6.19 17.05
C ILE A 211 -2.75 7.29 16.83
N THR A 212 -3.84 7.20 17.58
CA THR A 212 -4.86 8.25 17.60
C THR A 212 -5.86 7.91 18.70
N ASN A 213 -6.44 8.94 19.29
CA ASN A 213 -7.52 8.75 20.27
C ASN A 213 -8.89 8.98 19.64
N THR A 214 -8.99 8.92 18.32
CA THR A 214 -10.24 9.24 17.61
C THR A 214 -10.89 8.02 16.98
N ALA A 215 -10.30 6.84 17.13
CA ALA A 215 -10.74 5.61 16.43
C ALA A 215 -11.37 4.64 17.42
N THR A 216 -12.55 4.13 17.06
CA THR A 216 -13.30 3.17 17.87
C THR A 216 -13.63 1.95 17.00
N THR A 217 -13.51 0.75 17.56
CA THR A 217 -13.97 -0.50 16.95
C THR A 217 -15.27 -0.92 17.62
N VAL A 218 -16.29 -1.17 16.83
CA VAL A 218 -17.57 -1.71 17.36
C VAL A 218 -17.44 -3.23 17.45
N LEU A 219 -17.84 -3.80 18.59
CA LEU A 219 -17.65 -5.24 18.90
C LEU A 219 -18.93 -6.05 18.67
N LEU A 220 -20.00 -5.39 18.26
CA LEU A 220 -21.27 -6.10 18.00
C LEU A 220 -21.12 -6.97 16.75
N ASP A 221 -21.73 -8.14 16.80
CA ASP A 221 -21.81 -9.05 15.64
C ASP A 221 -22.97 -8.60 14.73
N GLU A 222 -23.26 -9.41 13.71
CA GLU A 222 -24.26 -9.05 12.69
C GLU A 222 -25.68 -9.06 13.28
N PHE A 223 -25.87 -9.59 14.49
CA PHE A 223 -27.17 -9.61 15.21
C PHE A 223 -27.22 -8.46 16.22
N GLY A 224 -26.20 -7.61 16.27
CA GLY A 224 -26.16 -6.49 17.21
C GLY A 224 -25.75 -6.92 18.61
N VAL A 225 -25.05 -8.05 18.75
CA VAL A 225 -24.68 -8.59 20.09
C VAL A 225 -23.15 -8.60 20.23
N GLY A 226 -22.67 -8.02 21.32
CA GLY A 226 -21.23 -8.05 21.62
C GLY A 226 -20.90 -9.26 22.48
N PRO A 227 -19.61 -9.44 22.80
CA PRO A 227 -19.21 -10.46 23.76
C PRO A 227 -19.98 -10.30 25.07
N LEU A 228 -20.45 -11.43 25.61
CA LEU A 228 -21.23 -11.46 26.87
C LEU A 228 -20.33 -12.08 27.95
N CYS A 229 -20.15 -11.37 29.03
CA CYS A 229 -19.08 -11.68 29.99
C CYS A 229 -19.54 -12.72 31.01
N LYS A 230 -19.10 -13.96 30.79
CA LYS A 230 -19.47 -15.07 31.69
C LYS A 230 -18.84 -14.83 33.06
N GLY A 231 -19.62 -14.98 34.10
CA GLY A 231 -19.13 -14.79 35.48
C GLY A 231 -18.72 -13.36 35.73
N ASP A 232 -19.15 -12.42 34.91
CA ASP A 232 -18.80 -10.99 35.07
C ASP A 232 -17.27 -10.81 34.94
N ASN A 233 -16.68 -11.49 33.97
CA ASN A 233 -15.25 -11.34 33.65
C ASN A 233 -15.07 -10.95 32.19
N LEU A 234 -14.21 -9.96 31.95
CA LEU A 234 -13.82 -9.55 30.58
C LEU A 234 -12.41 -10.06 30.31
N TYR A 235 -12.22 -10.68 29.16
N TYR A 235 -12.20 -10.61 29.12
CA TYR A 235 -10.87 -11.15 28.75
CA TYR A 235 -10.90 -11.18 28.72
C TYR A 235 -10.34 -10.25 27.65
C TYR A 235 -10.29 -10.34 27.60
N LEU A 236 -9.12 -9.77 27.87
CA LEU A 236 -8.37 -8.97 26.91
C LEU A 236 -7.10 -9.72 26.59
N SER A 237 -6.79 -9.85 25.30
CA SER A 237 -5.57 -10.56 24.89
C SER A 237 -4.84 -9.72 23.86
N ALA A 238 -3.53 -9.88 23.77
CA ALA A 238 -2.72 -9.09 22.84
C ALA A 238 -1.41 -9.77 22.50
N VAL A 239 -0.92 -9.44 21.33
CA VAL A 239 0.50 -9.63 20.97
C VAL A 239 0.91 -8.39 20.17
N ASP A 240 2.06 -7.81 20.49
CA ASP A 240 2.61 -6.68 19.71
C ASP A 240 4.11 -6.89 19.57
N VAL A 241 4.46 -7.91 18.80
CA VAL A 241 5.86 -8.13 18.36
C VAL A 241 6.08 -7.12 17.24
N CYS A 242 6.90 -6.11 17.48
CA CYS A 242 7.06 -5.01 16.53
C CYS A 242 8.06 -5.30 15.42
N GLY A 243 8.94 -6.26 15.66
CA GLY A 243 10.04 -6.63 14.76
C GLY A 243 11.20 -7.10 15.60
N MET A 244 12.37 -7.06 14.98
CA MET A 244 13.60 -7.45 15.67
CA MET A 244 13.65 -7.48 15.58
C MET A 244 14.55 -6.25 15.78
N PHE A 245 15.21 -6.20 16.91
CA PHE A 245 16.34 -5.28 17.15
C PHE A 245 17.62 -6.03 16.83
N THR A 246 18.44 -5.44 15.97
CA THR A 246 19.75 -5.96 15.60
C THR A 246 20.80 -5.20 16.38
N ASN A 247 21.58 -5.88 17.20
CA ASN A 247 22.62 -5.15 17.94
C ASN A 247 23.92 -5.11 17.12
N ARG A 248 24.92 -4.43 17.67
CA ARG A 248 26.20 -4.17 16.99
C ARG A 248 26.82 -5.48 16.49
N SER A 249 26.61 -6.59 17.18
CA SER A 249 27.21 -7.91 16.80
C SER A 249 26.51 -8.52 15.60
N GLY A 250 25.30 -8.07 15.32
CA GLY A 250 24.44 -8.72 14.32
C GLY A 250 23.37 -9.61 14.93
N SER A 251 23.45 -9.91 16.22
N SER A 251 23.48 -9.91 16.23
CA SER A 251 22.43 -10.77 16.87
CA SER A 251 22.45 -10.69 16.96
C SER A 251 21.11 -10.00 16.97
C SER A 251 21.11 -9.97 16.83
N GLN A 252 20.03 -10.74 16.81
CA GLN A 252 18.69 -10.17 16.70
C GLN A 252 17.81 -10.68 17.84
N GLN A 253 17.00 -9.77 18.35
CA GLN A 253 16.08 -10.02 19.45
C GLN A 253 14.70 -9.47 19.05
N TRP A 254 13.64 -10.17 19.40
CA TRP A 254 12.30 -9.57 19.25
C TRP A 254 12.18 -8.36 20.19
N ARG A 255 11.43 -7.36 19.76
CA ARG A 255 11.07 -6.20 20.60
C ARG A 255 9.55 -6.04 20.55
N GLY A 256 8.93 -5.96 21.71
CA GLY A 256 7.48 -5.76 21.84
C GLY A 256 7.17 -4.46 22.54
N LEU A 257 5.90 -4.06 22.44
CA LEU A 257 5.35 -2.88 23.13
C LEU A 257 4.01 -3.25 23.80
N SER A 258 3.67 -2.50 24.81
CA SER A 258 2.38 -2.63 25.51
C SER A 258 1.22 -2.15 24.63
N ARG A 259 0.03 -2.64 24.97
CA ARG A 259 -1.21 -2.26 24.27
C ARG A 259 -2.21 -1.73 25.29
N TYR A 260 -2.73 -0.56 24.98
CA TYR A 260 -3.84 0.08 25.70
C TYR A 260 -5.17 -0.47 25.23
N PHE A 261 -6.08 -0.69 26.17
CA PHE A 261 -7.48 -1.07 25.88
C PHE A 261 -8.41 -0.18 26.69
N LYS A 262 -9.45 0.32 26.02
CA LYS A 262 -10.63 0.93 26.69
C LYS A 262 -11.87 0.29 26.07
N VAL A 263 -12.63 -0.40 26.91
CA VAL A 263 -13.83 -1.13 26.48
C VAL A 263 -15.04 -0.54 27.21
N GLN A 264 -16.07 -0.21 26.44
CA GLN A 264 -17.39 0.22 26.96
CA GLN A 264 -17.38 0.22 26.97
C GLN A 264 -18.31 -1.01 27.00
N LEU A 265 -18.95 -1.24 28.13
CA LEU A 265 -19.88 -2.35 28.30
C LEU A 265 -21.24 -1.84 28.78
N ARG A 266 -22.24 -2.63 28.47
CA ARG A 266 -23.62 -2.32 28.89
C ARG A 266 -24.28 -3.59 29.42
N LYS A 267 -25.27 -3.44 30.27
CA LYS A 267 -26.00 -4.60 30.80
C LYS A 267 -27.00 -5.09 29.77
N ARG A 268 -27.02 -6.40 29.60
CA ARG A 268 -27.92 -7.08 28.64
C ARG A 268 -28.63 -8.23 29.36
N ARG A 269 -29.96 -8.30 29.25
CA ARG A 269 -30.71 -9.43 29.85
C ARG A 269 -30.61 -10.62 28.90
N VAL A 270 -30.40 -11.79 29.47
CA VAL A 270 -30.39 -13.05 28.70
C VAL A 270 -31.24 -14.09 29.43
N LYS A 271 -31.63 -15.11 28.69
CA LYS A 271 -32.21 -16.34 29.25
C LYS A 271 -31.26 -17.49 28.90
N ASN A 272 -30.63 -18.10 29.91
CA ASN A 272 -29.74 -19.29 29.70
C ASN A 272 -30.09 -20.35 30.75
N VAL B 7 -17.92 19.29 33.78
CA VAL B 7 -18.29 20.37 32.79
C VAL B 7 -19.54 19.94 32.02
N GLU B 8 -20.62 20.71 32.10
CA GLU B 8 -21.86 20.51 31.30
C GLU B 8 -21.73 21.32 30.00
N VAL B 9 -21.83 20.67 28.84
CA VAL B 9 -21.66 21.32 27.52
C VAL B 9 -23.06 21.63 27.00
N LEU B 10 -23.34 22.91 26.76
CA LEU B 10 -24.68 23.37 26.34
C LEU B 10 -24.58 23.87 24.90
N GLU B 11 -25.32 24.90 24.53
CA GLU B 11 -25.42 25.26 23.12
C GLU B 11 -24.23 25.97 22.48
N VAL B 12 -24.13 25.75 21.19
CA VAL B 12 -23.19 26.53 20.35
C VAL B 12 -23.79 27.93 20.15
N LYS B 13 -22.97 28.96 20.32
CA LYS B 13 -23.38 30.35 19.96
C LYS B 13 -23.35 30.49 18.43
N THR B 14 -24.28 31.25 17.85
CA THR B 14 -24.30 31.53 16.40
C THR B 14 -24.15 33.04 16.20
N GLY B 15 -24.12 33.46 14.94
CA GLY B 15 -23.82 34.85 14.56
C GLY B 15 -22.37 35.00 14.14
N ASP B 17 -19.98 36.84 15.09
CA ASP B 17 -19.03 37.06 16.22
C ASP B 17 -18.67 35.73 16.89
N SER B 18 -19.33 34.63 16.51
CA SER B 18 -19.31 33.36 17.27
C SER B 18 -18.17 32.47 16.77
N ILE B 19 -17.44 32.86 15.72
CA ILE B 19 -16.41 31.99 15.11
C ILE B 19 -15.06 32.73 15.04
N THR B 20 -13.99 31.97 15.14
CA THR B 20 -12.62 32.49 14.92
C THR B 20 -11.77 31.41 14.26
N GLU B 21 -10.66 31.81 13.68
CA GLU B 21 -9.73 30.89 12.98
C GLU B 21 -8.35 31.13 13.57
N VAL B 22 -7.60 30.06 13.76
CA VAL B 22 -6.15 30.12 14.10
C VAL B 22 -5.42 29.53 12.89
N GLU B 23 -4.40 30.23 12.43
CA GLU B 23 -3.55 29.76 11.33
C GLU B 23 -2.12 29.99 11.79
N CYS B 24 -1.30 28.94 11.72
CA CYS B 24 0.14 29.15 12.02
CA CYS B 24 0.05 28.87 12.39
C CYS B 24 0.94 27.97 11.52
N PHE B 25 2.23 28.10 11.66
N PHE B 25 2.25 28.22 11.50
CA PHE B 25 3.14 26.97 11.40
CA PHE B 25 3.31 27.23 11.18
C PHE B 25 3.92 26.74 12.68
C PHE B 25 4.00 26.87 12.50
N LEU B 26 4.24 25.48 12.83
N LEU B 26 4.15 25.56 12.80
CA LEU B 26 5.06 24.97 13.93
CA LEU B 26 5.05 25.08 13.89
C LEU B 26 6.37 24.50 13.30
C LEU B 26 6.35 24.58 13.25
N THR B 27 7.47 25.14 13.65
CA THR B 27 8.78 24.73 13.15
C THR B 27 9.21 23.45 13.85
N PRO B 28 10.01 22.62 13.16
CA PRO B 28 10.49 21.39 13.74
C PRO B 28 11.64 21.67 14.71
N GLU B 29 11.82 20.75 15.65
CA GLU B 29 12.89 20.83 16.65
C GLU B 29 13.73 19.55 16.58
N MET B 30 14.64 19.52 15.61
CA MET B 30 15.43 18.30 15.32
C MET B 30 16.75 18.26 16.10
N GLY B 31 17.17 19.38 16.68
CA GLY B 31 18.41 19.43 17.48
C GLY B 31 19.27 20.63 17.17
N ASP B 32 19.30 21.06 15.90
CA ASP B 32 19.93 22.34 15.47
C ASP B 32 21.36 22.44 15.99
N PRO B 33 22.25 21.57 15.51
CA PRO B 33 23.59 21.44 16.11
C PRO B 33 24.54 22.63 15.89
N ASP B 34 24.26 23.47 14.90
CA ASP B 34 24.99 24.74 14.80
C ASP B 34 24.12 25.76 14.08
N GLU B 35 24.69 26.94 13.85
CA GLU B 35 23.94 28.12 13.35
C GLU B 35 23.55 27.94 11.88
N HIS B 36 23.98 26.87 11.23
CA HIS B 36 23.68 26.65 9.80
C HIS B 36 22.70 25.48 9.63
N LEU B 37 22.28 24.82 10.72
CA LEU B 37 21.67 23.49 10.60
C LEU B 37 20.31 23.42 11.29
N ARG B 38 19.58 24.53 11.25
CA ARG B 38 18.16 24.49 11.63
C ARG B 38 17.43 23.46 10.78
N GLY B 39 16.63 22.62 11.43
CA GLY B 39 15.89 21.56 10.76
C GLY B 39 16.61 20.23 10.70
N PHE B 40 17.86 20.19 11.13
CA PHE B 40 18.67 18.95 11.16
C PHE B 40 19.04 18.63 12.61
N SER B 41 19.30 17.36 12.86
CA SER B 41 19.99 16.97 14.11
C SER B 41 21.51 16.94 13.90
N LYS B 42 22.24 16.83 15.01
N LYS B 42 22.22 16.81 15.02
CA LYS B 42 23.65 16.38 15.01
CA LYS B 42 23.62 16.34 15.00
C LYS B 42 23.71 15.00 14.34
C LYS B 42 23.68 14.98 14.29
N SER B 43 24.80 14.67 13.67
CA SER B 43 24.91 13.30 13.13
CA SER B 43 25.02 13.30 13.14
C SER B 43 24.86 12.28 14.27
N ILE B 44 24.32 11.13 13.92
N ILE B 44 24.39 11.09 13.93
CA ILE B 44 24.06 10.01 14.85
CA ILE B 44 23.99 10.09 14.96
C ILE B 44 25.37 9.32 15.17
C ILE B 44 25.17 9.16 15.25
N SER B 45 25.59 9.08 16.45
N SER B 45 25.55 9.09 16.53
CA SER B 45 26.60 8.12 16.92
CA SER B 45 26.61 8.21 17.06
C SER B 45 25.86 7.01 17.69
C SER B 45 25.95 7.09 17.88
N ILE B 46 26.53 5.90 17.84
CA ILE B 46 25.92 4.69 18.43
C ILE B 46 26.76 4.25 19.61
N SER B 47 26.15 4.04 20.77
CA SER B 47 26.90 3.50 21.93
C SER B 47 27.27 2.03 21.68
N ASP B 48 28.27 1.55 22.42
CA ASP B 48 28.74 0.14 22.32
C ASP B 48 28.00 -0.77 23.30
N THR B 49 27.22 -0.20 24.22
CA THR B 49 26.43 -0.95 25.19
C THR B 49 25.14 -0.19 25.45
N PHE B 50 24.14 -0.87 25.99
CA PHE B 50 22.95 -0.13 26.46
C PHE B 50 23.32 0.78 27.63
N GLU B 51 24.20 0.34 28.52
CA GLU B 51 24.49 1.16 29.73
C GLU B 51 25.22 2.44 29.38
N SER B 52 25.88 2.53 28.22
CA SER B 52 26.65 3.72 27.82
C SER B 52 25.88 4.59 26.82
N ASP B 53 24.60 4.31 26.56
CA ASP B 53 23.81 5.17 25.66
C ASP B 53 23.63 6.55 26.32
N SER B 54 24.17 7.58 25.68
N SER B 54 24.12 7.58 25.65
N SER B 54 24.23 7.57 25.71
CA SER B 54 24.23 8.96 26.24
CA SER B 54 24.20 8.94 26.25
CA SER B 54 24.27 8.96 26.23
C SER B 54 24.06 9.97 25.11
C SER B 54 24.04 10.00 25.17
C SER B 54 24.09 9.92 25.05
N PRO B 55 22.87 10.06 24.50
CA PRO B 55 22.68 10.94 23.35
C PRO B 55 22.84 12.41 23.74
N ASN B 56 23.55 13.14 22.90
CA ASN B 56 23.68 14.60 23.08
C ASN B 56 22.33 15.25 22.78
N ARG B 57 22.09 16.39 23.42
CA ARG B 57 20.82 17.12 23.25
C ARG B 57 20.57 17.44 21.77
N ASP B 58 21.60 17.87 21.05
CA ASP B 58 21.43 18.30 19.65
C ASP B 58 21.24 17.11 18.71
N MET B 59 21.32 15.87 19.21
CA MET B 59 21.10 14.66 18.42
C MET B 59 19.66 14.15 18.61
N LEU B 60 18.86 14.80 19.45
CA LEU B 60 17.53 14.29 19.81
C LEU B 60 16.42 15.20 19.30
N PRO B 61 15.64 14.75 18.30
CA PRO B 61 14.43 15.47 17.95
C PRO B 61 13.51 15.54 19.16
N CYS B 62 12.82 16.67 19.25
CA CYS B 62 11.85 16.93 20.33
C CYS B 62 10.48 17.25 19.75
N TYR B 63 9.44 17.09 20.56
CA TYR B 63 8.09 17.54 20.20
C TYR B 63 8.09 19.08 20.04
N SER B 64 7.35 19.56 19.06
CA SER B 64 7.01 20.99 18.91
C SER B 64 5.67 21.25 19.59
N VAL B 65 5.55 22.44 20.18
CA VAL B 65 4.27 22.88 20.77
C VAL B 65 4.16 24.38 20.62
N ALA B 66 2.93 24.82 20.39
CA ALA B 66 2.57 26.25 20.48
C ALA B 66 1.28 26.35 21.30
N ARG B 67 1.29 27.26 22.26
N ARG B 67 1.26 27.35 22.17
CA ARG B 67 0.13 27.63 23.11
CA ARG B 67 0.04 27.84 22.87
C ARG B 67 -0.37 28.98 22.58
C ARG B 67 -0.37 29.13 22.16
N ILE B 68 -1.54 28.98 21.95
N ILE B 68 -1.57 29.15 21.60
CA ILE B 68 -2.07 30.12 21.18
CA ILE B 68 -2.09 30.29 20.80
C ILE B 68 -3.18 30.78 21.99
C ILE B 68 -3.23 30.91 21.58
N PRO B 69 -2.99 32.03 22.45
N PRO B 69 -3.02 32.12 22.14
CA PRO B 69 -4.11 32.82 22.97
CA PRO B 69 -4.07 32.78 22.91
C PRO B 69 -5.18 33.06 21.88
C PRO B 69 -5.18 33.19 21.93
N LEU B 70 -6.43 32.91 22.34
CA LEU B 70 -7.65 33.20 21.53
C LEU B 70 -8.29 34.45 22.08
N PRO B 71 -9.30 35.03 21.38
CA PRO B 71 -9.98 36.22 21.87
C PRO B 71 -10.57 35.95 23.26
N ASN B 72 -10.32 36.86 24.20
CA ASN B 72 -10.72 36.66 25.62
C ASN B 72 -12.24 36.58 25.70
N LEU B 73 -12.76 35.57 26.38
CA LEU B 73 -14.22 35.40 26.58
C LEU B 73 -14.55 35.70 28.06
N ASN B 74 -15.81 36.04 28.34
CA ASN B 74 -16.29 36.17 29.74
C ASN B 74 -15.62 37.31 30.51
N GLU B 75 -15.11 38.33 29.82
CA GLU B 75 -14.37 39.42 30.51
C GLU B 75 -13.36 38.81 31.50
N ASN B 81 -21.29 29.68 34.44
CA ASN B 81 -22.02 29.63 33.15
C ASN B 81 -21.19 30.51 32.21
N ILE B 82 -20.26 29.89 31.46
CA ILE B 82 -19.33 30.71 30.65
C ILE B 82 -19.27 30.23 29.22
N LEU B 83 -18.61 31.03 28.37
CA LEU B 83 -18.33 30.59 27.00
C LEU B 83 -16.90 30.06 26.93
N MET B 84 -16.71 29.05 26.11
CA MET B 84 -15.37 28.55 25.75
C MET B 84 -15.28 28.43 24.24
N TRP B 85 -14.08 28.64 23.71
CA TRP B 85 -13.79 28.31 22.30
C TRP B 85 -13.70 26.79 22.15
N GLU B 86 -14.37 26.30 21.13
CA GLU B 86 -14.45 24.87 20.79
C GLU B 86 -13.78 24.68 19.43
N ALA B 87 -12.73 23.87 19.38
CA ALA B 87 -12.04 23.56 18.11
C ALA B 87 -12.87 22.54 17.33
N VAL B 88 -13.24 22.88 16.10
CA VAL B 88 -14.20 22.08 15.30
C VAL B 88 -13.51 21.39 14.13
N THR B 89 -12.65 22.10 13.40
CA THR B 89 -12.00 21.54 12.19
C THR B 89 -10.52 21.90 12.17
N LEU B 90 -9.78 21.05 11.48
CA LEU B 90 -8.34 21.22 11.24
C LEU B 90 -8.04 20.99 9.76
N LYS B 91 -7.22 21.88 9.20
CA LYS B 91 -6.45 21.61 7.97
C LYS B 91 -4.99 21.61 8.37
N THR B 92 -4.22 20.66 7.86
CA THR B 92 -2.79 20.58 8.21
C THR B 92 -2.02 19.98 7.06
N GLU B 93 -0.78 20.39 6.89
N GLU B 93 -0.74 20.36 7.03
CA GLU B 93 0.14 19.59 6.06
CA GLU B 93 0.15 20.18 5.86
C GLU B 93 1.55 20.01 6.42
C GLU B 93 1.62 20.19 6.32
N VAL B 94 2.44 19.23 5.88
CA VAL B 94 3.89 19.41 6.04
C VAL B 94 4.35 20.43 5.00
N ILE B 95 5.09 21.44 5.44
N ILE B 95 5.18 21.38 5.41
CA ILE B 95 5.55 22.57 4.59
CA ILE B 95 5.54 22.54 4.58
C ILE B 95 6.98 22.31 4.12
C ILE B 95 7.00 22.43 4.11
N GLY B 96 7.18 22.38 2.80
CA GLY B 96 8.52 22.27 2.22
C GLY B 96 8.85 20.86 1.77
N VAL B 97 7.89 20.05 1.38
CA VAL B 97 8.16 18.64 1.03
C VAL B 97 9.15 18.58 -0.14
N THR B 98 9.09 19.52 -1.06
CA THR B 98 9.94 19.45 -2.26
C THR B 98 11.43 19.69 -1.93
N SER B 99 11.73 20.24 -0.77
CA SER B 99 13.15 20.47 -0.41
C SER B 99 13.91 19.15 -0.38
N LEU B 100 13.20 18.06 -0.16
CA LEU B 100 13.81 16.72 -0.09
C LEU B 100 14.26 16.26 -1.48
N MET B 101 14.00 17.02 -2.53
CA MET B 101 14.52 16.71 -3.87
C MET B 101 15.94 17.27 -4.08
N ASN B 102 16.49 17.96 -3.09
CA ASN B 102 17.90 18.39 -3.19
C ASN B 102 18.81 17.17 -2.96
N VAL B 103 19.27 16.58 -4.06
CA VAL B 103 20.14 15.38 -4.08
C VAL B 103 21.54 15.75 -4.57
N HIS B 104 21.91 17.02 -4.44
CA HIS B 104 23.18 17.55 -4.97
C HIS B 104 24.05 18.23 -3.90
N SER B 105 23.63 18.28 -2.65
CA SER B 105 24.34 19.07 -1.61
C SER B 105 25.24 18.16 -0.74
N ASN B 106 26.35 17.70 -1.32
CA ASN B 106 27.40 16.92 -0.61
C ASN B 106 26.80 15.74 0.14
N GLY B 107 25.88 15.05 -0.51
CA GLY B 107 25.39 13.75 -0.02
C GLY B 107 26.28 12.62 -0.48
N GLN B 108 25.78 11.41 -0.26
N GLN B 108 25.78 11.41 -0.27
CA GLN B 108 26.49 10.13 -0.57
CA GLN B 108 26.10 10.01 -0.55
CA GLN B 108 26.50 10.23 -0.55
CA GLN B 108 26.49 10.13 -0.55
C GLN B 108 25.93 9.57 -1.88
C GLN B 108 25.94 9.57 -1.87
N ALA B 109 26.76 9.54 -2.92
CA ALA B 109 26.35 9.02 -4.23
C ALA B 109 25.78 7.63 -4.02
N THR B 110 24.67 7.33 -4.66
CA THR B 110 24.06 5.99 -4.45
C THR B 110 24.88 4.91 -5.18
N HIS B 111 25.66 5.30 -6.19
CA HIS B 111 26.59 4.43 -6.95
C HIS B 111 27.55 5.37 -7.68
N ASP B 112 28.58 4.83 -8.30
N ASP B 112 28.58 4.83 -8.30
CA ASP B 112 29.59 5.67 -8.99
CA ASP B 112 29.60 5.66 -9.00
C ASP B 112 28.90 6.55 -10.03
C ASP B 112 28.90 6.55 -10.03
N ASN B 113 29.16 7.85 -9.93
CA ASN B 113 28.66 8.88 -10.86
C ASN B 113 27.19 9.18 -10.60
N GLY B 114 26.55 8.58 -9.60
CA GLY B 114 25.13 8.82 -9.36
C GLY B 114 24.83 10.06 -8.54
N ALA B 115 23.55 10.34 -8.42
CA ALA B 115 23.04 11.40 -7.56
C ALA B 115 23.15 11.02 -6.09
N GLY B 116 22.99 11.99 -5.21
CA GLY B 116 23.04 11.74 -3.77
C GLY B 116 21.83 10.95 -3.28
N LYS B 117 22.05 10.14 -2.26
CA LYS B 117 20.95 9.40 -1.60
C LYS B 117 19.97 10.44 -1.03
N PRO B 118 18.66 10.34 -1.34
CA PRO B 118 17.70 11.28 -0.80
C PRO B 118 17.43 10.99 0.67
N VAL B 119 16.88 11.98 1.34
CA VAL B 119 16.37 11.80 2.71
C VAL B 119 15.42 10.60 2.73
N GLN B 120 15.64 9.71 3.67
CA GLN B 120 14.86 8.47 3.80
C GLN B 120 15.13 7.84 5.16
N GLY B 121 14.39 6.82 5.48
CA GLY B 121 14.56 6.15 6.77
C GLY B 121 13.45 6.49 7.75
N THR B 122 13.62 6.12 8.98
CA THR B 122 12.57 6.19 10.00
C THR B 122 11.95 7.58 10.00
N SER B 123 10.61 7.61 10.04
CA SER B 123 9.87 8.86 10.11
C SER B 123 8.84 8.80 11.23
N PHE B 124 8.53 9.98 11.77
CA PHE B 124 7.40 10.12 12.71
C PHE B 124 6.69 11.41 12.35
N HIS B 125 5.42 11.26 11.95
CA HIS B 125 4.57 12.38 11.56
C HIS B 125 3.38 12.37 12.51
N PHE B 126 3.27 13.46 13.27
CA PHE B 126 2.34 13.55 14.40
C PHE B 126 1.80 14.95 14.50
N PHE B 127 0.52 15.05 14.83
CA PHE B 127 -0.05 16.37 15.15
C PHE B 127 -1.20 16.19 16.13
N SER B 128 -1.44 17.24 16.90
CA SER B 128 -2.56 17.24 17.85
C SER B 128 -3.09 18.66 18.01
N VAL B 129 -4.37 18.70 18.34
CA VAL B 129 -5.08 19.96 18.65
C VAL B 129 -5.84 19.74 19.95
N GLY B 130 -5.63 20.61 20.93
CA GLY B 130 -6.32 20.43 22.21
C GLY B 130 -6.60 21.75 22.89
N GLY B 131 -7.45 21.65 23.90
CA GLY B 131 -7.81 22.81 24.73
C GLY B 131 -6.96 22.95 25.98
N GLU B 132 -5.85 22.22 26.01
CA GLU B 132 -4.88 22.16 27.12
C GLU B 132 -3.67 21.40 26.58
N ALA B 133 -2.57 21.40 27.33
CA ALA B 133 -1.35 20.72 26.87
C ALA B 133 -1.61 19.23 26.61
N LEU B 134 -0.94 18.73 25.58
CA LEU B 134 -0.95 17.30 25.31
C LEU B 134 -0.39 16.55 26.52
N GLU B 135 -1.05 15.50 26.93
CA GLU B 135 -0.61 14.66 28.06
C GLU B 135 0.25 13.53 27.51
N LEU B 136 1.42 13.35 28.12
CA LEU B 136 2.45 12.38 27.66
C LEU B 136 2.61 11.25 28.66
N GLN B 137 2.92 10.08 28.10
CA GLN B 137 3.37 8.89 28.83
C GLN B 137 4.79 8.56 28.31
N GLY B 138 5.70 8.31 29.23
CA GLY B 138 7.07 7.93 28.85
C GLY B 138 7.19 6.45 28.60
N VAL B 139 7.91 6.09 27.54
CA VAL B 139 8.28 4.70 27.24
C VAL B 139 9.69 4.80 26.66
N LEU B 140 10.60 3.98 27.22
CA LEU B 140 12.02 4.03 26.84
C LEU B 140 12.39 2.79 26.04
N PHE B 141 13.16 3.00 24.96
CA PHE B 141 13.75 1.84 24.25
C PHE B 141 14.67 1.07 25.21
N ASN B 142 15.46 1.82 25.96
CA ASN B 142 16.54 1.34 26.85
C ASN B 142 16.46 2.19 28.12
N TYR B 143 16.10 1.59 29.25
CA TYR B 143 15.88 2.38 30.47
C TYR B 143 17.16 2.99 30.98
N ARG B 144 18.31 2.50 30.53
CA ARG B 144 19.62 3.01 31.03
C ARG B 144 20.15 4.13 30.14
N THR B 145 19.41 4.55 29.11
CA THR B 145 19.80 5.74 28.35
C THR B 145 19.95 6.94 29.30
N LYS B 146 21.04 7.67 29.18
CA LYS B 146 21.27 8.92 29.95
C LYS B 146 20.83 10.06 29.06
N TYR B 147 19.68 10.63 29.38
CA TYR B 147 19.16 11.78 28.60
C TYR B 147 19.86 13.04 29.09
N PRO B 148 20.09 13.98 28.14
CA PRO B 148 20.95 15.11 28.43
C PRO B 148 20.30 16.30 29.15
N ASP B 149 21.14 17.07 29.81
CA ASP B 149 20.72 18.35 30.42
C ASP B 149 20.02 19.19 29.34
N GLY B 150 18.94 19.86 29.74
CA GLY B 150 18.12 20.72 28.86
C GLY B 150 16.97 19.96 28.23
N THR B 151 16.90 18.65 28.39
CA THR B 151 15.71 17.88 27.98
C THR B 151 14.90 17.51 29.22
N ILE B 152 13.64 17.19 28.99
CA ILE B 152 12.71 16.70 30.03
C ILE B 152 12.35 15.28 29.64
N PHE B 153 12.68 14.34 30.51
CA PHE B 153 12.68 12.91 30.15
C PHE B 153 12.13 12.13 31.33
N PRO B 154 11.79 10.85 31.11
CA PRO B 154 11.27 10.02 32.19
C PRO B 154 12.33 9.85 33.29
N LYS B 155 11.92 10.19 34.50
CA LYS B 155 12.79 10.16 35.70
C LYS B 155 12.54 8.89 36.50
N ASN B 156 13.55 8.50 37.29
CA ASN B 156 13.47 7.28 38.13
C ASN B 156 13.16 6.10 37.21
N ALA B 157 13.76 6.06 36.03
CA ALA B 157 13.48 4.96 35.11
C ALA B 157 13.91 3.63 35.74
N THR B 158 13.16 2.59 35.42
CA THR B 158 13.44 1.20 35.82
C THR B 158 13.34 0.35 34.57
N VAL B 159 13.66 -0.93 34.66
CA VAL B 159 13.53 -1.80 33.47
C VAL B 159 12.07 -1.82 33.01
N GLN B 160 11.12 -1.68 33.93
N GLN B 160 11.13 -1.69 33.95
CA GLN B 160 9.70 -1.70 33.50
CA GLN B 160 9.68 -1.66 33.62
C GLN B 160 9.38 -0.50 32.62
C GLN B 160 9.36 -0.49 32.67
N SER B 161 10.18 0.56 32.68
CA SER B 161 10.01 1.73 31.79
C SER B 161 10.16 1.36 30.32
N GLN B 162 10.80 0.22 30.02
CA GLN B 162 10.92 -0.26 28.63
C GLN B 162 9.58 -0.76 28.08
N VAL B 163 8.59 -1.00 28.94
CA VAL B 163 7.26 -1.46 28.45
C VAL B 163 6.11 -0.58 28.97
N MET B 164 6.07 -0.28 30.26
N MET B 164 6.07 -0.29 30.26
CA MET B 164 5.06 0.66 30.80
CA MET B 164 5.04 0.63 30.82
C MET B 164 5.37 0.90 32.28
C MET B 164 5.36 0.87 32.29
N ASN B 165 5.70 2.12 32.60
CA ASN B 165 5.89 2.58 33.99
C ASN B 165 4.98 3.79 34.15
N THR B 166 3.91 3.63 34.92
CA THR B 166 2.90 4.69 35.07
C THR B 166 3.41 5.92 35.82
N GLU B 167 4.62 5.88 36.39
N GLU B 167 4.62 5.88 36.39
CA GLU B 167 5.20 7.10 36.99
CA GLU B 167 5.21 7.11 36.98
C GLU B 167 5.48 8.16 35.91
C GLU B 167 5.45 8.16 35.90
N HIS B 168 5.73 7.76 34.66
CA HIS B 168 6.24 8.70 33.63
C HIS B 168 5.08 9.43 32.94
N LYS B 169 4.51 10.38 33.68
CA LYS B 169 3.43 11.25 33.19
C LYS B 169 3.97 12.67 33.08
N ALA B 170 3.66 13.33 31.98
CA ALA B 170 4.08 14.73 31.80
C ALA B 170 3.09 15.46 30.91
N TYR B 171 3.29 16.75 30.83
CA TYR B 171 2.55 17.65 29.91
C TYR B 171 3.53 18.15 28.87
N LEU B 172 3.12 18.23 27.61
CA LEU B 172 3.96 18.87 26.57
C LEU B 172 3.77 20.37 26.73
N ASP B 173 4.58 20.95 27.60
CA ASP B 173 4.38 22.32 28.13
C ASP B 173 5.61 23.20 27.85
N LYS B 174 6.52 22.73 27.00
CA LYS B 174 7.78 23.43 26.69
C LYS B 174 8.25 22.96 25.32
N ASN B 175 8.62 23.91 24.48
CA ASN B 175 9.14 23.60 23.13
C ASN B 175 10.62 23.18 23.28
N LYS B 176 11.07 22.32 22.39
N LYS B 176 11.07 22.34 22.35
CA LYS B 176 12.49 21.92 22.25
CA LYS B 176 12.46 21.84 22.19
C LYS B 176 13.01 21.29 23.56
C LYS B 176 12.97 21.32 23.55
N ALA B 177 12.16 20.52 24.22
CA ALA B 177 12.47 19.98 25.55
C ALA B 177 12.16 18.47 25.67
N TYR B 178 11.05 18.00 25.11
CA TYR B 178 10.56 16.63 25.32
C TYR B 178 11.02 15.79 24.15
N PRO B 179 12.01 14.88 24.33
CA PRO B 179 12.51 14.14 23.18
C PRO B 179 11.40 13.23 22.62
N VAL B 180 11.36 13.15 21.30
CA VAL B 180 10.36 12.29 20.62
C VAL B 180 10.50 10.85 21.11
N GLU B 181 11.75 10.37 21.23
CA GLU B 181 11.95 8.92 21.43
C GLU B 181 11.52 8.43 22.81
N CYS B 182 11.29 9.29 23.80
N CYS B 182 11.31 9.36 23.75
CA CYS B 182 10.94 8.77 25.14
CA CYS B 182 11.00 9.11 25.19
C CYS B 182 9.54 9.20 25.56
C CYS B 182 9.51 9.09 25.47
N TRP B 183 8.73 9.81 24.69
CA TRP B 183 7.36 10.22 25.06
C TRP B 183 6.39 9.90 23.94
N VAL B 184 5.19 9.49 24.36
CA VAL B 184 4.05 9.38 23.42
C VAL B 184 2.85 10.04 24.07
N PRO B 185 1.81 10.38 23.27
CA PRO B 185 0.54 10.74 23.86
C PRO B 185 0.06 9.65 24.83
N ASP B 186 -0.43 10.09 25.99
CA ASP B 186 -0.97 9.18 27.01
C ASP B 186 -2.39 8.80 26.62
N PRO B 187 -2.67 7.55 26.21
CA PRO B 187 -4.04 7.19 25.81
C PRO B 187 -5.03 7.11 26.97
N THR B 188 -4.54 7.12 28.22
CA THR B 188 -5.41 7.10 29.42
C THR B 188 -5.90 8.50 29.76
N ARG B 189 -5.32 9.50 29.11
CA ARG B 189 -5.75 10.92 29.32
CA ARG B 189 -5.74 10.93 29.35
C ARG B 189 -6.16 11.55 27.96
N ASN B 190 -5.83 12.83 27.79
CA ASN B 190 -6.11 13.50 26.49
C ASN B 190 -7.60 13.48 26.12
N GLU B 191 -8.51 13.55 27.09
CA GLU B 191 -9.97 13.68 26.78
C GLU B 191 -10.24 14.95 25.97
N ASN B 192 -9.43 15.98 26.16
CA ASN B 192 -9.68 17.34 25.63
C ASN B 192 -8.71 17.68 24.50
N THR B 193 -8.12 16.64 23.90
CA THR B 193 -7.20 16.76 22.75
C THR B 193 -7.58 15.73 21.70
N ARG B 194 -7.33 16.03 20.45
CA ARG B 194 -7.38 15.04 19.35
C ARG B 194 -5.97 14.89 18.80
N TYR B 195 -5.45 13.67 18.78
CA TYR B 195 -4.06 13.44 18.30
C TYR B 195 -4.05 12.35 17.26
N PHE B 196 -3.02 12.44 16.41
CA PHE B 196 -2.85 11.55 15.23
C PHE B 196 -1.35 11.41 14.96
N GLY B 197 -0.87 10.18 14.83
CA GLY B 197 0.53 10.01 14.44
C GLY B 197 0.79 8.68 13.79
N THR B 198 1.89 8.67 13.02
CA THR B 198 2.37 7.46 12.35
C THR B 198 3.88 7.38 12.46
N LEU B 199 4.34 6.24 12.97
N LEU B 199 4.36 6.25 12.96
CA LEU B 199 5.78 5.92 12.96
CA LEU B 199 5.79 5.86 13.01
C LEU B 199 6.01 4.89 11.86
C LEU B 199 6.03 4.86 11.88
N THR B 200 6.91 5.19 10.93
CA THR B 200 7.30 4.26 9.86
C THR B 200 8.79 3.99 10.06
N GLY B 201 9.14 2.75 10.40
CA GLY B 201 10.53 2.42 10.80
C GLY B 201 11.35 1.68 9.76
N GLY B 202 12.60 2.03 9.59
CA GLY B 202 13.50 1.32 8.67
C GLY B 202 14.41 2.29 7.97
N GLU B 203 15.67 1.91 7.73
CA GLU B 203 16.67 2.84 7.18
C GLU B 203 16.38 3.16 5.73
N ASN B 204 15.59 2.33 5.03
CA ASN B 204 15.35 2.56 3.59
C ASN B 204 13.91 3.02 3.32
N VAL B 205 13.13 3.32 4.35
CA VAL B 205 11.72 3.77 4.17
C VAL B 205 11.71 5.04 3.33
N PRO B 206 10.89 5.10 2.27
N PRO B 206 11.00 5.06 2.18
CA PRO B 206 10.82 6.30 1.45
CA PRO B 206 10.82 6.31 1.44
C PRO B 206 9.83 7.28 2.05
C PRO B 206 9.84 7.28 2.10
N PRO B 207 10.15 8.59 2.17
CA PRO B 207 9.13 9.55 2.54
C PRO B 207 7.98 9.51 1.52
N VAL B 208 6.77 9.52 2.03
CA VAL B 208 5.53 9.67 1.21
C VAL B 208 4.72 10.80 1.83
N LEU B 209 4.79 11.95 1.19
CA LEU B 209 4.27 13.21 1.78
C LEU B 209 3.24 13.76 0.80
N HIS B 210 2.01 13.87 1.27
CA HIS B 210 0.88 14.39 0.47
C HIS B 210 0.59 15.82 0.91
N ILE B 211 0.29 16.69 -0.06
CA ILE B 211 -0.12 18.07 0.21
C ILE B 211 -1.41 18.33 -0.55
N THR B 212 -2.32 19.05 0.09
CA THR B 212 -3.54 19.52 -0.57
C THR B 212 -4.20 20.53 0.36
N ASN B 213 -4.88 21.48 -0.23
CA ASN B 213 -5.71 22.45 0.53
C ASN B 213 -7.20 22.06 0.52
N THR B 214 -7.50 20.82 0.18
CA THR B 214 -8.90 20.37 0.02
C THR B 214 -9.34 19.41 1.11
N ALA B 215 -8.48 19.09 2.08
CA ALA B 215 -8.71 18.05 3.10
C ALA B 215 -8.92 18.69 4.46
N THR B 216 -9.98 18.32 5.13
CA THR B 216 -10.33 18.83 6.47
C THR B 216 -10.56 17.64 7.40
N THR B 217 -10.01 17.72 8.60
CA THR B 217 -10.27 16.77 9.70
C THR B 217 -11.28 17.40 10.67
N VAL B 218 -12.34 16.67 10.99
CA VAL B 218 -13.34 17.15 11.99
C VAL B 218 -12.82 16.72 13.36
N LEU B 219 -12.84 17.63 14.33
CA LEU B 219 -12.28 17.42 15.68
C LEU B 219 -13.35 17.08 16.72
N LEU B 220 -14.61 17.01 16.30
CA LEU B 220 -15.69 16.67 17.24
C LEU B 220 -15.54 15.19 17.63
N ASP B 221 -15.85 14.89 18.88
CA ASP B 221 -15.92 13.51 19.38
C ASP B 221 -17.29 12.92 19.02
N GLU B 222 -17.57 11.71 19.51
CA GLU B 222 -18.81 10.94 19.15
C GLU B 222 -20.04 11.66 19.73
N PHE B 223 -19.85 12.64 20.62
CA PHE B 223 -20.96 13.40 21.23
C PHE B 223 -21.12 14.77 20.55
N GLY B 224 -20.32 15.04 19.51
CA GLY B 224 -20.39 16.30 18.75
C GLY B 224 -19.63 17.42 19.44
N VAL B 225 -18.68 17.10 20.31
CA VAL B 225 -17.96 18.14 21.11
C VAL B 225 -16.48 18.11 20.72
N GLY B 226 -15.94 19.27 20.37
CA GLY B 226 -14.51 19.42 20.08
C GLY B 226 -13.74 19.77 21.33
N PRO B 227 -12.40 19.84 21.23
CA PRO B 227 -11.59 20.38 22.32
C PRO B 227 -12.11 21.76 22.77
N LEU B 228 -12.18 21.95 24.08
CA LEU B 228 -12.65 23.20 24.71
C LEU B 228 -11.46 23.92 25.34
N CYS B 229 -11.24 25.17 24.96
CA CYS B 229 -9.94 25.83 25.19
C CYS B 229 -9.93 26.46 26.59
N LYS B 230 -9.28 25.80 27.52
CA LYS B 230 -9.18 26.31 28.91
C LYS B 230 -8.34 27.60 28.93
N GLY B 231 -8.84 28.62 29.62
CA GLY B 231 -8.16 29.92 29.68
C GLY B 231 -8.10 30.59 28.32
N ASP B 232 -8.92 30.16 27.36
CA ASP B 232 -8.92 30.72 25.98
C ASP B 232 -7.55 30.50 25.33
N ASN B 233 -6.97 29.33 25.55
CA ASN B 233 -5.70 28.92 24.91
C ASN B 233 -5.94 27.67 24.07
N LEU B 234 -5.42 27.70 22.85
CA LEU B 234 -5.41 26.52 21.95
C LEU B 234 -3.99 25.95 21.92
N TYR B 235 -3.86 24.63 22.08
N TYR B 235 -3.87 24.62 22.04
CA TYR B 235 -2.55 23.94 22.06
CA TYR B 235 -2.57 23.93 22.07
C TYR B 235 -2.42 23.15 20.77
C TYR B 235 -2.41 23.13 20.78
N LEU B 236 -1.37 23.46 20.02
CA LEU B 236 -1.01 22.74 18.79
C LEU B 236 0.31 22.04 19.05
N SER B 237 0.39 20.77 18.69
CA SER B 237 1.64 20.00 18.89
C SER B 237 1.95 19.26 17.60
N ALA B 238 3.24 19.01 17.35
CA ALA B 238 3.63 18.33 16.10
C ALA B 238 5.00 17.68 16.23
N VAL B 239 5.17 16.64 15.43
CA VAL B 239 6.51 16.11 15.09
C VAL B 239 6.47 15.75 13.61
N ASP B 240 7.49 16.15 12.86
CA ASP B 240 7.61 15.76 11.45
C ASP B 240 9.07 15.45 11.17
N VAL B 241 9.52 14.35 11.75
CA VAL B 241 10.82 13.74 11.42
C VAL B 241 10.61 13.04 10.10
N CYS B 242 11.24 13.52 9.04
CA CYS B 242 10.95 13.02 7.69
C CYS B 242 11.80 11.82 7.32
N GLY B 243 12.90 11.63 8.04
CA GLY B 243 13.89 10.61 7.75
C GLY B 243 15.25 11.19 8.09
N MET B 244 16.29 10.61 7.50
N MET B 244 16.27 10.61 7.47
CA MET B 244 17.68 11.03 7.72
CA MET B 244 17.69 10.98 7.69
C MET B 244 18.30 11.46 6.39
C MET B 244 18.29 11.47 6.38
N PHE B 245 19.12 12.49 6.48
CA PHE B 245 20.04 12.89 5.40
C PHE B 245 21.36 12.17 5.64
N THR B 246 21.88 11.57 4.58
CA THR B 246 23.22 10.92 4.60
C THR B 246 24.24 11.83 3.93
N ASN B 247 25.23 12.22 4.70
CA ASN B 247 26.37 13.00 4.18
C ASN B 247 27.28 12.11 3.33
N ARG B 248 28.10 12.75 2.51
CA ARG B 248 29.16 12.02 1.75
C ARG B 248 29.91 11.01 2.62
N SER B 249 30.26 11.39 3.83
CA SER B 249 31.04 10.54 4.76
C SER B 249 30.27 9.29 5.18
N GLY B 250 28.94 9.27 5.04
CA GLY B 250 28.10 8.21 5.59
C GLY B 250 27.38 8.64 6.84
N SER B 251 27.82 9.70 7.50
CA SER B 251 27.13 10.15 8.74
C SER B 251 25.70 10.56 8.39
N GLN B 252 24.82 10.40 9.37
CA GLN B 252 23.39 10.63 9.13
C GLN B 252 22.82 11.57 10.16
N GLN B 253 21.96 12.47 9.68
CA GLN B 253 21.27 13.48 10.50
C GLN B 253 19.76 13.39 10.28
N TRP B 254 18.99 13.44 11.34
CA TRP B 254 17.53 13.60 11.17
C TRP B 254 17.25 14.90 10.42
N ARG B 255 16.24 14.88 9.57
CA ARG B 255 15.75 16.10 8.89
C ARG B 255 14.25 16.22 9.16
N GLY B 256 13.85 17.40 9.62
CA GLY B 256 12.43 17.71 9.90
C GLY B 256 11.95 18.86 9.05
N LEU B 257 10.62 18.99 8.99
CA LEU B 257 9.95 20.08 8.29
C LEU B 257 8.86 20.67 9.19
N SER B 258 8.53 21.92 8.91
CA SER B 258 7.43 22.61 9.59
C SER B 258 6.06 22.02 9.25
N ARG B 259 5.11 22.28 10.14
CA ARG B 259 3.72 21.86 9.92
C ARG B 259 2.81 23.06 10.00
N TYR B 260 1.97 23.20 8.98
CA TYR B 260 0.86 24.18 8.91
C TYR B 260 -0.35 23.68 9.65
N PHE B 261 -0.98 24.57 10.41
CA PHE B 261 -2.28 24.30 11.08
C PHE B 261 -3.24 25.42 10.72
N LYS B 262 -4.46 25.05 10.38
CA LYS B 262 -5.60 26.00 10.36
C LYS B 262 -6.74 25.37 11.13
N VAL B 263 -7.11 26.01 12.23
CA VAL B 263 -8.18 25.49 13.10
C VAL B 263 -9.35 26.48 13.11
N GLN B 264 -10.55 25.97 12.86
N GLN B 264 -10.54 25.96 12.87
CA GLN B 264 -11.80 26.75 12.98
CA GLN B 264 -11.80 26.73 12.99
C GLN B 264 -12.39 26.48 14.37
C GLN B 264 -12.35 26.48 14.40
N LEU B 265 -12.70 27.55 15.11
CA LEU B 265 -13.29 27.46 16.46
C LEU B 265 -14.63 28.19 16.50
N ARG B 266 -15.46 27.74 17.42
CA ARG B 266 -16.78 28.37 17.66
C ARG B 266 -16.99 28.52 19.16
N LYS B 267 -17.81 29.49 19.55
CA LYS B 267 -18.11 29.69 20.99
C LYS B 267 -19.15 28.67 21.43
N ARG B 268 -18.90 28.02 22.57
CA ARG B 268 -19.77 27.01 23.17
C ARG B 268 -20.05 27.43 24.62
N ARG B 269 -21.33 27.38 25.00
CA ARG B 269 -21.68 27.66 26.40
C ARG B 269 -21.46 26.40 27.23
N VAL B 270 -20.86 26.60 28.39
CA VAL B 270 -20.64 25.46 29.30
C VAL B 270 -21.02 25.87 30.73
N LYS B 271 -21.24 24.88 31.58
CA LYS B 271 -21.41 25.15 33.02
C LYS B 271 -20.20 24.49 33.68
N VAL C 7 -16.05 39.39 -2.63
CA VAL C 7 -17.29 39.28 -3.44
C VAL C 7 -18.24 38.28 -2.79
N GLU C 8 -19.55 38.53 -2.87
CA GLU C 8 -20.61 37.58 -2.50
C GLU C 8 -20.86 36.70 -3.74
N VAL C 9 -20.84 35.39 -3.56
CA VAL C 9 -21.16 34.44 -4.67
C VAL C 9 -22.67 34.25 -4.71
N LEU C 10 -23.27 34.50 -5.88
CA LEU C 10 -24.72 34.37 -6.08
C LEU C 10 -24.97 33.15 -6.96
N GLU C 11 -25.95 33.20 -7.83
CA GLU C 11 -26.42 31.97 -8.50
C GLU C 11 -25.54 31.62 -9.69
N VAL C 12 -25.57 30.34 -10.03
CA VAL C 12 -25.05 29.80 -11.30
C VAL C 12 -26.00 30.15 -12.45
N LYS C 13 -25.44 30.60 -13.56
CA LYS C 13 -26.24 30.82 -14.79
C LYS C 13 -26.48 29.47 -15.45
N THR C 14 -27.63 29.26 -16.08
CA THR C 14 -27.96 28.00 -16.77
C THR C 14 -28.22 28.31 -18.26
N GLY C 15 -28.53 27.27 -19.02
CA GLY C 15 -28.65 27.33 -20.49
C GLY C 15 -27.35 26.85 -21.12
N ASP C 17 -25.20 28.00 -23.12
CA ASP C 17 -24.13 29.04 -23.26
C ASP C 17 -23.37 29.23 -21.93
N SER C 18 -23.85 28.61 -20.87
CA SER C 18 -23.44 28.87 -19.48
C SER C 18 -22.26 28.00 -19.05
N ILE C 19 -21.82 27.07 -19.90
N ILE C 19 -21.81 27.08 -19.92
CA ILE C 19 -20.71 26.16 -19.53
CA ILE C 19 -20.79 26.04 -19.61
C ILE C 19 -19.65 26.28 -20.62
C ILE C 19 -19.68 26.10 -20.67
N THR C 20 -18.42 25.93 -20.25
CA THR C 20 -17.30 25.81 -21.19
C THR C 20 -16.33 24.78 -20.62
N GLU C 21 -15.41 24.36 -21.47
N GLU C 21 -15.48 24.26 -21.49
CA GLU C 21 -14.43 23.32 -21.17
CA GLU C 21 -14.41 23.31 -21.10
C GLU C 21 -13.05 23.81 -21.62
C GLU C 21 -13.07 23.83 -21.59
N VAL C 22 -12.05 23.57 -20.79
CA VAL C 22 -10.63 23.77 -21.14
C VAL C 22 -9.98 22.39 -21.18
N GLU C 23 -9.28 22.11 -22.26
N GLU C 23 -9.27 22.10 -22.26
CA GLU C 23 -8.49 20.87 -22.42
CA GLU C 23 -8.50 20.86 -22.41
C GLU C 23 -7.10 21.36 -22.84
C GLU C 23 -7.10 21.30 -22.87
N CYS C 24 -6.08 20.93 -22.11
CA CYS C 24 -4.69 21.51 -22.12
C CYS C 24 -3.76 20.30 -21.86
N PHE C 25 -2.58 20.29 -22.44
CA PHE C 25 -1.46 19.54 -21.83
CA PHE C 25 -1.39 19.51 -21.99
C PHE C 25 -0.39 20.54 -21.42
N LEU C 26 0.19 20.26 -20.26
CA LEU C 26 1.32 21.05 -19.74
C LEU C 26 2.56 20.18 -19.87
N THR C 27 3.55 20.66 -20.59
CA THR C 27 4.82 19.92 -20.75
C THR C 27 5.67 20.12 -19.50
N PRO C 28 6.53 19.13 -19.20
CA PRO C 28 7.38 19.24 -18.03
C PRO C 28 8.57 20.15 -18.30
N GLU C 29 9.14 20.67 -17.22
CA GLU C 29 10.32 21.56 -17.31
C GLU C 29 11.42 21.00 -16.42
N MET C 30 12.12 20.00 -16.94
CA MET C 30 13.10 19.24 -16.14
C MET C 30 14.51 19.85 -16.24
N GLY C 31 14.76 20.73 -17.20
CA GLY C 31 16.04 21.43 -17.33
C GLY C 31 16.55 21.49 -18.76
N ASP C 32 16.26 20.44 -19.54
CA ASP C 32 16.47 20.44 -21.01
C ASP C 32 17.89 20.85 -21.36
N PRO C 33 18.90 20.02 -21.00
CA PRO C 33 20.30 20.44 -21.08
C PRO C 33 20.88 20.57 -22.48
N ASP C 34 20.23 19.98 -23.46
CA ASP C 34 20.62 20.21 -24.87
C ASP C 34 19.41 19.99 -25.77
N GLU C 35 19.63 20.17 -27.08
CA GLU C 35 18.58 20.17 -28.12
C GLU C 35 17.96 18.77 -28.29
N HIS C 36 18.50 17.74 -27.63
CA HIS C 36 18.00 16.36 -27.76
C HIS C 36 17.29 15.89 -26.49
N LEU C 37 17.27 16.70 -25.45
CA LEU C 37 16.99 16.18 -24.09
C LEU C 37 15.81 16.87 -23.42
N ARG C 38 14.84 17.31 -24.23
CA ARG C 38 13.55 17.76 -23.68
C ARG C 38 12.95 16.66 -22.81
N GLY C 39 12.52 17.02 -21.59
CA GLY C 39 11.96 16.07 -20.63
C GLY C 39 12.95 15.48 -19.66
N PHE C 40 14.23 15.79 -19.84
CA PHE C 40 15.31 15.33 -18.95
C PHE C 40 16.01 16.54 -18.34
N SER C 41 16.61 16.34 -17.19
CA SER C 41 17.56 17.31 -16.62
C SER C 41 18.99 17.01 -17.09
N LYS C 42 19.89 17.96 -16.88
N LYS C 42 19.89 17.95 -16.85
CA LYS C 42 21.34 17.67 -16.89
CA LYS C 42 21.32 17.67 -16.83
C LYS C 42 21.62 16.57 -15.86
C LYS C 42 21.60 16.52 -15.85
N SER C 43 22.64 15.75 -16.09
CA SER C 43 23.02 14.74 -15.08
CA SER C 43 23.06 14.76 -15.09
C SER C 43 23.37 15.47 -13.76
N ILE C 44 23.06 14.81 -12.67
N ILE C 44 23.02 14.82 -12.68
CA ILE C 44 23.27 15.36 -11.31
CA ILE C 44 23.10 15.45 -11.34
C ILE C 44 24.76 15.34 -10.98
C ILE C 44 24.51 15.27 -10.79
N SER C 45 25.22 16.45 -10.44
N SER C 45 25.16 16.38 -10.48
CA SER C 45 26.57 16.62 -9.85
CA SER C 45 26.47 16.37 -9.81
C SER C 45 26.40 16.96 -8.37
C SER C 45 26.27 16.72 -8.34
N ILE C 46 27.27 16.39 -7.53
CA ILE C 46 27.22 16.58 -6.08
C ILE C 46 28.30 17.58 -5.67
N SER C 47 27.97 18.58 -4.88
CA SER C 47 28.96 19.54 -4.38
C SER C 47 29.99 18.84 -3.47
N ASP C 48 31.17 19.43 -3.41
CA ASP C 48 32.30 18.87 -2.65
C ASP C 48 32.12 19.12 -1.15
N THR C 49 31.35 20.15 -0.80
CA THR C 49 31.06 20.50 0.61
C THR C 49 29.59 20.90 0.69
N PHE C 50 29.01 20.83 1.87
CA PHE C 50 27.60 21.22 2.01
C PHE C 50 27.42 22.69 1.66
N GLU C 51 28.33 23.54 2.14
N GLU C 51 28.31 23.56 2.13
CA GLU C 51 28.27 25.02 2.00
CA GLU C 51 28.12 25.02 1.97
C GLU C 51 28.34 25.42 0.53
C GLU C 51 28.35 25.44 0.52
N SER C 52 28.97 24.60 -0.32
CA SER C 52 29.28 24.99 -1.73
C SER C 52 28.24 24.47 -2.73
N ASP C 53 27.12 23.94 -2.25
CA ASP C 53 26.04 23.50 -3.14
C ASP C 53 25.71 24.62 -4.13
N SER C 54 25.77 24.33 -5.44
N SER C 54 25.72 24.29 -5.42
N SER C 54 25.81 24.32 -5.44
CA SER C 54 25.59 25.36 -6.50
CA SER C 54 25.62 25.29 -6.51
CA SER C 54 25.67 25.31 -6.53
C SER C 54 25.05 24.73 -7.77
C SER C 54 25.09 24.61 -7.76
C SER C 54 25.10 24.60 -7.76
N PRO C 55 23.80 24.21 -7.76
CA PRO C 55 23.24 23.50 -8.89
C PRO C 55 23.15 24.39 -10.13
N ASN C 56 23.49 23.80 -11.28
CA ASN C 56 23.29 24.48 -12.58
C ASN C 56 21.80 24.55 -12.91
N ARG C 57 21.44 25.58 -13.63
CA ARG C 57 20.02 25.80 -14.00
C ARG C 57 19.43 24.56 -14.68
N ASP C 58 20.15 23.98 -15.64
N ASP C 58 20.18 23.93 -15.58
CA ASP C 58 19.60 22.86 -16.45
CA ASP C 58 19.70 22.77 -16.37
C ASP C 58 19.63 21.55 -15.67
C ASP C 58 19.56 21.51 -15.52
N MET C 59 20.01 21.59 -14.39
N MET C 59 20.09 21.51 -14.29
CA MET C 59 19.95 20.44 -13.46
CA MET C 59 19.95 20.36 -13.37
C MET C 59 18.69 20.47 -12.58
C MET C 59 18.76 20.53 -12.42
N LEU C 60 18.00 21.60 -12.58
CA LEU C 60 16.86 21.88 -11.64
C LEU C 60 15.51 21.78 -12.36
N PRO C 61 14.71 20.76 -12.05
CA PRO C 61 13.32 20.78 -12.48
C PRO C 61 12.64 22.03 -11.91
N CYS C 62 11.70 22.56 -12.69
CA CYS C 62 10.88 23.73 -12.33
C CYS C 62 9.39 23.39 -12.42
N TYR C 63 8.60 24.16 -11.73
CA TYR C 63 7.13 24.11 -11.87
C TYR C 63 6.72 24.51 -13.29
N SER C 64 5.74 23.80 -13.83
CA SER C 64 5.06 24.19 -15.08
C SER C 64 3.81 25.00 -14.75
N VAL C 65 3.52 25.97 -15.60
CA VAL C 65 2.28 26.77 -15.48
C VAL C 65 1.81 27.16 -16.87
N ALA C 66 0.48 27.13 -17.03
CA ALA C 66 -0.21 27.70 -18.21
C ALA C 66 -1.35 28.58 -17.72
N ARG C 67 -1.49 29.72 -18.34
CA ARG C 67 -2.66 30.58 -18.14
C ARG C 67 -3.51 30.53 -19.39
N ILE C 68 -4.73 30.06 -19.24
CA ILE C 68 -5.62 29.74 -20.37
C ILE C 68 -6.70 30.83 -20.42
N PRO C 69 -6.84 31.55 -21.54
CA PRO C 69 -7.93 32.51 -21.66
C PRO C 69 -9.26 31.80 -21.90
N LEU C 70 -10.28 32.30 -21.21
CA LEU C 70 -11.64 31.74 -21.29
C LEU C 70 -12.48 32.68 -22.12
N PRO C 71 -13.71 32.25 -22.51
CA PRO C 71 -14.57 33.13 -23.27
C PRO C 71 -14.81 34.41 -22.47
N ASN C 72 -14.74 35.55 -23.15
N ASN C 72 -14.69 35.55 -23.14
CA ASN C 72 -14.78 36.87 -22.49
CA ASN C 72 -14.78 36.86 -22.46
C ASN C 72 -16.17 37.11 -21.89
C ASN C 72 -16.17 37.02 -21.86
N LEU C 73 -16.22 37.50 -20.62
CA LEU C 73 -17.46 37.83 -19.91
C LEU C 73 -17.57 39.33 -19.70
N ASN C 74 -18.78 39.80 -19.41
CA ASN C 74 -19.01 41.19 -18.95
C ASN C 74 -18.59 42.16 -20.06
N GLU C 75 -18.99 41.90 -21.31
CA GLU C 75 -18.64 42.78 -22.45
C GLU C 75 -19.43 44.09 -22.35
N ASP C 76 -20.57 44.10 -21.68
CA ASP C 76 -21.40 45.31 -21.52
C ASP C 76 -21.31 45.76 -20.07
N LEU C 77 -21.43 47.06 -19.88
CA LEU C 77 -21.48 47.66 -18.55
C LEU C 77 -22.48 46.89 -17.69
N THR C 78 -22.07 46.50 -16.49
CA THR C 78 -22.96 45.84 -15.50
C THR C 78 -22.91 46.65 -14.22
N CYS C 79 -23.96 46.49 -13.45
CA CYS C 79 -24.24 47.32 -12.27
C CYS C 79 -24.25 46.47 -10.99
N GLY C 80 -23.16 46.45 -10.25
CA GLY C 80 -23.08 45.84 -8.90
C GLY C 80 -22.74 44.37 -8.95
N ASN C 81 -22.67 43.78 -10.13
CA ASN C 81 -22.49 42.33 -10.31
C ASN C 81 -21.68 42.10 -11.57
N ILE C 82 -20.97 41.01 -11.59
CA ILE C 82 -20.36 40.50 -12.83
C ILE C 82 -20.56 39.00 -12.86
N LEU C 83 -20.30 38.44 -14.00
CA LEU C 83 -20.13 36.98 -14.13
C LEU C 83 -18.65 36.62 -14.08
N MET C 84 -18.38 35.45 -13.50
CA MET C 84 -17.04 34.85 -13.51
C MET C 84 -17.19 33.38 -13.86
N TRP C 85 -16.22 32.87 -14.61
CA TRP C 85 -16.14 31.42 -14.81
C TRP C 85 -15.69 30.75 -13.52
N GLU C 86 -16.41 29.72 -13.16
CA GLU C 86 -16.17 28.91 -11.94
C GLU C 86 -15.73 27.52 -12.37
N ALA C 87 -14.55 27.10 -11.94
CA ALA C 87 -14.02 25.77 -12.27
C ALA C 87 -14.70 24.75 -11.35
N VAL C 88 -15.34 23.75 -11.94
CA VAL C 88 -16.18 22.80 -11.16
C VAL C 88 -15.54 21.41 -11.07
N THR C 89 -15.02 20.91 -12.18
CA THR C 89 -14.46 19.55 -12.21
C THR C 89 -13.14 19.53 -12.97
N LEU C 90 -12.35 18.52 -12.64
CA LEU C 90 -11.04 18.26 -13.27
C LEU C 90 -10.94 16.77 -13.62
N LYS C 91 -10.48 16.50 -14.83
CA LYS C 91 -9.89 15.20 -15.17
C LYS C 91 -8.42 15.45 -15.47
N THR C 92 -7.55 14.61 -14.97
CA THR C 92 -6.10 14.78 -15.18
C THR C 92 -5.40 13.44 -15.19
N GLU C 93 -4.32 13.31 -15.94
N GLU C 93 -4.28 13.43 -15.91
CA GLU C 93 -3.39 12.17 -15.72
CA GLU C 93 -3.56 12.21 -16.39
C GLU C 93 -2.12 12.55 -16.46
C GLU C 93 -2.09 12.55 -16.67
N VAL C 94 -1.13 11.76 -16.19
CA VAL C 94 0.23 11.86 -16.76
C VAL C 94 0.19 11.23 -18.15
N ILE C 95 0.73 11.94 -19.15
N ILE C 95 0.83 11.87 -19.11
CA ILE C 95 0.76 11.52 -20.58
CA ILE C 95 0.74 11.46 -20.54
C ILE C 95 2.09 10.83 -20.89
C ILE C 95 2.07 10.87 -21.00
N GLY C 96 2.01 9.62 -21.43
CA GLY C 96 3.22 8.92 -21.88
C GLY C 96 3.82 7.98 -20.84
N VAL C 97 3.01 7.46 -19.93
CA VAL C 97 3.55 6.60 -18.86
C VAL C 97 4.27 5.40 -19.44
N THR C 98 3.85 4.87 -20.58
CA THR C 98 4.47 3.66 -21.12
C THR C 98 5.86 3.94 -21.69
N SER C 99 6.25 5.20 -21.91
CA SER C 99 7.60 5.51 -22.41
C SER C 99 8.64 5.01 -21.41
N LEU C 100 8.27 4.87 -20.14
CA LEU C 100 9.22 4.41 -19.11
C LEU C 100 9.50 2.92 -19.28
N MET C 101 8.87 2.24 -20.23
CA MET C 101 9.20 0.84 -20.56
C MET C 101 10.37 0.74 -21.53
N ASN C 102 10.93 1.86 -21.99
CA ASN C 102 12.16 1.81 -22.82
C ASN C 102 13.35 1.55 -21.90
N VAL C 103 13.73 0.28 -21.79
CA VAL C 103 14.85 -0.21 -20.95
C VAL C 103 16.02 -0.63 -21.84
N HIS C 104 16.10 -0.13 -23.05
CA HIS C 104 17.11 -0.57 -24.05
C HIS C 104 17.98 0.58 -24.57
N SER C 105 17.77 1.82 -24.11
CA SER C 105 18.44 3.02 -24.68
C SER C 105 19.64 3.46 -23.83
N ASN C 106 20.71 2.67 -23.91
CA ASN C 106 22.03 2.97 -23.28
C ASN C 106 21.90 3.27 -21.79
N GLY C 107 21.03 2.55 -21.11
CA GLY C 107 20.95 2.58 -19.65
C GLY C 107 22.00 1.70 -18.99
N GLN C 108 21.92 1.66 -17.68
CA GLN C 108 22.80 0.83 -16.83
C GLN C 108 22.10 -0.51 -16.59
N ALA C 109 22.71 -1.60 -17.01
CA ALA C 109 22.14 -2.94 -16.84
C ALA C 109 21.92 -3.16 -15.35
N THR C 110 20.82 -3.80 -15.00
CA THR C 110 20.48 -4.10 -13.60
C THR C 110 21.45 -5.13 -13.03
N HIS C 111 22.01 -5.97 -13.90
CA HIS C 111 22.99 -7.02 -13.58
C HIS C 111 23.61 -7.46 -14.90
N ASP C 112 24.65 -8.27 -14.87
N ASP C 112 24.63 -8.31 -14.86
CA ASP C 112 25.33 -8.67 -16.13
CA ASP C 112 25.31 -8.78 -16.10
C ASP C 112 24.29 -9.28 -17.07
C ASP C 112 24.27 -9.31 -17.08
N ASN C 113 24.28 -8.77 -18.30
CA ASN C 113 23.43 -9.23 -19.42
C ASN C 113 21.98 -8.81 -19.23
N GLY C 114 21.64 -8.11 -18.15
CA GLY C 114 20.24 -7.72 -17.91
C GLY C 114 19.77 -6.52 -18.72
N ALA C 115 18.49 -6.23 -18.58
CA ALA C 115 17.89 -5.04 -19.19
C ALA C 115 18.38 -3.79 -18.44
N GLY C 116 18.13 -2.63 -19.01
CA GLY C 116 18.49 -1.38 -18.35
C GLY C 116 17.62 -1.12 -17.13
N LYS C 117 18.20 -0.50 -16.11
N LYS C 117 18.18 -0.47 -16.13
CA LYS C 117 17.42 0.05 -14.98
CA LYS C 117 17.42 -0.01 -14.94
C LYS C 117 16.32 0.93 -15.55
C LYS C 117 16.36 1.00 -15.39
N PRO C 118 15.06 0.81 -15.07
CA PRO C 118 14.04 1.76 -15.49
C PRO C 118 14.14 3.01 -14.65
N VAL C 119 13.47 4.03 -15.15
CA VAL C 119 13.30 5.29 -14.41
C VAL C 119 12.68 4.94 -13.07
N GLN C 120 13.28 5.48 -12.00
N GLN C 120 13.28 5.45 -12.00
CA GLN C 120 12.88 5.17 -10.63
CA GLN C 120 12.84 5.16 -10.62
C GLN C 120 13.50 6.19 -9.68
C GLN C 120 13.52 6.16 -9.68
N GLY C 121 13.10 6.15 -8.42
CA GLY C 121 13.64 7.06 -7.44
C GLY C 121 12.68 8.21 -7.20
N THR C 122 13.18 9.22 -6.54
CA THR C 122 12.36 10.32 -6.01
C THR C 122 11.43 10.84 -7.11
N SER C 123 10.17 11.00 -6.73
CA SER C 123 9.16 11.57 -7.62
C SER C 123 8.39 12.68 -6.92
N PHE C 124 7.89 13.60 -7.73
CA PHE C 124 6.93 14.63 -7.26
C PHE C 124 5.88 14.78 -8.33
N HIS C 125 4.64 14.46 -7.97
CA HIS C 125 3.49 14.59 -8.89
C HIS C 125 2.52 15.57 -8.25
N PHE C 126 2.27 16.64 -8.95
CA PHE C 126 1.59 17.82 -8.42
C PHE C 126 0.74 18.43 -9.51
N PHE C 127 -0.47 18.87 -9.13
CA PHE C 127 -1.28 19.66 -10.07
C PHE C 127 -2.16 20.60 -9.27
N SER C 128 -2.49 21.71 -9.94
CA SER C 128 -3.41 22.68 -9.34
C SER C 128 -4.23 23.36 -10.42
N VAL C 129 -5.43 23.78 -10.01
CA VAL C 129 -6.36 24.54 -10.86
C VAL C 129 -6.78 25.75 -10.03
N GLY C 130 -6.64 26.95 -10.58
CA GLY C 130 -7.04 28.14 -9.85
C GLY C 130 -7.52 29.25 -10.74
N GLY C 131 -8.13 30.24 -10.11
CA GLY C 131 -8.61 31.43 -10.82
C GLY C 131 -7.61 32.55 -10.84
N GLU C 132 -6.36 32.25 -10.46
CA GLU C 132 -5.25 33.20 -10.33
C GLU C 132 -4.00 32.35 -10.14
N ALA C 133 -2.83 32.97 -10.19
CA ALA C 133 -1.58 32.20 -10.05
C ALA C 133 -1.54 31.46 -8.72
N LEU C 134 -0.93 30.28 -8.77
CA LEU C 134 -0.63 29.51 -7.55
C LEU C 134 0.31 30.36 -6.66
N GLU C 135 -0.01 30.44 -5.39
CA GLU C 135 0.82 31.17 -4.41
C GLU C 135 1.81 30.18 -3.78
N LEU C 136 3.06 30.59 -3.75
CA LEU C 136 4.19 29.74 -3.30
C LEU C 136 4.79 30.28 -2.01
N GLN C 137 5.31 29.33 -1.24
CA GLN C 137 6.14 29.56 -0.05
C GLN C 137 7.48 28.85 -0.30
N GLY C 138 8.57 29.55 -0.04
CA GLY C 138 9.90 28.95 -0.20
C GLY C 138 10.34 28.21 1.03
N VAL C 139 10.92 27.04 0.81
CA VAL C 139 11.60 26.26 1.87
C VAL C 139 12.84 25.67 1.22
N LEU C 140 13.99 25.88 1.84
CA LEU C 140 15.28 25.43 1.29
C LEU C 140 15.80 24.23 2.06
N PHE C 141 16.31 23.26 1.33
CA PHE C 141 17.02 22.14 1.98
C PHE C 141 18.23 22.66 2.74
N ASN C 142 18.94 23.56 2.06
CA ASN C 142 20.25 24.10 2.49
C ASN C 142 20.24 25.60 2.17
N TYR C 143 20.20 26.44 3.18
CA TYR C 143 20.04 27.89 2.91
C TYR C 143 21.27 28.46 2.22
N ARG C 144 22.40 27.75 2.27
CA ARG C 144 23.66 28.21 1.64
C ARG C 144 23.78 27.74 0.19
N THR C 145 22.78 27.03 -0.33
CA THR C 145 22.79 26.69 -1.76
C THR C 145 22.81 27.98 -2.58
N LYS C 146 23.69 28.05 -3.58
N LYS C 146 23.67 28.03 -3.60
CA LYS C 146 23.67 29.13 -4.60
CA LYS C 146 23.69 29.10 -4.62
C LYS C 146 22.76 28.68 -5.75
C LYS C 146 22.77 28.68 -5.75
N TYR C 147 21.63 29.35 -5.90
CA TYR C 147 20.70 29.05 -7.02
C TYR C 147 21.12 29.89 -8.20
N PRO C 148 20.92 29.34 -9.41
CA PRO C 148 21.53 29.90 -10.61
C PRO C 148 20.72 31.00 -11.29
N ASP C 149 21.44 31.82 -12.03
CA ASP C 149 20.84 32.81 -12.93
C ASP C 149 19.83 32.13 -13.84
N GLY C 150 18.69 32.78 -14.00
CA GLY C 150 17.59 32.25 -14.83
C GLY C 150 16.50 31.60 -14.01
N THR C 151 16.75 31.34 -12.74
CA THR C 151 15.75 30.80 -11.82
C THR C 151 15.26 31.91 -10.90
N ILE C 152 14.04 31.71 -10.40
CA ILE C 152 13.44 32.59 -9.38
C ILE C 152 13.39 31.76 -8.10
N PHE C 153 14.16 32.18 -7.12
CA PHE C 153 14.44 31.41 -5.91
C PHE C 153 14.24 32.30 -4.68
N PRO C 154 14.11 31.67 -3.50
CA PRO C 154 14.03 32.42 -2.26
C PRO C 154 15.27 33.31 -2.04
N LYS C 155 15.03 34.60 -1.87
CA LYS C 155 16.09 35.63 -1.78
C LYS C 155 16.32 35.97 -0.30
N ASN C 156 17.50 36.50 0.01
CA ASN C 156 17.83 36.89 1.39
C ASN C 156 17.68 35.65 2.28
N ALA C 157 18.13 34.50 1.80
CA ALA C 157 17.99 33.26 2.57
C ALA C 157 18.76 33.36 3.88
N THR C 158 18.19 32.79 4.92
CA THR C 158 18.83 32.68 6.24
C THR C 158 18.72 31.24 6.70
N VAL C 159 19.31 30.90 7.83
CA VAL C 159 19.18 29.51 8.31
C VAL C 159 17.70 29.19 8.57
N GLN C 160 16.90 30.19 8.93
N GLN C 160 16.91 30.20 8.91
CA GLN C 160 15.46 29.92 9.18
CA GLN C 160 15.46 29.99 9.17
C GLN C 160 14.77 29.48 7.90
C GLN C 160 14.77 29.50 7.90
N SER C 161 15.33 29.83 6.74
CA SER C 161 14.77 29.40 5.44
C SER C 161 14.72 27.87 5.32
N GLN C 162 15.54 27.16 6.09
CA GLN C 162 15.55 25.67 6.07
C GLN C 162 14.30 25.10 6.74
N VAL C 163 13.52 25.90 7.49
CA VAL C 163 12.29 25.40 8.14
C VAL C 163 11.08 26.30 7.82
N MET C 164 11.17 27.61 7.98
N MET C 164 11.20 27.59 8.02
CA MET C 164 10.07 28.51 7.56
CA MET C 164 10.12 28.55 7.69
C MET C 164 10.49 29.96 7.76
C MET C 164 10.68 29.97 7.79
N ASN C 165 10.71 30.63 6.63
CA ASN C 165 11.01 32.07 6.56
C ASN C 165 9.88 32.67 5.74
N THR C 166 9.01 33.42 6.42
CA THR C 166 7.79 33.97 5.79
C THR C 166 8.11 35.07 4.78
N GLU C 167 9.38 35.49 4.64
N GLU C 167 9.37 35.49 4.63
CA GLU C 167 9.75 36.43 3.56
CA GLU C 167 9.74 36.43 3.54
C GLU C 167 9.58 35.75 2.19
C GLU C 167 9.56 35.75 2.18
N HIS C 168 9.69 34.44 2.11
CA HIS C 168 9.78 33.74 0.81
C HIS C 168 8.38 33.44 0.25
N LYS C 169 7.73 34.49 -0.22
CA LYS C 169 6.40 34.45 -0.86
C LYS C 169 6.58 34.76 -2.33
N ALA C 170 5.93 33.98 -3.18
CA ALA C 170 5.97 34.21 -4.64
C ALA C 170 4.68 33.74 -5.29
N TYR C 171 4.56 34.08 -6.54
CA TYR C 171 3.47 33.62 -7.42
C TYR C 171 4.09 32.75 -8.51
N LEU C 172 3.43 31.63 -8.83
CA LEU C 172 3.89 30.81 -9.97
C LEU C 172 3.39 31.47 -11.24
N ASP C 173 4.19 32.39 -11.74
CA ASP C 173 3.74 33.31 -12.82
C ASP C 173 4.75 33.32 -13.97
N LYS C 174 5.60 32.29 -14.03
CA LYS C 174 6.58 32.17 -15.10
C LYS C 174 6.92 30.69 -15.24
N ASN C 175 6.89 30.20 -16.45
CA ASN C 175 7.21 28.80 -16.73
C ASN C 175 8.73 28.67 -16.70
N LYS C 176 9.22 27.48 -16.35
N LYS C 176 9.19 27.47 -16.37
CA LYS C 176 10.66 27.14 -16.44
CA LYS C 176 10.61 27.03 -16.36
C LYS C 176 11.51 28.09 -15.60
C LYS C 176 11.47 28.08 -15.62
N ALA C 177 11.03 28.48 -14.43
CA ALA C 177 11.70 29.50 -13.62
C ALA C 177 11.76 29.16 -12.14
N TYR C 178 10.70 28.59 -11.57
CA TYR C 178 10.59 28.38 -10.12
C TYR C 178 11.04 26.95 -9.83
N PRO C 179 12.24 26.71 -9.24
CA PRO C 179 12.69 25.34 -9.05
C PRO C 179 11.77 24.59 -8.10
N VAL C 180 11.49 23.34 -8.47
CA VAL C 180 10.65 22.48 -7.62
C VAL C 180 11.21 22.43 -6.20
N GLU C 181 12.52 22.24 -6.08
CA GLU C 181 13.12 21.97 -4.75
C GLU C 181 13.06 23.17 -3.79
N CYS C 182 12.77 24.36 -4.30
CA CYS C 182 12.80 25.65 -3.57
C CYS C 182 11.40 26.04 -3.04
N TRP C 183 10.34 25.55 -3.67
CA TRP C 183 9.01 26.16 -3.52
C TRP C 183 7.95 25.10 -3.33
N VAL C 184 6.96 25.41 -2.51
CA VAL C 184 5.74 24.60 -2.35
C VAL C 184 4.55 25.55 -2.42
N PRO C 185 3.34 25.00 -2.64
CA PRO C 185 2.14 25.79 -2.42
C PRO C 185 2.11 26.37 -1.02
N ASP C 186 1.71 27.64 -0.92
CA ASP C 186 1.57 28.34 0.37
C ASP C 186 0.22 28.00 0.97
N PRO C 187 0.16 27.20 2.05
CA PRO C 187 -1.13 26.84 2.63
C PRO C 187 -1.85 28.00 3.31
N THR C 188 -1.13 29.09 3.59
CA THR C 188 -1.75 30.29 4.19
C THR C 188 -2.49 31.15 3.16
N ARG C 189 -2.34 30.84 1.87
N ARG C 189 -2.32 30.82 1.88
CA ARG C 189 -2.98 31.58 0.77
CA ARG C 189 -2.99 31.55 0.78
C ARG C 189 -3.74 30.55 -0.08
C ARG C 189 -3.74 30.52 -0.08
N ASN C 190 -3.80 30.74 -1.39
CA ASN C 190 -4.46 29.79 -2.29
C ASN C 190 -5.94 29.54 -1.97
N GLU C 191 -6.66 30.55 -1.48
CA GLU C 191 -8.13 30.43 -1.29
C GLU C 191 -8.83 30.14 -2.62
N ASN C 192 -8.27 30.59 -3.72
CA ASN C 192 -8.94 30.55 -5.04
C ASN C 192 -8.29 29.54 -5.98
N THR C 193 -7.55 28.57 -5.39
CA THR C 193 -6.89 27.46 -6.11
C THR C 193 -7.18 26.17 -5.36
N ARG C 194 -7.23 25.06 -6.10
CA ARG C 194 -7.26 23.71 -5.49
C ARG C 194 -5.96 23.05 -5.93
N TYR C 195 -5.16 22.57 -4.97
CA TYR C 195 -3.86 21.93 -5.30
C TYR C 195 -3.76 20.57 -4.65
N PHE C 196 -2.97 19.73 -5.28
CA PHE C 196 -2.79 18.33 -4.88
C PHE C 196 -1.37 17.90 -5.23
N GLY C 197 -0.62 17.31 -4.32
CA GLY C 197 0.71 16.78 -4.67
C GLY C 197 1.14 15.66 -3.77
N THR C 198 2.04 14.84 -4.29
CA THR C 198 2.69 13.77 -3.53
C THR C 198 4.18 13.74 -3.86
N LEU C 199 4.98 13.84 -2.80
CA LEU C 199 6.42 13.54 -2.89
CA LEU C 199 6.44 13.58 -2.83
C LEU C 199 6.63 12.11 -2.41
N THR C 200 7.30 11.33 -3.25
CA THR C 200 7.74 9.98 -2.85
C THR C 200 9.27 9.96 -2.97
N GLY C 201 9.99 9.82 -1.85
N GLY C 201 9.99 9.95 -1.85
CA GLY C 201 11.46 10.01 -1.80
CA GLY C 201 11.46 10.03 -1.86
C GLY C 201 12.23 8.71 -1.63
C GLY C 201 12.06 8.63 -1.98
N GLY C 202 13.34 8.55 -2.34
CA GLY C 202 14.13 7.32 -2.23
C GLY C 202 14.66 6.91 -3.58
N GLU C 203 15.91 6.43 -3.66
CA GLU C 203 16.54 6.19 -4.98
C GLU C 203 15.93 4.96 -5.64
N ASN C 204 15.24 4.09 -4.90
CA ASN C 204 14.71 2.83 -5.50
C ASN C 204 13.19 2.87 -5.62
N VAL C 205 12.55 4.00 -5.32
CA VAL C 205 11.07 4.11 -5.38
C VAL C 205 10.61 3.74 -6.79
N PRO C 206 9.66 2.81 -6.94
CA PRO C 206 9.11 2.51 -8.27
C PRO C 206 8.04 3.50 -8.69
N PRO C 207 8.05 4.02 -9.93
CA PRO C 207 6.89 4.78 -10.38
C PRO C 207 5.62 3.89 -10.29
N VAL C 208 4.52 4.48 -9.83
CA VAL C 208 3.19 3.85 -9.90
C VAL C 208 2.25 4.90 -10.50
N LEU C 209 1.94 4.72 -11.77
CA LEU C 209 1.23 5.72 -12.56
C LEU C 209 -0.06 5.09 -13.09
N HIS C 210 -1.17 5.68 -12.70
CA HIS C 210 -2.51 5.23 -13.13
C HIS C 210 -3.06 6.15 -14.21
N ILE C 211 -3.69 5.58 -15.21
CA ILE C 211 -4.39 6.35 -16.26
C ILE C 211 -5.82 5.82 -16.36
N THR C 212 -6.75 6.72 -16.57
CA THR C 212 -8.16 6.38 -16.85
C THR C 212 -8.87 7.65 -17.25
N ASN C 213 -9.84 7.49 -18.13
CA ASN C 213 -10.74 8.62 -18.51
C ASN C 213 -12.04 8.58 -17.72
N THR C 214 -12.11 7.84 -16.62
CA THR C 214 -13.35 7.64 -15.86
C THR C 214 -13.35 8.32 -14.50
N ALA C 215 -12.29 9.04 -14.17
CA ALA C 215 -12.08 9.62 -12.83
C ALA C 215 -12.18 11.13 -12.89
N THR C 216 -13.02 11.71 -12.05
CA THR C 216 -13.24 13.16 -11.99
C THR C 216 -12.98 13.64 -10.57
N THR C 217 -12.26 14.75 -10.43
CA THR C 217 -12.08 15.47 -9.17
C THR C 217 -13.01 16.69 -9.17
N VAL C 218 -13.79 16.81 -8.11
CA VAL C 218 -14.68 17.98 -7.92
C VAL C 218 -13.85 19.08 -7.26
N LEU C 219 -13.95 20.30 -7.78
CA LEU C 219 -13.12 21.44 -7.36
C LEU C 219 -13.89 22.39 -6.43
N LEU C 220 -15.14 22.06 -6.12
CA LEU C 220 -15.94 22.90 -5.22
C LEU C 220 -15.40 22.79 -3.80
N ASP C 221 -15.40 23.90 -3.09
CA ASP C 221 -15.07 23.92 -1.64
C ASP C 221 -16.30 23.48 -0.84
N GLU C 222 -16.19 23.56 0.49
CA GLU C 222 -17.25 23.06 1.41
C GLU C 222 -18.50 23.94 1.29
N PHE C 223 -18.42 25.10 0.62
CA PHE C 223 -19.55 26.02 0.40
C PHE C 223 -20.15 25.82 -0.99
N GLY C 224 -19.62 24.87 -1.74
CA GLY C 224 -20.11 24.59 -3.10
C GLY C 224 -19.54 25.54 -4.14
N VAL C 225 -18.40 26.17 -3.87
CA VAL C 225 -17.83 27.19 -4.78
C VAL C 225 -16.47 26.72 -5.30
N GLY C 226 -16.30 26.72 -6.61
CA GLY C 226 -15.03 26.39 -7.23
C GLY C 226 -14.17 27.63 -7.40
N PRO C 227 -12.93 27.45 -7.88
CA PRO C 227 -12.10 28.60 -8.25
C PRO C 227 -12.85 29.54 -9.21
N LEU C 228 -12.72 30.83 -8.95
CA LEU C 228 -13.38 31.88 -9.75
C LEU C 228 -12.32 32.62 -10.56
N CYS C 229 -12.49 32.64 -11.87
CA CYS C 229 -11.39 32.98 -12.80
C CYS C 229 -11.31 34.50 -13.00
N LYS C 230 -10.36 35.12 -12.32
CA LYS C 230 -10.19 36.58 -12.41
C LYS C 230 -9.75 36.95 -13.82
N GLY C 231 -10.40 37.95 -14.40
CA GLY C 231 -10.03 38.41 -15.76
C GLY C 231 -10.31 37.34 -16.81
N ASP C 232 -11.13 36.34 -16.52
CA ASP C 232 -11.47 35.27 -17.50
C ASP C 232 -10.20 34.52 -17.89
N ASN C 233 -9.35 34.26 -16.90
CA ASN C 233 -8.15 33.43 -17.08
C ASN C 233 -8.17 32.25 -16.10
N LEU C 234 -7.79 31.08 -16.59
CA LEU C 234 -7.66 29.86 -15.78
C LEU C 234 -6.18 29.51 -15.62
N TYR C 235 -5.72 29.29 -14.40
CA TYR C 235 -4.33 28.90 -14.15
C TYR C 235 -4.24 27.40 -13.85
N LEU C 236 -3.43 26.73 -14.65
CA LEU C 236 -3.10 25.30 -14.48
C LEU C 236 -1.62 25.19 -14.15
N SER C 237 -1.29 24.43 -13.12
CA SER C 237 0.12 24.25 -12.72
C SER C 237 0.37 22.77 -12.50
N ALA C 238 1.61 22.35 -12.73
CA ALA C 238 1.96 20.92 -12.62
C ALA C 238 3.44 20.73 -12.36
N VAL C 239 3.71 19.61 -11.70
CA VAL C 239 5.06 18.99 -11.69
C VAL C 239 4.85 17.49 -11.81
N ASP C 240 5.60 16.85 -12.70
CA ASP C 240 5.56 15.37 -12.82
C ASP C 240 6.99 14.88 -13.04
N VAL C 241 7.79 15.01 -11.98
CA VAL C 241 9.12 14.39 -11.90
C VAL C 241 8.87 12.92 -11.61
N CYS C 242 9.14 12.06 -12.58
CA CYS C 242 8.77 10.65 -12.47
C CYS C 242 9.82 9.83 -11.73
N GLY C 243 11.04 10.33 -11.65
CA GLY C 243 12.20 9.64 -11.08
C GLY C 243 13.40 10.04 -11.87
N MET C 244 14.47 9.26 -11.75
N MET C 244 14.38 9.15 -11.87
CA MET C 244 15.72 9.48 -12.53
CA MET C 244 15.70 9.35 -12.47
C MET C 244 15.95 8.32 -13.50
C MET C 244 15.97 8.28 -13.50
N PHE C 245 16.49 8.68 -14.65
CA PHE C 245 17.08 7.76 -15.62
C PHE C 245 18.56 7.61 -15.29
N THR C 246 19.02 6.36 -15.22
CA THR C 246 20.44 6.07 -15.00
C THR C 246 21.08 5.67 -16.33
N ASN C 247 22.05 6.45 -16.75
CA ASN C 247 22.86 6.14 -17.94
C ASN C 247 23.81 4.97 -17.66
N ARG C 248 24.30 4.36 -18.74
CA ARG C 248 25.33 3.28 -18.64
C ARG C 248 26.46 3.71 -17.67
N SER C 249 26.92 4.94 -17.75
CA SER C 249 28.06 5.45 -16.93
C SER C 249 27.73 5.49 -15.44
N GLY C 250 26.45 5.48 -15.10
CA GLY C 250 25.99 5.69 -13.72
C GLY C 250 25.43 7.07 -13.50
N SER C 251 25.69 8.03 -14.39
CA SER C 251 25.12 9.38 -14.22
C SER C 251 23.58 9.31 -14.28
N GLN C 252 22.94 10.23 -13.57
CA GLN C 252 21.48 10.17 -13.40
C GLN C 252 20.88 11.52 -13.78
N GLN C 253 19.75 11.45 -14.48
CA GLN C 253 19.00 12.64 -14.95
C GLN C 253 17.55 12.50 -14.49
N TRP C 254 16.98 13.58 -14.00
CA TRP C 254 15.52 13.59 -13.78
C TRP C 254 14.81 13.37 -15.12
N ARG C 255 13.71 12.65 -15.08
CA ARG C 255 12.83 12.47 -16.25
C ARG C 255 11.41 12.86 -15.85
N GLY C 256 10.82 13.75 -16.64
CA GLY C 256 9.45 14.21 -16.44
C GLY C 256 8.56 13.85 -17.60
N LEU C 257 7.25 13.96 -17.37
CA LEU C 257 6.22 13.71 -18.40
C LEU C 257 5.21 14.85 -18.35
N SER C 258 4.53 15.05 -19.45
CA SER C 258 3.43 16.02 -19.57
C SER C 258 2.22 15.58 -18.75
N ARG C 259 1.38 16.57 -18.43
CA ARG C 259 0.11 16.32 -17.72
C ARG C 259 -1.05 16.89 -18.52
N TYR C 260 -2.05 16.03 -18.66
CA TYR C 260 -3.31 16.43 -19.32
C TYR C 260 -4.24 17.03 -18.29
N PHE C 261 -4.93 18.10 -18.72
CA PHE C 261 -5.98 18.71 -17.87
C PHE C 261 -7.26 18.91 -18.68
N LYS C 262 -8.38 18.49 -18.09
CA LYS C 262 -9.70 18.83 -18.67
C LYS C 262 -10.50 19.46 -17.53
N VAL C 263 -10.84 20.74 -17.70
CA VAL C 263 -11.60 21.48 -16.66
C VAL C 263 -12.95 21.93 -17.22
N GLN C 264 -14.00 21.57 -16.50
CA GLN C 264 -15.36 22.07 -16.83
CA GLN C 264 -15.39 22.07 -16.80
C GLN C 264 -15.63 23.32 -15.94
N LEU C 265 -16.16 24.36 -16.60
CA LEU C 265 -16.44 25.63 -15.92
C LEU C 265 -17.88 26.05 -16.22
N ARG C 266 -18.42 26.81 -15.28
CA ARG C 266 -19.80 27.34 -15.42
C ARG C 266 -19.75 28.82 -15.06
N LYS C 267 -20.71 29.57 -15.61
CA LYS C 267 -20.80 31.01 -15.30
C LYS C 267 -21.47 31.19 -13.93
N ARG C 268 -20.83 31.99 -13.08
CA ARG C 268 -21.35 32.26 -11.72
C ARG C 268 -21.47 33.77 -11.55
N ARG C 269 -22.64 34.21 -11.06
CA ARG C 269 -22.80 35.65 -10.78
C ARG C 269 -22.18 35.96 -9.41
N VAL C 270 -21.47 37.06 -9.36
CA VAL C 270 -20.84 37.49 -8.09
C VAL C 270 -21.19 38.97 -7.85
N LYS C 271 -21.30 39.31 -6.59
CA LYS C 271 -21.58 40.71 -6.21
C LYS C 271 -20.25 41.33 -5.84
N GLU D 8 -28.06 12.45 -29.96
CA GLU D 8 -28.78 12.57 -28.68
C GLU D 8 -29.15 11.16 -28.23
N VAL D 9 -28.84 10.80 -27.00
CA VAL D 9 -29.16 9.45 -26.47
C VAL D 9 -30.58 9.50 -25.91
N LEU D 10 -31.43 8.57 -26.33
CA LEU D 10 -32.82 8.48 -25.86
C LEU D 10 -32.95 7.24 -24.97
N GLU D 11 -34.06 6.52 -25.03
CA GLU D 11 -34.35 5.48 -24.04
C GLU D 11 -33.67 4.17 -24.39
N VAL D 12 -33.46 3.37 -23.36
CA VAL D 12 -33.07 1.95 -23.46
C VAL D 12 -34.29 1.14 -23.89
N LYS D 13 -34.10 0.25 -24.86
N LYS D 13 -34.07 0.28 -24.88
CA LYS D 13 -35.14 -0.70 -25.33
CA LYS D 13 -35.04 -0.78 -25.26
C LYS D 13 -35.14 -1.91 -24.41
C LYS D 13 -35.13 -1.77 -24.12
N THR D 14 -36.23 -2.32 -23.98
CA THR D 14 -36.41 -3.42 -23.03
C THR D 14 -37.01 -4.64 -23.74
N GLY D 15 -37.12 -5.74 -23.01
CA GLY D 15 -37.75 -6.93 -23.59
C GLY D 15 -36.84 -7.99 -24.17
N ASP D 17 -34.38 -10.03 -26.34
CA ASP D 17 -33.25 -9.68 -27.21
C ASP D 17 -32.88 -8.20 -27.09
N SER D 18 -33.26 -7.52 -26.01
CA SER D 18 -32.74 -6.15 -25.79
C SER D 18 -31.35 -6.13 -25.16
N ILE D 19 -30.84 -7.29 -24.74
CA ILE D 19 -29.52 -7.40 -24.08
C ILE D 19 -28.72 -8.47 -24.79
N THR D 20 -27.40 -8.30 -24.77
CA THR D 20 -26.48 -9.32 -25.29
C THR D 20 -25.19 -9.28 -24.46
N GLU D 21 -24.40 -10.33 -24.58
CA GLU D 21 -23.13 -10.48 -23.85
C GLU D 21 -22.04 -10.81 -24.86
N VAL D 22 -20.87 -10.24 -24.62
CA VAL D 22 -19.63 -10.63 -25.33
C VAL D 22 -18.69 -11.23 -24.28
N GLU D 23 -18.13 -12.39 -24.59
N GLU D 23 -18.18 -12.41 -24.59
CA GLU D 23 -17.13 -13.01 -23.72
CA GLU D 23 -17.11 -13.06 -23.80
C GLU D 23 -15.99 -13.48 -24.61
C GLU D 23 -15.97 -13.35 -24.74
N CYS D 24 -14.76 -13.05 -24.31
CA CYS D 24 -13.60 -13.47 -25.08
C CYS D 24 -12.32 -13.26 -24.30
N PHE D 25 -11.24 -13.66 -24.92
CA PHE D 25 -9.94 -13.38 -24.33
C PHE D 25 -9.07 -12.77 -25.39
N LEU D 26 -8.17 -11.91 -24.94
N LEU D 26 -8.17 -11.91 -24.93
CA LEU D 26 -7.14 -11.30 -25.81
CA LEU D 26 -7.12 -11.30 -25.77
C LEU D 26 -5.79 -11.86 -25.37
C LEU D 26 -5.80 -11.90 -25.36
N THR D 27 -5.06 -12.42 -26.32
CA THR D 27 -3.71 -12.94 -26.05
C THR D 27 -2.75 -11.78 -26.01
N PRO D 28 -1.65 -11.93 -25.24
CA PRO D 28 -0.65 -10.89 -25.17
C PRO D 28 0.24 -10.96 -26.42
N GLU D 29 0.84 -9.82 -26.75
CA GLU D 29 1.71 -9.72 -27.93
C GLU D 29 3.04 -9.16 -27.49
N MET D 30 3.89 -10.03 -26.95
CA MET D 30 5.15 -9.62 -26.28
C MET D 30 6.32 -9.64 -27.25
N GLY D 31 6.17 -10.25 -28.42
CA GLY D 31 7.25 -10.29 -29.42
C GLY D 31 7.49 -11.68 -30.01
N ASP D 32 7.33 -12.73 -29.20
CA ASP D 32 7.33 -14.14 -29.66
C ASP D 32 8.56 -14.43 -30.51
N PRO D 33 9.77 -14.44 -29.89
CA PRO D 33 11.00 -14.47 -30.65
C PRO D 33 11.35 -15.80 -31.33
N ASP D 34 10.72 -16.89 -30.91
CA ASP D 34 10.84 -18.17 -31.63
C ASP D 34 9.60 -19.02 -31.37
N GLU D 35 9.58 -20.21 -31.98
N GLU D 35 9.57 -20.20 -31.98
CA GLU D 35 8.39 -21.09 -32.02
CA GLU D 35 8.37 -21.07 -32.01
C GLU D 35 8.08 -21.67 -30.65
C GLU D 35 8.07 -21.66 -30.64
N HIS D 36 8.93 -21.44 -29.65
CA HIS D 36 8.72 -21.98 -28.29
C HIS D 36 8.36 -20.88 -27.31
N LEU D 37 8.34 -19.62 -27.74
CA LEU D 37 8.39 -18.48 -26.78
C LEU D 37 7.20 -17.52 -26.96
N ARG D 38 6.06 -18.07 -27.35
CA ARG D 38 4.79 -17.32 -27.31
C ARG D 38 4.56 -16.80 -25.89
N GLY D 39 4.29 -15.50 -25.77
CA GLY D 39 4.04 -14.84 -24.49
C GLY D 39 5.27 -14.17 -23.91
N PHE D 40 6.41 -14.36 -24.54
CA PHE D 40 7.68 -13.75 -24.12
C PHE D 40 8.18 -12.83 -25.22
N SER D 41 8.97 -11.84 -24.84
CA SER D 41 9.78 -11.06 -25.82
C SER D 41 11.11 -11.74 -26.09
N LYS D 42 11.78 -11.26 -27.13
CA LYS D 42 13.23 -11.43 -27.28
C LYS D 42 13.91 -10.87 -26.02
N SER D 43 15.04 -11.43 -25.64
CA SER D 43 15.79 -10.82 -24.53
CA SER D 43 15.88 -10.85 -24.57
C SER D 43 16.21 -9.39 -24.90
N ILE D 44 16.29 -8.58 -23.87
CA ILE D 44 16.54 -7.13 -24.02
CA ILE D 44 16.52 -7.14 -24.06
C ILE D 44 18.02 -6.92 -24.27
N SER D 45 18.36 -6.18 -25.32
N SER D 45 18.39 -6.17 -25.29
N SER D 45 18.38 -6.26 -25.34
CA SER D 45 19.73 -5.69 -25.63
CA SER D 45 19.77 -5.71 -25.51
CA SER D 45 19.73 -5.70 -25.56
C SER D 45 19.76 -4.17 -25.44
C SER D 45 19.79 -4.19 -25.46
C SER D 45 19.71 -4.20 -25.27
N ILE D 46 20.85 -3.65 -24.88
CA ILE D 46 21.02 -2.21 -24.61
C ILE D 46 21.90 -1.61 -25.68
N SER D 47 21.47 -0.50 -26.26
CA SER D 47 22.27 0.21 -27.28
C SER D 47 23.57 0.75 -26.66
N ASP D 48 24.59 0.91 -27.51
CA ASP D 48 25.93 1.34 -27.08
C ASP D 48 25.97 2.85 -26.82
N THR D 49 25.04 3.59 -27.40
CA THR D 49 24.88 5.04 -27.21
C THR D 49 23.39 5.36 -27.13
N PHE D 50 23.06 6.49 -26.54
CA PHE D 50 21.64 6.90 -26.43
C PHE D 50 21.07 7.08 -27.84
N GLU D 51 21.81 7.74 -28.74
CA GLU D 51 21.40 8.12 -30.12
CA GLU D 51 21.24 8.09 -30.05
C GLU D 51 21.13 6.86 -30.95
N SER D 52 21.80 5.74 -30.63
CA SER D 52 21.75 4.53 -31.49
C SER D 52 20.71 3.50 -31.03
N ASP D 53 19.85 3.88 -30.10
CA ASP D 53 18.75 2.98 -29.66
C ASP D 53 18.01 2.45 -30.90
N SER D 54 17.88 1.13 -31.04
N SER D 54 17.81 1.14 -30.98
N SER D 54 17.94 1.13 -31.04
CA SER D 54 17.29 0.50 -32.24
CA SER D 54 17.30 0.50 -32.20
CA SER D 54 17.37 0.45 -32.23
C SER D 54 16.73 -0.87 -31.87
C SER D 54 16.72 -0.88 -31.87
C SER D 54 16.77 -0.90 -31.80
N PRO D 55 15.62 -0.91 -31.09
CA PRO D 55 15.06 -2.19 -30.65
C PRO D 55 14.57 -3.04 -31.81
N ASN D 56 14.84 -4.34 -31.75
CA ASN D 56 14.25 -5.29 -32.69
C ASN D 56 12.75 -5.44 -32.44
N ARG D 57 12.02 -5.75 -33.50
CA ARG D 57 10.57 -5.89 -33.40
C ARG D 57 10.18 -6.89 -32.32
N ASP D 58 10.84 -8.04 -32.27
N ASP D 58 10.88 -8.02 -32.26
CA ASP D 58 10.44 -9.14 -31.35
CA ASP D 58 10.55 -9.12 -31.31
C ASP D 58 10.90 -8.83 -29.91
C ASP D 58 10.87 -8.74 -29.87
N MET D 59 11.52 -7.67 -29.66
N MET D 59 11.57 -7.64 -29.63
CA MET D 59 11.86 -7.18 -28.31
CA MET D 59 11.87 -7.17 -28.26
C MET D 59 10.75 -6.30 -27.73
C MET D 59 10.86 -6.13 -27.78
N LEU D 60 9.84 -5.82 -28.57
CA LEU D 60 8.85 -4.77 -28.22
C LEU D 60 7.46 -5.35 -28.00
N PRO D 61 7.00 -5.39 -26.74
CA PRO D 61 5.60 -5.67 -26.51
C PRO D 61 4.71 -4.66 -27.24
N CYS D 62 3.55 -5.14 -27.70
CA CYS D 62 2.58 -4.33 -28.43
C CYS D 62 1.23 -4.40 -27.72
N TYR D 63 0.39 -3.41 -28.01
CA TYR D 63 -1.02 -3.44 -27.59
C TYR D 63 -1.75 -4.59 -28.29
N SER D 64 -2.65 -5.23 -27.56
CA SER D 64 -3.61 -6.20 -28.11
C SER D 64 -4.94 -5.52 -28.38
N VAL D 65 -5.61 -5.95 -29.44
CA VAL D 65 -6.95 -5.43 -29.77
C VAL D 65 -7.77 -6.54 -30.42
N ALA D 66 -9.06 -6.54 -30.12
CA ALA D 66 -10.05 -7.36 -30.84
C ALA D 66 -11.25 -6.48 -31.12
N ARG D 67 -11.78 -6.65 -32.32
CA ARG D 67 -13.04 -6.03 -32.73
C ARG D 67 -14.06 -7.14 -32.85
N ILE D 68 -15.13 -7.05 -32.06
CA ILE D 68 -16.11 -8.15 -31.94
C ILE D 68 -17.41 -7.70 -32.59
N PRO D 69 -17.92 -8.42 -33.60
CA PRO D 69 -19.21 -8.08 -34.18
C PRO D 69 -20.34 -8.46 -33.23
N LEU D 70 -21.31 -7.57 -33.15
CA LEU D 70 -22.50 -7.73 -32.29
C LEU D 70 -23.70 -8.08 -33.17
N PRO D 71 -24.83 -8.48 -32.57
CA PRO D 71 -26.02 -8.75 -33.38
C PRO D 71 -26.38 -7.51 -34.20
N ASN D 72 -26.64 -7.72 -35.49
N ASN D 72 -26.66 -7.73 -35.48
CA ASN D 72 -26.88 -6.60 -36.43
CA ASN D 72 -26.95 -6.65 -36.44
C ASN D 72 -28.16 -5.86 -36.05
C ASN D 72 -28.18 -5.87 -35.98
N LEU D 73 -28.07 -4.54 -35.98
CA LEU D 73 -29.21 -3.68 -35.70
C LEU D 73 -29.62 -2.90 -36.96
N ASN D 74 -30.80 -2.29 -36.90
CA ASN D 74 -31.27 -1.34 -37.93
C ASN D 74 -31.33 -2.01 -39.30
N GLU D 75 -31.91 -3.20 -39.39
CA GLU D 75 -32.07 -3.90 -40.68
C GLU D 75 -33.04 -3.14 -41.59
N ASP D 76 -34.02 -2.46 -41.00
CA ASP D 76 -35.03 -1.70 -41.77
C ASP D 76 -34.70 -0.22 -41.72
N LEU D 77 -35.05 0.50 -42.76
CA LEU D 77 -34.89 1.96 -42.82
C LEU D 77 -35.60 2.60 -41.60
N THR D 78 -34.93 3.50 -40.91
CA THR D 78 -35.48 4.25 -39.75
C THR D 78 -35.34 5.73 -40.06
N CYS D 79 -36.22 6.50 -39.44
CA CYS D 79 -36.33 7.93 -39.74
C CYS D 79 -35.87 8.75 -38.52
N GLY D 80 -34.64 9.25 -38.57
CA GLY D 80 -34.08 10.18 -37.57
C GLY D 80 -33.51 9.51 -36.33
N ASN D 81 -33.64 8.19 -36.20
CA ASN D 81 -33.26 7.46 -34.97
C ASN D 81 -32.70 6.11 -35.42
N ILE D 82 -31.77 5.59 -34.65
CA ILE D 82 -31.31 4.20 -34.80
C ILE D 82 -31.20 3.58 -33.41
N LEU D 83 -30.98 2.28 -33.39
CA LEU D 83 -30.54 1.57 -32.18
C LEU D 83 -29.03 1.36 -32.24
N MET D 84 -28.41 1.44 -31.09
CA MET D 84 -26.99 1.09 -30.92
C MET D 84 -26.85 0.21 -29.70
N TRP D 85 -25.94 -0.75 -29.77
CA TRP D 85 -25.55 -1.48 -28.56
C TRP D 85 -24.71 -0.56 -27.67
N GLU D 86 -25.07 -0.54 -26.40
CA GLU D 86 -24.44 0.27 -25.36
C GLU D 86 -23.78 -0.69 -24.37
N ALA D 87 -22.46 -0.55 -24.20
CA ALA D 87 -21.72 -1.39 -23.24
C ALA D 87 -21.94 -0.84 -21.83
N VAL D 88 -22.43 -1.70 -20.94
CA VAL D 88 -22.86 -1.26 -19.60
C VAL D 88 -21.91 -1.74 -18.51
N THR D 89 -21.50 -3.01 -18.56
CA THR D 89 -20.65 -3.57 -17.52
C THR D 89 -19.52 -4.38 -18.14
N LEU D 90 -18.45 -4.49 -17.36
CA LEU D 90 -17.25 -5.31 -17.70
C LEU D 90 -16.85 -6.16 -16.49
N LYS D 91 -16.59 -7.43 -16.77
CA LYS D 91 -15.79 -8.29 -15.87
C LYS D 91 -14.50 -8.63 -16.61
N THR D 92 -13.37 -8.51 -15.94
CA THR D 92 -12.09 -8.75 -16.59
C THR D 92 -11.12 -9.34 -15.58
N GLU D 93 -10.19 -10.17 -16.03
N GLU D 93 -10.20 -10.17 -16.12
CA GLU D 93 -9.01 -10.46 -15.19
CA GLU D 93 -9.33 -11.09 -15.37
C GLU D 93 -8.00 -11.08 -16.13
C GLU D 93 -8.04 -11.36 -16.16
N VAL D 94 -6.85 -11.27 -15.54
CA VAL D 94 -5.65 -11.84 -16.16
C VAL D 94 -5.74 -13.35 -16.03
N ILE D 95 -5.50 -14.05 -17.13
CA ILE D 95 -5.67 -15.52 -17.21
C ILE D 95 -4.29 -16.18 -17.08
N GLY D 96 -4.16 -17.04 -16.09
CA GLY D 96 -2.92 -17.81 -15.93
C GLY D 96 -1.98 -17.23 -14.91
N VAL D 97 -2.48 -16.56 -13.89
CA VAL D 97 -1.59 -15.89 -12.92
C VAL D 97 -0.69 -16.91 -12.21
N THR D 98 -1.17 -18.12 -11.96
CA THR D 98 -0.37 -19.12 -11.24
C THR D 98 0.82 -19.62 -12.05
N SER D 99 0.86 -19.39 -13.35
CA SER D 99 2.00 -19.84 -14.17
C SER D 99 3.28 -19.19 -13.67
N LEU D 100 3.17 -18.04 -13.03
CA LEU D 100 4.35 -17.32 -12.53
C LEU D 100 4.98 -18.06 -11.35
N MET D 101 4.34 -19.13 -10.86
CA MET D 101 4.99 -19.97 -9.84
C MET D 101 6.02 -20.94 -10.43
N ASN D 102 6.20 -20.98 -11.75
CA ASN D 102 7.28 -21.81 -12.34
C ASN D 102 8.62 -21.08 -12.19
N VAL D 103 9.26 -21.34 -11.07
CA VAL D 103 10.62 -20.83 -10.70
C VAL D 103 11.62 -21.99 -10.80
N HIS D 104 11.31 -23.00 -11.60
CA HIS D 104 12.11 -24.26 -11.65
C HIS D 104 12.63 -24.57 -13.04
N SER D 105 12.77 -23.60 -13.91
CA SER D 105 13.33 -23.90 -15.25
C SER D 105 13.94 -22.67 -15.92
N ASN D 106 15.19 -22.80 -16.32
CA ASN D 106 15.85 -21.91 -17.31
C ASN D 106 16.23 -20.58 -16.64
N GLY D 107 16.02 -20.46 -15.34
CA GLY D 107 16.22 -19.19 -14.65
C GLY D 107 17.54 -19.06 -13.94
N GLN D 108 17.71 -17.91 -13.36
CA GLN D 108 18.88 -17.56 -12.52
C GLN D 108 18.49 -17.69 -11.05
N ALA D 109 19.26 -18.43 -10.28
CA ALA D 109 18.99 -18.62 -8.84
C ALA D 109 18.98 -17.26 -8.16
N THR D 110 18.09 -17.08 -7.19
CA THR D 110 18.03 -15.81 -6.42
C THR D 110 19.26 -15.67 -5.54
N HIS D 111 19.83 -16.79 -5.11
CA HIS D 111 21.02 -16.89 -4.25
C HIS D 111 21.54 -18.31 -4.38
N ASP D 112 22.71 -18.59 -3.86
CA ASP D 112 23.31 -19.94 -4.01
C ASP D 112 22.33 -20.98 -3.45
N ASN D 113 21.98 -21.95 -4.29
CA ASN D 113 21.12 -23.12 -3.99
C ASN D 113 19.63 -22.74 -3.95
N GLY D 114 19.29 -21.49 -4.22
CA GLY D 114 17.90 -21.04 -4.20
C GLY D 114 17.12 -21.37 -5.45
N ALA D 115 15.82 -21.07 -5.36
CA ALA D 115 14.91 -21.20 -6.50
C ALA D 115 15.24 -20.13 -7.55
N GLY D 116 14.65 -20.28 -8.72
CA GLY D 116 14.84 -19.29 -9.78
C GLY D 116 14.16 -17.98 -9.44
N LYS D 117 14.74 -16.89 -9.90
CA LYS D 117 14.05 -15.59 -9.81
C LYS D 117 12.72 -15.65 -10.52
N PRO D 118 11.64 -15.14 -9.90
CA PRO D 118 10.36 -15.11 -10.58
C PRO D 118 10.29 -13.92 -11.54
N VAL D 119 9.25 -13.92 -12.34
CA VAL D 119 8.90 -12.74 -13.17
C VAL D 119 8.65 -11.55 -12.25
N GLN D 120 9.34 -10.46 -12.51
CA GLN D 120 9.24 -9.25 -11.67
C GLN D 120 9.80 -8.08 -12.46
N GLY D 121 9.65 -6.92 -11.88
CA GLY D 121 10.07 -5.69 -12.55
C GLY D 121 8.91 -5.00 -13.25
N THR D 122 9.21 -4.07 -14.13
CA THR D 122 8.22 -3.16 -14.70
C THR D 122 7.04 -3.95 -15.26
N SER D 123 5.84 -3.49 -14.90
CA SER D 123 4.59 -4.05 -15.44
C SER D 123 3.71 -2.95 -16.00
N PHE D 124 2.90 -3.33 -16.99
CA PHE D 124 1.84 -2.45 -17.48
C PHE D 124 0.62 -3.31 -17.67
N HIS D 125 -0.43 -2.99 -16.92
CA HIS D 125 -1.73 -3.69 -17.00
C HIS D 125 -2.78 -2.67 -17.41
N PHE D 126 -3.40 -2.94 -18.54
CA PHE D 126 -4.24 -1.97 -19.22
C PHE D 126 -5.38 -2.70 -19.90
N PHE D 127 -6.57 -2.11 -19.84
CA PHE D 127 -7.70 -2.61 -20.64
C PHE D 127 -8.63 -1.46 -20.97
N SER D 128 -9.31 -1.65 -22.08
CA SER D 128 -10.33 -0.66 -22.52
C SER D 128 -11.45 -1.37 -23.25
N VAL D 129 -12.62 -0.73 -23.17
CA VAL D 129 -13.85 -1.15 -23.85
C VAL D 129 -14.42 0.08 -24.56
N GLY D 130 -14.64 -0.03 -25.85
CA GLY D 130 -15.17 1.11 -26.58
C GLY D 130 -16.03 0.73 -27.76
N GLY D 131 -16.74 1.73 -28.25
CA GLY D 131 -17.64 1.57 -29.40
C GLY D 131 -16.97 1.89 -30.72
N GLU D 132 -15.65 1.99 -30.72
CA GLU D 132 -14.76 2.35 -31.82
C GLU D 132 -13.34 2.10 -31.35
N ALA D 133 -12.37 2.17 -32.26
CA ALA D 133 -10.98 1.89 -31.89
C ALA D 133 -10.52 2.85 -30.80
N LEU D 134 -9.66 2.34 -29.93
CA LEU D 134 -8.97 3.17 -28.93
C LEU D 134 -8.11 4.20 -29.67
N GLU D 135 -8.20 5.45 -29.25
CA GLU D 135 -7.40 6.53 -29.85
C GLU D 135 -6.11 6.69 -29.04
N LEU D 136 -5.00 6.77 -29.76
CA LEU D 136 -3.66 6.77 -29.16
C LEU D 136 -2.97 8.11 -29.40
N GLN D 137 -2.12 8.47 -28.44
CA GLN D 137 -1.17 9.59 -28.52
C GLN D 137 0.24 9.00 -28.34
N GLY D 138 1.15 9.39 -29.19
CA GLY D 138 2.53 8.90 -29.10
C GLY D 138 3.35 9.76 -28.16
N VAL D 139 4.15 9.13 -27.32
CA VAL D 139 5.17 9.79 -26.46
C VAL D 139 6.39 8.87 -26.48
N LEU D 140 7.54 9.42 -26.81
CA LEU D 140 8.77 8.62 -26.94
C LEU D 140 9.69 8.88 -25.76
N PHE D 141 10.29 7.82 -25.25
CA PHE D 141 11.34 8.00 -24.22
C PHE D 141 12.51 8.79 -24.83
N ASN D 142 12.85 8.39 -26.06
CA ASN D 142 14.03 8.92 -26.79
C ASN D 142 13.57 9.13 -28.24
N TYR D 143 13.57 10.39 -28.67
CA TYR D 143 13.03 10.66 -30.02
C TYR D 143 13.94 10.10 -31.12
N ARG D 144 15.19 9.78 -30.78
CA ARG D 144 16.20 9.27 -31.76
C ARG D 144 16.15 7.74 -31.82
N THR D 145 15.28 7.09 -31.07
CA THR D 145 15.12 5.63 -31.21
C THR D 145 14.72 5.30 -32.65
N LYS D 146 15.35 4.31 -33.25
CA LYS D 146 14.91 3.76 -34.55
C LYS D 146 13.95 2.62 -34.24
N TYR D 147 12.67 2.80 -34.52
CA TYR D 147 11.67 1.73 -34.34
C TYR D 147 11.67 0.85 -35.58
N PRO D 148 11.39 -0.44 -35.41
CA PRO D 148 11.62 -1.38 -36.49
C PRO D 148 10.46 -1.53 -37.47
N ASP D 149 10.82 -1.93 -38.66
CA ASP D 149 9.85 -2.33 -39.68
C ASP D 149 8.88 -3.37 -39.10
N GLY D 150 7.60 -3.21 -39.42
CA GLY D 150 6.54 -4.11 -38.95
C GLY D 150 5.80 -3.52 -37.76
N THR D 151 6.34 -2.47 -37.16
CA THR D 151 5.64 -1.75 -36.07
C THR D 151 5.09 -0.43 -36.63
N ILE D 152 4.03 0.04 -35.97
CA ILE D 152 3.44 1.36 -36.26
C ILE D 152 3.81 2.23 -35.08
N PHE D 153 4.61 3.24 -35.36
CA PHE D 153 5.24 4.09 -34.34
C PHE D 153 5.10 5.54 -34.72
N PRO D 154 5.34 6.44 -33.75
CA PRO D 154 5.30 7.88 -34.02
C PRO D 154 6.31 8.26 -35.10
N LYS D 155 5.81 8.87 -36.18
CA LYS D 155 6.61 9.22 -37.36
C LYS D 155 7.01 10.70 -37.30
N ASN D 156 8.06 11.07 -38.03
CA ASN D 156 8.54 12.47 -38.05
C ASN D 156 8.82 12.90 -36.61
N ALA D 157 9.41 12.03 -35.81
CA ALA D 157 9.72 12.36 -34.41
C ALA D 157 10.68 13.54 -34.34
N THR D 158 10.47 14.37 -33.33
CA THR D 158 11.32 15.52 -32.99
C THR D 158 11.60 15.46 -31.50
N VAL D 159 12.45 16.35 -31.02
CA VAL D 159 12.74 16.32 -29.58
C VAL D 159 11.45 16.56 -28.79
N GLN D 160 10.51 17.31 -29.33
N GLN D 160 10.51 17.29 -29.35
CA GLN D 160 9.26 17.56 -28.59
CA GLN D 160 9.23 17.58 -28.63
C GLN D 160 8.48 16.26 -28.42
C GLN D 160 8.43 16.27 -28.44
N SER D 161 8.73 15.25 -29.24
CA SER D 161 8.07 13.94 -29.11
C SER D 161 8.38 13.30 -27.75
N GLN D 162 9.47 13.70 -27.10
CA GLN D 162 9.83 13.18 -25.75
C GLN D 162 8.90 13.68 -24.66
N VAL D 163 8.11 14.71 -24.95
CA VAL D 163 7.15 15.26 -23.95
C VAL D 163 5.72 15.38 -24.48
N MET D 164 5.52 15.98 -25.66
N MET D 164 5.55 16.00 -25.65
CA MET D 164 4.17 15.97 -26.29
CA MET D 164 4.23 16.08 -26.29
C MET D 164 4.24 16.62 -27.66
C MET D 164 4.43 16.62 -27.71
N ASN D 165 4.12 15.78 -28.68
CA ASN D 165 4.04 16.22 -30.08
C ASN D 165 2.67 15.77 -30.57
N THR D 166 1.78 16.72 -30.78
CA THR D 166 0.37 16.45 -31.13
C THR D 166 0.22 15.86 -32.54
N GLU D 167 1.30 15.79 -33.33
N GLU D 167 1.30 15.76 -33.33
CA GLU D 167 1.28 15.06 -34.62
CA GLU D 167 1.24 15.07 -34.64
C GLU D 167 0.94 13.60 -34.37
C GLU D 167 1.09 13.56 -34.43
N HIS D 168 1.43 13.03 -33.26
CA HIS D 168 1.45 11.57 -33.06
C HIS D 168 0.08 11.05 -32.58
N LYS D 169 -0.88 11.05 -33.51
CA LYS D 169 -2.23 10.53 -33.27
C LYS D 169 -2.41 9.25 -34.07
N ALA D 170 -3.00 8.25 -33.45
CA ALA D 170 -3.25 6.98 -34.12
C ALA D 170 -4.50 6.32 -33.54
N TYR D 171 -4.93 5.27 -34.19
CA TYR D 171 -5.97 4.35 -33.73
C TYR D 171 -5.38 2.99 -33.48
N LEU D 172 -5.78 2.35 -32.38
CA LEU D 172 -5.36 0.98 -32.12
C LEU D 172 -6.22 0.08 -32.99
N ASP D 173 -5.75 -0.13 -34.22
CA ASP D 173 -6.58 -0.78 -35.26
C ASP D 173 -5.83 -1.93 -35.91
N LYS D 174 -4.77 -2.38 -35.25
CA LYS D 174 -4.00 -3.53 -35.76
C LYS D 174 -3.33 -4.21 -34.57
N ASN D 175 -3.41 -5.53 -34.57
CA ASN D 175 -2.74 -6.32 -33.52
C ASN D 175 -1.26 -6.49 -33.87
N LYS D 176 -0.39 -6.78 -32.92
N LYS D 176 -0.45 -6.75 -32.83
CA LYS D 176 1.07 -7.03 -33.11
CA LYS D 176 1.01 -7.01 -33.03
C LYS D 176 1.73 -5.88 -33.85
C LYS D 176 1.68 -5.90 -33.83
N ALA D 177 1.30 -4.64 -33.57
CA ALA D 177 1.82 -3.52 -34.35
C ALA D 177 2.20 -2.26 -33.57
N TYR D 178 1.38 -1.88 -32.59
CA TYR D 178 1.60 -0.60 -31.88
C TYR D 178 2.42 -0.88 -30.62
N PRO D 179 3.71 -0.51 -30.58
CA PRO D 179 4.50 -0.85 -29.39
C PRO D 179 3.96 -0.14 -28.15
N VAL D 180 3.95 -0.87 -27.05
CA VAL D 180 3.47 -0.32 -25.77
C VAL D 180 4.29 0.93 -25.43
N GLU D 181 5.61 0.88 -25.61
CA GLU D 181 6.47 1.97 -25.10
C GLU D 181 6.30 3.29 -25.87
N CYS D 182 5.65 3.26 -27.03
CA CYS D 182 5.51 4.41 -27.94
C CYS D 182 4.17 5.13 -27.78
N TRP D 183 3.17 4.46 -27.22
CA TRP D 183 1.76 4.93 -27.34
C TRP D 183 1.06 4.83 -26.01
N VAL D 184 0.16 5.78 -25.79
CA VAL D 184 -0.78 5.74 -24.65
C VAL D 184 -2.15 6.11 -25.16
N PRO D 185 -3.20 5.79 -24.40
CA PRO D 185 -4.51 6.35 -24.72
C PRO D 185 -4.44 7.87 -24.78
N ASP D 186 -5.09 8.44 -25.78
CA ASP D 186 -5.13 9.90 -25.97
C ASP D 186 -6.25 10.46 -25.09
N PRO D 187 -5.91 11.18 -24.00
CA PRO D 187 -6.95 11.68 -23.11
C PRO D 187 -7.79 12.81 -23.74
N THR D 188 -7.31 13.39 -24.83
CA THR D 188 -8.05 14.47 -25.52
C THR D 188 -9.12 13.91 -26.43
N ARG D 189 -9.13 12.59 -26.58
N ARG D 189 -9.13 12.58 -26.59
CA ARG D 189 -10.18 11.92 -27.39
CA ARG D 189 -10.18 11.92 -27.39
C ARG D 189 -10.80 10.80 -26.54
C ARG D 189 -10.80 10.80 -26.54
N ASN D 190 -11.16 9.68 -27.15
CA ASN D 190 -11.72 8.53 -26.40
C ASN D 190 -13.02 8.85 -25.66
N GLU D 191 -13.86 9.72 -26.19
CA GLU D 191 -15.18 9.97 -25.57
C GLU D 191 -16.03 8.71 -25.52
N ASN D 192 -15.84 7.80 -26.47
CA ASN D 192 -16.71 6.63 -26.67
C ASN D 192 -15.97 5.35 -26.27
N THR D 193 -14.98 5.48 -25.39
CA THR D 193 -14.20 4.36 -24.81
C THR D 193 -14.07 4.61 -23.32
N ARG D 194 -13.97 3.54 -22.56
CA ARG D 194 -13.56 3.61 -21.14
C ARG D 194 -12.24 2.87 -21.04
N TYR D 195 -11.19 3.51 -20.55
CA TYR D 195 -9.86 2.87 -20.45
C TYR D 195 -9.34 2.99 -19.03
N PHE D 196 -8.47 2.02 -18.68
CA PHE D 196 -7.91 1.85 -17.33
C PHE D 196 -6.52 1.26 -17.46
N GLY D 197 -5.51 1.88 -16.88
CA GLY D 197 -4.18 1.27 -16.90
C GLY D 197 -3.36 1.67 -15.70
N THR D 198 -2.37 0.84 -15.38
CA THR D 198 -1.39 1.11 -14.33
C THR D 198 -0.01 0.66 -14.81
N LEU D 199 0.91 1.62 -14.85
N LEU D 199 0.94 1.59 -14.77
CA LEU D 199 2.35 1.32 -14.91
CA LEU D 199 2.39 1.36 -14.99
C LEU D 199 2.88 1.18 -13.49
C LEU D 199 3.05 1.26 -13.62
N THR D 200 3.57 0.08 -13.26
CA THR D 200 4.36 -0.10 -12.04
C THR D 200 5.80 -0.28 -12.49
N GLY D 201 6.66 0.73 -12.31
N GLY D 201 6.69 0.69 -12.22
CA GLY D 201 8.07 0.68 -12.72
CA GLY D 201 8.07 0.69 -12.74
C GLY D 201 8.93 -0.08 -11.74
C GLY D 201 9.14 0.37 -11.70
N GLY D 202 10.19 -0.30 -12.11
CA GLY D 202 11.26 -0.68 -11.18
C GLY D 202 11.72 -2.08 -11.47
N GLU D 203 13.01 -2.40 -11.36
CA GLU D 203 13.50 -3.74 -11.83
C GLU D 203 13.07 -4.84 -10.86
N ASN D 204 12.71 -4.51 -9.63
CA ASN D 204 12.45 -5.56 -8.63
C ASN D 204 10.98 -5.57 -8.24
N VAL D 205 10.13 -4.78 -8.88
CA VAL D 205 8.72 -4.73 -8.39
C VAL D 205 8.10 -6.11 -8.53
N PRO D 206 7.34 -6.54 -7.49
CA PRO D 206 6.69 -7.83 -7.48
C PRO D 206 5.33 -7.78 -8.16
N PRO D 207 4.99 -8.73 -9.06
CA PRO D 207 3.62 -8.76 -9.53
C PRO D 207 2.63 -8.92 -8.36
N VAL D 208 1.50 -8.23 -8.45
CA VAL D 208 0.33 -8.45 -7.56
C VAL D 208 -0.88 -8.59 -8.45
N LEU D 209 -1.36 -9.81 -8.61
CA LEU D 209 -2.40 -10.14 -9.58
C LEU D 209 -3.59 -10.76 -8.83
N HIS D 210 -4.72 -10.09 -8.91
CA HIS D 210 -5.96 -10.53 -8.26
C HIS D 210 -6.89 -11.16 -9.30
N ILE D 211 -7.54 -12.23 -8.91
CA ILE D 211 -8.57 -12.88 -9.74
C ILE D 211 -9.83 -13.04 -8.90
N THR D 212 -10.96 -12.86 -9.55
CA THR D 212 -12.29 -13.12 -8.94
C THR D 212 -13.33 -13.00 -10.02
N ASN D 213 -14.39 -13.77 -9.88
CA ASN D 213 -15.54 -13.65 -10.79
C ASN D 213 -16.65 -12.84 -10.13
N THR D 214 -16.35 -12.07 -9.10
CA THR D 214 -17.38 -11.35 -8.33
C THR D 214 -17.28 -9.83 -8.53
N ALA D 215 -16.35 -9.34 -9.33
CA ALA D 215 -16.09 -7.91 -9.47
C ALA D 215 -16.56 -7.43 -10.82
N THR D 216 -17.37 -6.37 -10.82
CA THR D 216 -17.89 -5.76 -12.06
C THR D 216 -17.48 -4.27 -12.10
N THR D 217 -17.04 -3.82 -13.25
CA THR D 217 -16.82 -2.39 -13.52
C THR D 217 -18.00 -1.87 -14.35
N VAL D 218 -18.61 -0.79 -13.90
CA VAL D 218 -19.70 -0.15 -14.65
C VAL D 218 -19.07 0.83 -15.65
N LEU D 219 -19.54 0.79 -16.89
CA LEU D 219 -18.94 1.53 -18.01
C LEU D 219 -19.71 2.80 -18.35
N LEU D 220 -20.77 3.07 -17.59
CA LEU D 220 -21.59 4.27 -17.79
C LEU D 220 -20.79 5.51 -17.38
N ASP D 221 -20.93 6.57 -18.16
CA ASP D 221 -20.36 7.90 -17.79
C ASP D 221 -21.29 8.60 -16.78
N GLU D 222 -21.00 9.85 -16.48
CA GLU D 222 -21.74 10.60 -15.44
C GLU D 222 -23.16 10.93 -15.90
N PHE D 223 -23.47 10.73 -17.19
CA PHE D 223 -24.83 10.94 -17.75
C PHE D 223 -25.58 9.61 -17.83
N GLY D 224 -24.96 8.52 -17.40
CA GLY D 224 -25.61 7.20 -17.45
C GLY D 224 -25.47 6.53 -18.81
N VAL D 225 -24.46 6.91 -19.61
CA VAL D 225 -24.33 6.39 -20.99
C VAL D 225 -23.02 5.61 -21.11
N GLY D 226 -23.10 4.39 -21.60
CA GLY D 226 -21.89 3.62 -21.87
C GLY D 226 -21.40 3.83 -23.29
N PRO D 227 -20.26 3.23 -23.64
CA PRO D 227 -19.83 3.22 -25.02
C PRO D 227 -20.93 2.73 -25.97
N LEU D 228 -21.08 3.42 -27.09
CA LEU D 228 -22.10 3.12 -28.12
C LEU D 228 -21.40 2.56 -29.35
N CYS D 229 -21.80 1.37 -29.75
CA CYS D 229 -21.01 0.55 -30.70
C CYS D 229 -21.32 0.94 -32.14
N LYS D 230 -20.43 1.70 -32.75
CA LYS D 230 -20.61 2.14 -34.15
C LYS D 230 -20.54 0.92 -35.06
N GLY D 231 -21.50 0.81 -35.96
CA GLY D 231 -21.54 -0.32 -36.90
C GLY D 231 -21.73 -1.65 -36.20
N ASP D 232 -22.22 -1.68 -34.97
CA ASP D 232 -22.46 -2.94 -34.22
C ASP D 232 -21.14 -3.68 -34.03
N ASN D 233 -20.07 -2.95 -33.72
CA ASN D 233 -18.76 -3.52 -33.40
C ASN D 233 -18.35 -3.04 -32.01
N LEU D 234 -17.82 -3.95 -31.21
CA LEU D 234 -17.25 -3.65 -29.89
C LEU D 234 -15.71 -3.79 -29.98
N TYR D 235 -15.01 -2.80 -29.46
CA TYR D 235 -13.53 -2.82 -29.44
C TYR D 235 -13.05 -3.10 -28.02
N LEU D 236 -12.23 -4.14 -27.90
CA LEU D 236 -11.57 -4.52 -26.64
C LEU D 236 -10.07 -4.37 -26.84
N SER D 237 -9.40 -3.73 -25.91
CA SER D 237 -7.94 -3.57 -26.01
C SER D 237 -7.30 -3.93 -24.68
N ALA D 238 -6.05 -4.37 -24.71
CA ALA D 238 -5.36 -4.79 -23.48
C ALA D 238 -3.85 -4.75 -23.65
N VAL D 239 -3.20 -4.56 -22.51
CA VAL D 239 -1.78 -4.90 -22.32
C VAL D 239 -1.65 -5.53 -20.95
N ASP D 240 -0.94 -6.65 -20.85
CA ASP D 240 -0.63 -7.25 -19.53
C ASP D 240 0.81 -7.76 -19.55
N VAL D 241 1.71 -6.79 -19.58
CA VAL D 241 3.14 -7.05 -19.38
C VAL D 241 3.32 -7.26 -17.89
N CYS D 242 3.65 -8.47 -17.48
CA CYS D 242 3.65 -8.82 -16.04
C CYS D 242 4.98 -8.51 -15.37
N GLY D 243 6.04 -8.32 -16.15
CA GLY D 243 7.40 -8.14 -15.66
C GLY D 243 8.34 -8.83 -16.63
N MET D 244 9.55 -9.10 -16.16
N MET D 244 9.53 -9.13 -16.12
CA MET D 244 10.59 -9.79 -16.96
CA MET D 244 10.60 -9.78 -16.87
C MET D 244 10.98 -11.10 -16.32
C MET D 244 10.95 -11.14 -16.29
N PHE D 245 11.16 -12.10 -17.17
CA PHE D 245 11.80 -13.38 -16.82
C PHE D 245 13.31 -13.20 -16.97
N THR D 246 14.09 -13.74 -15.99
CA THR D 246 15.55 -13.69 -16.04
C THR D 246 16.09 -15.09 -16.31
N ASN D 247 16.81 -15.20 -17.42
CA ASN D 247 17.54 -16.45 -17.75
C ASN D 247 18.77 -16.64 -16.86
N ARG D 248 19.29 -17.86 -16.81
CA ARG D 248 20.52 -18.17 -16.06
C ARG D 248 21.64 -17.18 -16.40
N SER D 249 21.77 -16.81 -17.66
CA SER D 249 22.82 -15.88 -18.15
C SER D 249 22.67 -14.47 -17.57
N GLY D 250 21.47 -14.13 -17.12
CA GLY D 250 21.11 -12.77 -16.73
C GLY D 250 20.25 -12.07 -17.76
N SER D 251 20.17 -12.58 -18.98
CA SER D 251 19.34 -11.91 -20.01
C SER D 251 17.87 -11.93 -19.56
N GLN D 252 17.12 -10.92 -19.97
CA GLN D 252 15.74 -10.70 -19.47
C GLN D 252 14.77 -10.54 -20.64
N GLN D 253 13.63 -11.21 -20.49
CA GLN D 253 12.57 -11.23 -21.50
C GLN D 253 11.28 -10.76 -20.84
N TRP D 254 10.56 -9.86 -21.49
CA TRP D 254 9.20 -9.53 -21.02
C TRP D 254 8.32 -10.80 -21.05
N ARG D 255 7.42 -10.93 -20.09
CA ARG D 255 6.41 -12.01 -20.05
C ARG D 255 5.04 -11.38 -19.90
N GLY D 256 4.13 -11.79 -20.76
CA GLY D 256 2.73 -11.30 -20.74
C GLY D 256 1.77 -12.44 -20.54
N LEU D 257 0.54 -12.09 -20.20
CA LEU D 257 -0.55 -13.07 -20.00
C LEU D 257 -1.78 -12.55 -20.73
N SER D 258 -2.67 -13.46 -21.07
CA SER D 258 -3.97 -13.14 -21.69
C SER D 258 -4.90 -12.44 -20.70
N ARG D 259 -5.88 -11.75 -21.27
CA ARG D 259 -6.94 -11.07 -20.50
C ARG D 259 -8.30 -11.53 -20.97
N TYR D 260 -9.12 -11.92 -19.99
CA TYR D 260 -10.54 -12.25 -20.18
C TYR D 260 -11.37 -10.97 -20.11
N PHE D 261 -12.36 -10.89 -20.99
CA PHE D 261 -13.39 -9.84 -20.99
C PHE D 261 -14.78 -10.49 -21.05
N LYS D 262 -15.67 -9.99 -20.21
CA LYS D 262 -17.12 -10.23 -20.38
C LYS D 262 -17.82 -8.87 -20.30
N VAL D 263 -18.49 -8.51 -21.38
CA VAL D 263 -19.19 -7.21 -21.49
C VAL D 263 -20.67 -7.46 -21.68
N GLN D 264 -21.49 -6.83 -20.85
N GLN D 264 -21.50 -6.82 -20.86
CA GLN D 264 -22.97 -6.80 -21.04
CA GLN D 264 -22.97 -6.81 -21.02
C GLN D 264 -23.32 -5.54 -21.82
C GLN D 264 -23.38 -5.54 -21.77
N LEU D 265 -24.19 -5.71 -22.82
CA LEU D 265 -24.68 -4.59 -23.63
C LEU D 265 -26.20 -4.60 -23.68
N ARG D 266 -26.74 -3.42 -23.89
CA ARG D 266 -28.20 -3.21 -24.04
C ARG D 266 -28.43 -2.36 -25.27
N LYS D 267 -29.61 -2.50 -25.86
CA LYS D 267 -30.00 -1.66 -27.01
C LYS D 267 -30.46 -0.27 -26.53
N ARG D 268 -29.87 0.74 -27.15
CA ARG D 268 -30.17 2.14 -26.80
C ARG D 268 -30.62 2.87 -28.07
N ARG D 269 -31.74 3.58 -27.98
CA ARG D 269 -32.19 4.41 -29.11
C ARG D 269 -31.44 5.72 -29.06
N VAL D 270 -30.99 6.16 -30.24
CA VAL D 270 -30.28 7.45 -30.37
C VAL D 270 -30.90 8.23 -31.51
N LYS D 271 -30.87 9.54 -31.39
CA LYS D 271 -31.30 10.47 -32.45
C LYS D 271 -30.04 10.80 -33.25
N GLU E 8 -35.01 -21.81 -13.28
CA GLU E 8 -35.77 -20.64 -12.82
C GLU E 8 -35.60 -20.59 -11.30
N VAL E 9 -35.01 -19.52 -10.80
CA VAL E 9 -34.80 -19.36 -9.35
C VAL E 9 -36.03 -18.66 -8.77
N LEU E 10 -36.70 -19.31 -7.84
CA LEU E 10 -37.93 -18.76 -7.20
C LEU E 10 -37.62 -18.35 -5.77
N GLU E 11 -38.54 -18.50 -4.82
CA GLU E 11 -38.40 -17.85 -3.50
C GLU E 11 -37.48 -18.64 -2.58
N VAL E 12 -36.89 -17.90 -1.68
CA VAL E 12 -36.18 -18.42 -0.50
C VAL E 12 -37.20 -18.94 0.49
N LYS E 13 -36.93 -20.11 1.06
CA LYS E 13 -37.71 -20.61 2.20
C LYS E 13 -37.28 -19.85 3.45
N THR E 14 -38.22 -19.69 4.37
CA THR E 14 -37.96 -19.03 5.67
C THR E 14 -38.38 -20.00 6.78
N GLY E 15 -38.08 -19.61 8.01
CA GLY E 15 -38.38 -20.43 9.20
C GLY E 15 -37.13 -21.10 9.72
N ASP E 17 -36.10 -24.02 10.05
CA ASP E 17 -35.63 -25.24 9.37
C ASP E 17 -35.01 -24.91 7.98
N SER E 18 -34.97 -23.64 7.62
CA SER E 18 -34.63 -23.21 6.26
C SER E 18 -33.13 -22.97 6.08
N ILE E 19 -32.34 -23.08 7.14
N ILE E 19 -32.32 -23.03 7.15
CA ILE E 19 -30.89 -22.73 7.09
CA ILE E 19 -30.88 -22.65 7.14
C ILE E 19 -30.06 -23.92 7.54
C ILE E 19 -30.00 -23.78 7.68
N THR E 20 -28.81 -23.91 7.12
CA THR E 20 -27.78 -24.86 7.63
C THR E 20 -26.44 -24.16 7.51
N GLU E 21 -25.45 -24.71 8.20
CA GLU E 21 -24.06 -24.19 8.22
C GLU E 21 -23.10 -25.33 7.92
N VAL E 22 -22.05 -25.01 7.19
CA VAL E 22 -20.91 -25.94 6.99
C VAL E 22 -19.69 -25.25 7.60
N GLU E 23 -18.95 -25.96 8.41
CA GLU E 23 -17.68 -25.48 8.97
C GLU E 23 -16.66 -26.58 8.73
N CYS E 24 -15.55 -26.24 8.09
N CYS E 24 -15.53 -26.18 8.18
CA CYS E 24 -14.57 -27.22 7.56
CA CYS E 24 -14.45 -27.17 8.06
C CYS E 24 -13.21 -26.53 7.51
C CYS E 24 -13.13 -26.47 7.78
N PHE E 25 -12.11 -27.28 7.59
CA PHE E 25 -10.81 -26.76 7.15
C PHE E 25 -10.30 -27.64 6.04
N LEU E 26 -9.54 -27.02 5.15
N LEU E 26 -9.57 -27.00 5.12
CA LEU E 26 -8.84 -27.70 4.06
CA LEU E 26 -8.83 -27.69 4.04
C LEU E 26 -7.35 -27.60 4.34
C LEU E 26 -7.35 -27.59 4.36
N THR E 27 -6.69 -28.74 4.37
CA THR E 27 -5.24 -28.77 4.56
C THR E 27 -4.55 -28.45 3.24
N PRO E 28 -3.33 -27.91 3.29
CA PRO E 28 -2.59 -27.60 2.09
C PRO E 28 -1.92 -28.86 1.54
N GLU E 29 -1.71 -28.86 0.24
CA GLU E 29 -1.05 -29.97 -0.46
C GLU E 29 0.16 -29.39 -1.19
N MET E 30 1.27 -29.27 -0.48
CA MET E 30 2.47 -28.59 -0.99
C MET E 30 3.45 -29.57 -1.62
N GLY E 31 3.26 -30.87 -1.43
CA GLY E 31 4.12 -31.91 -2.03
C GLY E 31 4.56 -32.95 -1.02
N ASP E 32 4.75 -32.57 0.23
CA ASP E 32 5.00 -33.50 1.37
C ASP E 32 6.12 -34.48 1.02
N PRO E 33 7.36 -34.00 0.89
CA PRO E 33 8.44 -34.82 0.34
C PRO E 33 8.95 -35.96 1.24
N ASP E 34 8.67 -35.91 2.53
CA ASP E 34 8.93 -37.04 3.44
C ASP E 34 7.95 -37.00 4.62
N GLU E 35 8.07 -37.96 5.50
CA GLU E 35 7.11 -38.21 6.61
C GLU E 35 7.22 -37.14 7.68
N HIS E 36 8.16 -36.21 7.56
CA HIS E 36 8.34 -35.11 8.53
C HIS E 36 7.95 -33.75 7.95
N LEU E 37 7.56 -33.70 6.67
CA LEU E 37 7.53 -32.41 5.97
C LEU E 37 6.14 -32.12 5.38
N ARG E 38 5.11 -32.58 6.06
CA ARG E 38 3.74 -32.16 5.72
C ARG E 38 3.66 -30.63 5.77
N GLY E 39 3.10 -30.03 4.74
CA GLY E 39 2.97 -28.57 4.64
C GLY E 39 4.08 -27.92 3.85
N PHE E 40 5.10 -28.68 3.48
CA PHE E 40 6.24 -28.19 2.69
C PHE E 40 6.31 -28.96 1.38
N SER E 41 6.88 -28.30 0.38
CA SER E 41 7.29 -28.99 -0.86
C SER E 41 8.70 -29.56 -0.68
N LYS E 42 9.06 -30.47 -1.59
N LYS E 42 9.12 -30.39 -1.62
N LYS E 42 9.10 -30.37 -1.66
CA LYS E 42 10.45 -30.84 -1.89
CA LYS E 42 10.55 -30.75 -1.74
CA LYS E 42 10.52 -30.69 -1.94
C LYS E 42 11.21 -29.57 -2.28
C LYS E 42 11.32 -29.50 -2.19
C LYS E 42 11.33 -29.39 -2.06
N SER E 43 12.49 -29.48 -1.94
N SER E 43 12.61 -29.46 -1.90
CA SER E 43 13.38 -28.38 -2.33
CA SER E 43 13.56 -28.42 -2.38
C SER E 43 13.25 -28.09 -3.83
C SER E 43 13.27 -28.10 -3.85
N ILE E 44 13.30 -26.81 -4.17
CA ILE E 44 13.07 -26.34 -5.54
C ILE E 44 14.41 -26.37 -6.29
N SER E 45 14.43 -27.04 -7.41
CA SER E 45 15.60 -27.06 -8.31
C SER E 45 15.25 -26.35 -9.61
N ILE E 46 16.26 -26.07 -10.42
CA ILE E 46 16.11 -25.29 -11.67
C ILE E 46 16.62 -26.11 -12.83
N SER E 47 15.75 -26.59 -13.70
CA SER E 47 16.18 -27.31 -14.90
C SER E 47 16.95 -26.35 -15.81
N ASP E 48 17.90 -26.87 -16.58
CA ASP E 48 18.76 -26.00 -17.40
C ASP E 48 17.98 -25.31 -18.50
N THR E 49 16.97 -25.96 -19.06
CA THR E 49 16.19 -25.35 -20.18
C THR E 49 14.71 -25.64 -19.96
N PHE E 50 13.90 -24.84 -20.65
CA PHE E 50 12.47 -25.15 -20.73
C PHE E 50 12.27 -26.57 -21.24
N GLU E 51 13.07 -26.99 -22.23
CA GLU E 51 12.89 -28.34 -22.80
C GLU E 51 13.12 -29.41 -21.72
N SER E 52 14.00 -29.16 -20.75
CA SER E 52 14.38 -30.19 -19.75
C SER E 52 13.54 -30.10 -18.48
N ASP E 53 12.58 -29.18 -18.42
CA ASP E 53 11.79 -28.94 -17.19
C ASP E 53 10.93 -30.17 -16.88
N SER E 54 11.24 -30.88 -15.81
N SER E 54 11.20 -30.82 -15.77
N SER E 54 11.24 -30.85 -15.80
CA SER E 54 10.53 -32.13 -15.42
CA SER E 54 10.55 -32.10 -15.40
CA SER E 54 10.60 -32.12 -15.38
C SER E 54 10.32 -32.15 -13.91
C SER E 54 10.37 -32.10 -13.89
C SER E 54 10.41 -32.07 -13.87
N PRO E 55 9.49 -31.23 -13.36
CA PRO E 55 9.36 -31.10 -11.92
C PRO E 55 8.92 -32.41 -11.23
N ASN E 56 9.60 -32.72 -10.15
CA ASN E 56 9.25 -33.85 -9.28
C ASN E 56 7.84 -33.58 -8.72
N ARG E 57 7.01 -34.61 -8.61
CA ARG E 57 5.66 -34.46 -8.04
C ARG E 57 5.74 -33.79 -6.67
N ASP E 58 6.75 -34.14 -5.87
CA ASP E 58 6.83 -33.68 -4.48
C ASP E 58 7.21 -32.19 -4.41
N MET E 59 7.61 -31.60 -5.53
CA MET E 59 8.00 -30.19 -5.62
C MET E 59 6.82 -29.29 -6.06
N LEU E 60 5.67 -29.88 -6.39
CA LEU E 60 4.55 -29.12 -6.98
C LEU E 60 3.37 -28.99 -6.02
N PRO E 61 3.13 -27.79 -5.49
CA PRO E 61 1.88 -27.57 -4.78
C PRO E 61 0.67 -27.83 -5.70
N CYS E 62 -0.40 -28.33 -5.09
CA CYS E 62 -1.67 -28.62 -5.79
C CYS E 62 -2.83 -27.87 -5.14
N TYR E 63 -3.88 -27.69 -5.90
CA TYR E 63 -5.16 -27.20 -5.34
C TYR E 63 -5.74 -28.18 -4.34
N SER E 64 -6.31 -27.65 -3.26
CA SER E 64 -7.10 -28.42 -2.29
C SER E 64 -8.59 -28.31 -2.65
N VAL E 65 -9.33 -29.38 -2.40
CA VAL E 65 -10.79 -29.40 -2.62
C VAL E 65 -11.45 -30.27 -1.58
N ALA E 66 -12.64 -29.87 -1.17
CA ALA E 66 -13.55 -30.71 -0.38
C ALA E 66 -14.95 -30.64 -0.98
N ARG E 67 -15.56 -31.80 -1.09
CA ARG E 67 -17.00 -31.89 -1.49
C ARG E 67 -17.77 -32.24 -0.21
N ILE E 68 -18.65 -31.44 0.22
N ILE E 68 -18.56 -31.37 0.28
CA ILE E 68 -19.33 -31.59 1.53
CA ILE E 68 -19.26 -31.52 1.59
C ILE E 68 -20.81 -31.90 1.29
C ILE E 68 -20.71 -31.86 1.34
N PRO E 69 -21.27 -33.14 1.50
N PRO E 69 -21.18 -33.02 1.82
CA PRO E 69 -22.71 -33.41 1.42
CA PRO E 69 -22.59 -33.38 1.68
C PRO E 69 -23.47 -32.61 2.47
C PRO E 69 -23.46 -32.48 2.57
N LEU E 70 -24.61 -32.07 2.04
CA LEU E 70 -25.55 -31.24 2.81
C LEU E 70 -26.78 -32.06 3.13
N PRO E 71 -27.65 -31.56 4.04
CA PRO E 71 -28.88 -32.30 4.32
C PRO E 71 -29.70 -32.55 3.06
N ASN E 72 -30.17 -33.77 2.90
CA ASN E 72 -30.97 -34.16 1.72
C ASN E 72 -32.24 -33.31 1.64
N LEU E 73 -32.55 -32.81 0.46
CA LEU E 73 -33.72 -31.90 0.34
C LEU E 73 -34.91 -32.54 -0.38
N ASN E 74 -34.65 -33.32 -1.41
CA ASN E 74 -35.81 -33.78 -2.20
C ASN E 74 -35.93 -35.30 -2.06
N ASN E 81 -39.64 -29.00 -10.07
CA ASN E 81 -39.84 -28.06 -8.93
C ASN E 81 -39.16 -28.67 -7.70
N ILE E 82 -38.02 -28.11 -7.31
CA ILE E 82 -37.25 -28.71 -6.18
C ILE E 82 -36.64 -27.63 -5.30
N LEU E 83 -36.14 -28.07 -4.14
CA LEU E 83 -35.35 -27.16 -3.27
C LEU E 83 -33.87 -27.44 -3.50
N MET E 84 -33.10 -26.38 -3.39
CA MET E 84 -31.63 -26.47 -3.42
C MET E 84 -31.07 -25.64 -2.30
N TRP E 85 -29.96 -26.08 -1.74
CA TRP E 85 -29.21 -25.23 -0.79
C TRP E 85 -28.49 -24.14 -1.57
N GLU E 86 -28.61 -22.91 -1.08
CA GLU E 86 -27.99 -21.72 -1.66
C GLU E 86 -26.95 -21.20 -0.68
N ALA E 87 -25.70 -21.10 -1.12
CA ALA E 87 -24.65 -20.57 -0.26
C ALA E 87 -24.73 -19.05 -0.24
N VAL E 88 -24.82 -18.47 0.95
CA VAL E 88 -25.13 -17.03 1.12
C VAL E 88 -23.93 -16.27 1.65
N THR E 89 -23.24 -16.80 2.65
CA THR E 89 -22.10 -16.09 3.27
C THR E 89 -20.95 -17.04 3.53
N LEU E 90 -19.78 -16.43 3.58
CA LEU E 90 -18.51 -17.13 3.88
C LEU E 90 -17.74 -16.34 4.92
N LYS E 91 -17.21 -17.04 5.91
CA LYS E 91 -16.10 -16.58 6.75
C LYS E 91 -14.93 -17.51 6.46
N THR E 92 -13.76 -16.95 6.26
CA THR E 92 -12.59 -17.78 5.95
C THR E 92 -11.35 -17.16 6.57
N GLU E 93 -10.37 -17.97 6.94
N GLU E 93 -10.38 -18.04 6.81
CA GLU E 93 -9.04 -17.40 7.19
CA GLU E 93 -9.19 -17.72 7.65
C GLU E 93 -8.03 -18.54 7.18
C GLU E 93 -8.03 -18.65 7.30
N VAL E 94 -6.82 -18.11 7.08
CA VAL E 94 -5.63 -18.98 7.05
C VAL E 94 -5.32 -19.35 8.50
N ILE E 95 -5.11 -20.64 8.75
CA ILE E 95 -4.91 -21.20 10.10
C ILE E 95 -3.42 -21.42 10.37
N GLY E 96 -2.90 -20.77 11.40
CA GLY E 96 -1.50 -21.00 11.79
C GLY E 96 -0.55 -19.91 11.34
N VAL E 97 -1.02 -18.70 11.14
CA VAL E 97 -0.14 -17.65 10.58
C VAL E 97 1.08 -17.41 11.47
N THR E 98 0.95 -17.56 12.78
CA THR E 98 2.07 -17.28 13.71
C THR E 98 3.18 -18.31 13.59
N SER E 99 2.94 -19.46 12.98
CA SER E 99 3.98 -20.49 12.83
C SER E 99 5.14 -19.91 12.03
N LEU E 100 4.88 -18.92 11.20
CA LEU E 100 5.93 -18.30 10.36
C LEU E 100 6.88 -17.46 11.22
N MET E 101 6.61 -17.33 12.53
N MET E 101 6.64 -17.34 12.53
CA MET E 101 7.55 -16.68 13.47
CA MET E 101 7.62 -16.67 13.44
C MET E 101 8.71 -17.60 13.84
C MET E 101 8.62 -17.65 14.02
N ASN E 102 8.63 -18.91 13.55
CA ASN E 102 9.74 -19.83 13.85
C ASN E 102 10.91 -19.56 12.87
N VAL E 103 11.81 -18.66 13.30
CA VAL E 103 13.04 -18.27 12.57
C VAL E 103 14.26 -18.87 13.27
N HIS E 104 14.05 -19.96 14.00
CA HIS E 104 15.14 -20.62 14.76
C HIS E 104 15.31 -22.09 14.37
N SER E 105 14.66 -22.56 13.32
CA SER E 105 14.62 -24.00 12.98
C SER E 105 15.31 -24.25 11.63
N ASN E 106 16.59 -24.56 11.62
CA ASN E 106 17.32 -25.00 10.39
C ASN E 106 17.21 -23.92 9.31
N GLY E 107 17.14 -22.65 9.70
CA GLY E 107 17.09 -21.56 8.73
C GLY E 107 18.46 -21.05 8.33
N GLN E 108 18.44 -20.15 7.38
CA GLN E 108 19.64 -19.45 6.88
C GLN E 108 19.69 -18.06 7.51
N ALA E 109 20.73 -17.81 8.30
CA ALA E 109 20.89 -16.50 8.96
C ALA E 109 20.86 -15.43 7.88
N THR E 110 20.12 -14.36 8.15
CA THR E 110 19.99 -13.22 7.22
C THR E 110 21.35 -12.52 7.08
N HIS E 111 22.19 -12.55 8.11
CA HIS E 111 23.56 -11.98 8.14
C HIS E 111 24.29 -12.64 9.30
N ASP E 112 25.61 -12.42 9.43
N ASP E 112 25.60 -12.38 9.45
CA ASP E 112 26.42 -13.05 10.51
CA ASP E 112 26.44 -12.97 10.53
C ASP E 112 25.75 -12.77 11.87
C ASP E 112 25.76 -12.76 11.90
N ASN E 113 25.43 -13.84 12.61
CA ASN E 113 24.86 -13.82 13.97
C ASN E 113 23.37 -13.52 13.96
N GLY E 114 22.75 -13.37 12.78
CA GLY E 114 21.32 -13.00 12.71
C GLY E 114 20.38 -14.19 12.88
N ALA E 115 19.11 -13.87 12.94
CA ALA E 115 18.02 -14.85 12.96
C ALA E 115 17.83 -15.47 11.57
N GLY E 116 17.08 -16.56 11.51
CA GLY E 116 16.79 -17.20 10.23
C GLY E 116 15.94 -16.33 9.34
N LYS E 117 16.17 -16.38 8.03
N LYS E 117 16.19 -16.40 8.04
CA LYS E 117 15.32 -15.69 7.03
CA LYS E 117 15.28 -15.80 7.04
C LYS E 117 13.92 -16.27 7.07
C LYS E 117 13.88 -16.33 7.29
N PRO E 118 12.85 -15.46 7.31
CA PRO E 118 11.49 -15.98 7.40
C PRO E 118 10.95 -16.36 6.03
N VAL E 119 9.86 -17.13 6.07
CA VAL E 119 9.12 -17.49 4.86
C VAL E 119 8.78 -16.20 4.12
N GLN E 120 9.12 -16.18 2.83
N GLN E 120 9.06 -16.19 2.82
CA GLN E 120 8.97 -15.00 1.97
CA GLN E 120 8.79 -15.01 1.97
C GLN E 120 8.98 -15.44 0.51
C GLN E 120 8.96 -15.43 0.53
N GLY E 121 8.69 -14.51 -0.38
CA GLY E 121 8.67 -14.79 -1.81
C GLY E 121 7.28 -15.17 -2.27
N THR E 122 7.20 -15.66 -3.48
CA THR E 122 5.93 -15.83 -4.21
C THR E 122 4.90 -16.53 -3.34
N SER E 123 3.69 -15.95 -3.29
CA SER E 123 2.55 -16.54 -2.58
C SER E 123 1.35 -16.60 -3.51
N PHE E 124 0.49 -17.56 -3.22
CA PHE E 124 -0.82 -17.65 -3.89
C PHE E 124 -1.82 -18.02 -2.82
N HIS E 125 -2.77 -17.12 -2.60
CA HIS E 125 -3.87 -17.32 -1.63
C HIS E 125 -5.17 -17.26 -2.39
N PHE E 126 -5.91 -18.35 -2.33
CA PHE E 126 -7.06 -18.58 -3.21
C PHE E 126 -8.11 -19.35 -2.45
N PHE E 127 -9.38 -18.99 -2.65
CA PHE E 127 -10.47 -19.81 -2.11
C PHE E 127 -11.69 -19.67 -3.02
N SER E 128 -12.52 -20.69 -2.97
CA SER E 128 -13.78 -20.67 -3.73
C SER E 128 -14.83 -21.48 -3.02
N VAL E 129 -16.07 -21.06 -3.28
CA VAL E 129 -17.28 -21.74 -2.76
C VAL E 129 -18.20 -21.94 -3.95
N GLY E 130 -18.65 -23.16 -4.21
CA GLY E 130 -19.54 -23.39 -5.35
C GLY E 130 -20.50 -24.52 -5.11
N GLY E 131 -21.49 -24.58 -5.98
CA GLY E 131 -22.50 -25.65 -5.96
C GLY E 131 -22.14 -26.82 -6.84
N GLU E 132 -20.90 -26.86 -7.30
CA GLU E 132 -20.35 -27.90 -8.17
C GLU E 132 -18.84 -27.68 -8.19
N ALA E 133 -18.12 -28.60 -8.79
CA ALA E 133 -16.64 -28.49 -8.81
C ALA E 133 -16.20 -27.19 -9.48
N LEU E 134 -15.13 -26.61 -8.97
CA LEU E 134 -14.47 -25.49 -9.61
C LEU E 134 -14.02 -25.91 -11.02
N GLU E 135 -14.30 -25.07 -11.99
CA GLU E 135 -13.89 -25.29 -13.40
C GLU E 135 -12.55 -24.62 -13.64
N LEU E 136 -11.62 -25.37 -14.20
CA LEU E 136 -10.22 -24.93 -14.39
C LEU E 136 -9.92 -24.74 -15.88
N GLN E 137 -9.05 -23.76 -16.14
CA GLN E 137 -8.41 -23.51 -17.43
C GLN E 137 -6.89 -23.66 -17.26
N GLY E 138 -6.28 -24.41 -18.14
CA GLY E 138 -4.83 -24.61 -18.07
C GLY E 138 -4.10 -23.48 -18.74
N VAL E 139 -3.03 -23.00 -18.09
CA VAL E 139 -2.10 -22.02 -18.69
C VAL E 139 -0.72 -22.44 -18.22
N LEU E 140 0.21 -22.60 -19.16
CA LEU E 140 1.55 -23.09 -18.83
C LEU E 140 2.55 -21.96 -18.92
N PHE E 141 3.44 -21.86 -17.94
CA PHE E 141 4.57 -20.91 -18.06
C PHE E 141 5.41 -21.28 -19.27
N ASN E 142 5.65 -22.59 -19.37
CA ASN E 142 6.55 -23.24 -20.35
C ASN E 142 5.82 -24.47 -20.89
N TYR E 143 5.41 -24.45 -22.16
CA TYR E 143 4.55 -25.54 -22.65
C TYR E 143 5.31 -26.86 -22.70
N ARG E 144 6.64 -26.83 -22.61
CA ARG E 144 7.46 -28.06 -22.68
C ARG E 144 7.65 -28.69 -21.31
N THR E 145 7.12 -28.12 -20.23
CA THR E 145 7.23 -28.78 -18.91
C THR E 145 6.63 -30.17 -19.00
N LYS E 146 7.38 -31.16 -18.51
N LYS E 146 7.33 -31.17 -18.46
CA LYS E 146 6.88 -32.54 -18.31
CA LYS E 146 6.83 -32.55 -18.38
C LYS E 146 6.33 -32.61 -16.90
C LYS E 146 6.32 -32.77 -16.95
N TYR E 147 5.01 -32.69 -16.76
CA TYR E 147 4.37 -32.86 -15.44
C TYR E 147 4.42 -34.32 -15.09
N PRO E 148 4.62 -34.62 -13.79
CA PRO E 148 4.91 -35.98 -13.37
C PRO E 148 3.69 -36.87 -13.20
N ASP E 149 3.93 -38.17 -13.29
N ASP E 149 3.94 -38.18 -13.26
CA ASP E 149 2.90 -39.18 -12.99
CA ASP E 149 2.94 -39.22 -12.92
C ASP E 149 2.31 -38.90 -11.59
C ASP E 149 2.31 -38.88 -11.57
N GLY E 150 0.99 -39.00 -11.50
CA GLY E 150 0.23 -38.69 -10.28
C GLY E 150 -0.37 -37.31 -10.31
N THR E 151 0.02 -36.47 -11.25
CA THR E 151 -0.65 -35.17 -11.43
C THR E 151 -1.59 -35.21 -12.63
N ILE E 152 -2.53 -34.27 -12.63
CA ILE E 152 -3.48 -34.04 -13.73
C ILE E 152 -3.15 -32.66 -14.28
N PHE E 153 -2.76 -32.62 -15.53
CA PHE E 153 -2.14 -31.44 -16.16
C PHE E 153 -2.70 -31.23 -17.55
N PRO E 154 -2.43 -30.06 -18.14
CA PRO E 154 -2.86 -29.78 -19.51
C PRO E 154 -2.23 -30.75 -20.50
N LYS E 155 -3.07 -31.42 -21.28
CA LYS E 155 -2.68 -32.47 -22.24
C LYS E 155 -2.61 -31.86 -23.63
N ASN E 156 -1.77 -32.43 -24.50
CA ASN E 156 -1.64 -31.95 -25.88
C ASN E 156 -1.17 -30.50 -25.86
N ALA E 157 -0.27 -30.16 -24.94
CA ALA E 157 0.21 -28.77 -24.84
C ALA E 157 0.90 -28.37 -26.15
N THR E 158 0.71 -27.12 -26.52
CA THR E 158 1.38 -26.48 -27.66
C THR E 158 1.94 -25.16 -27.19
N VAL E 159 2.71 -24.49 -28.04
CA VAL E 159 3.24 -23.18 -27.61
C VAL E 159 2.09 -22.22 -27.28
N GLN E 160 0.92 -22.36 -27.92
N GLN E 160 0.94 -22.38 -27.97
CA GLN E 160 -0.18 -21.44 -27.59
CA GLN E 160 -0.33 -21.64 -27.71
C GLN E 160 -0.68 -21.69 -26.16
C GLN E 160 -0.61 -21.68 -26.21
N SER E 161 -0.37 -22.83 -25.57
CA SER E 161 -0.72 -23.11 -24.15
C SER E 161 -0.01 -22.14 -23.19
N GLN E 162 1.05 -21.46 -23.64
CA GLN E 162 1.74 -20.44 -22.82
C GLN E 162 0.93 -19.16 -22.69
N VAL E 163 -0.10 -18.97 -23.51
CA VAL E 163 -0.98 -17.77 -23.43
C VAL E 163 -2.45 -18.15 -23.28
N MET E 164 -2.99 -19.02 -24.13
N MET E 164 -2.95 -19.03 -24.13
CA MET E 164 -4.38 -19.51 -23.95
CA MET E 164 -4.34 -19.50 -24.04
C MET E 164 -4.71 -20.56 -25.01
C MET E 164 -4.55 -20.62 -25.06
N ASN E 165 -4.88 -21.79 -24.55
CA ASN E 165 -5.30 -22.92 -25.39
C ASN E 165 -6.58 -23.46 -24.78
N THR E 166 -7.70 -23.23 -25.45
CA THR E 166 -9.03 -23.56 -24.93
C THR E 166 -9.25 -25.07 -24.81
N GLU E 167 -8.35 -25.91 -25.29
CA GLU E 167 -8.48 -27.36 -25.04
C GLU E 167 -8.34 -27.68 -23.55
N HIS E 168 -7.60 -26.87 -22.80
CA HIS E 168 -7.21 -27.25 -21.42
C HIS E 168 -8.30 -26.90 -20.41
N LYS E 169 -9.34 -27.70 -20.42
CA LYS E 169 -10.47 -27.54 -19.49
C LYS E 169 -10.48 -28.71 -18.54
N ALA E 170 -10.72 -28.47 -17.26
CA ALA E 170 -10.80 -29.54 -16.26
C ALA E 170 -11.70 -29.11 -15.12
N TYR E 171 -12.05 -30.06 -14.28
CA TYR E 171 -12.75 -29.85 -13.03
C TYR E 171 -11.80 -30.14 -11.88
N LEU E 172 -11.83 -29.33 -10.84
CA LEU E 172 -11.07 -29.61 -9.61
C LEU E 172 -11.85 -30.65 -8.81
N ASP E 173 -11.56 -31.90 -9.11
CA ASP E 173 -12.39 -33.05 -8.69
C ASP E 173 -11.55 -34.10 -7.95
N LYS E 174 -10.31 -33.77 -7.58
CA LYS E 174 -9.40 -34.73 -6.91
C LYS E 174 -8.37 -33.92 -6.14
N ASN E 175 -8.01 -34.41 -4.95
CA ASN E 175 -6.86 -33.87 -4.18
C ASN E 175 -5.52 -34.45 -4.61
N LYS E 176 -4.46 -33.70 -4.26
CA LYS E 176 -3.05 -34.09 -4.53
C LYS E 176 -2.89 -34.34 -6.01
N ALA E 177 -3.60 -33.56 -6.84
CA ALA E 177 -3.59 -33.92 -8.26
C ALA E 177 -3.36 -32.74 -9.21
N TYR E 178 -4.05 -31.62 -8.99
CA TYR E 178 -4.04 -30.51 -9.96
C TYR E 178 -2.99 -29.49 -9.52
N PRO E 179 -1.83 -29.40 -10.23
CA PRO E 179 -0.80 -28.48 -9.76
C PRO E 179 -1.28 -27.03 -9.86
N VAL E 180 -0.92 -26.26 -8.86
CA VAL E 180 -1.28 -24.83 -8.83
C VAL E 180 -0.75 -24.13 -10.09
N GLU E 181 0.49 -24.43 -10.50
CA GLU E 181 1.18 -23.60 -11.49
C GLU E 181 0.61 -23.77 -12.90
N CYS E 182 -0.18 -24.82 -13.15
CA CYS E 182 -0.65 -25.02 -14.53
C CYS E 182 -2.16 -24.83 -14.68
N TRP E 183 -2.87 -24.51 -13.60
CA TRP E 183 -4.33 -24.35 -13.67
C TRP E 183 -4.73 -23.07 -12.97
N VAL E 184 -5.76 -22.42 -13.53
CA VAL E 184 -6.47 -21.29 -12.87
C VAL E 184 -7.96 -21.53 -12.97
N PRO E 185 -8.73 -20.86 -12.11
CA PRO E 185 -10.17 -20.82 -12.35
C PRO E 185 -10.47 -20.34 -13.77
N ASP E 186 -11.40 -21.04 -14.42
CA ASP E 186 -11.79 -20.68 -15.80
C ASP E 186 -12.80 -19.53 -15.76
N PRO E 187 -12.43 -18.30 -16.14
CA PRO E 187 -13.36 -17.19 -16.04
C PRO E 187 -14.51 -17.30 -17.05
N THR E 188 -14.38 -18.17 -18.04
CA THR E 188 -15.44 -18.37 -19.06
C THR E 188 -16.53 -19.32 -18.54
N ARG E 189 -16.29 -19.93 -17.38
N ARG E 189 -16.29 -19.93 -17.37
CA ARG E 189 -17.28 -20.84 -16.76
CA ARG E 189 -17.29 -20.84 -16.77
C ARG E 189 -17.50 -20.39 -15.32
C ARG E 189 -17.50 -20.38 -15.31
N ASN E 190 -17.70 -21.32 -14.39
CA ASN E 190 -17.85 -20.98 -12.96
C ASN E 190 -19.01 -20.04 -12.67
N GLU E 191 -20.13 -20.17 -13.39
CA GLU E 191 -21.34 -19.37 -13.09
C GLU E 191 -21.87 -19.70 -11.69
N ASN E 192 -21.62 -20.92 -11.22
CA ASN E 192 -22.25 -21.44 -9.98
C ASN E 192 -21.21 -21.56 -8.86
N THR E 193 -20.14 -20.78 -8.98
CA THR E 193 -19.04 -20.71 -8.01
C THR E 193 -18.68 -19.24 -7.78
N ARG E 194 -18.23 -18.91 -6.58
CA ARG E 194 -17.58 -17.60 -6.31
C ARG E 194 -16.13 -17.91 -5.95
N TYR E 195 -15.20 -17.31 -6.68
CA TYR E 195 -13.78 -17.54 -6.42
C TYR E 195 -13.03 -16.25 -6.23
N PHE E 196 -11.92 -16.33 -5.48
CA PHE E 196 -11.12 -15.16 -5.07
C PHE E 196 -9.66 -15.62 -4.95
N GLY E 197 -8.74 -14.93 -5.59
CA GLY E 197 -7.32 -15.27 -5.41
C GLY E 197 -6.41 -14.10 -5.62
N THR E 198 -5.24 -14.19 -5.01
CA THR E 198 -4.16 -13.21 -5.20
C THR E 198 -2.83 -13.93 -5.35
N LEU E 199 -2.17 -13.71 -6.48
N LEU E 199 -2.13 -13.64 -6.43
CA LEU E 199 -0.75 -14.04 -6.63
CA LEU E 199 -0.74 -14.06 -6.71
C LEU E 199 0.04 -12.79 -6.26
C LEU E 199 0.17 -12.86 -6.40
N THR E 200 0.99 -12.97 -5.36
CA THR E 200 1.97 -11.94 -5.02
C THR E 200 3.34 -12.53 -5.35
N GLY E 201 3.96 -11.99 -6.40
N GLY E 201 4.00 -11.98 -6.36
CA GLY E 201 5.25 -12.48 -6.89
CA GLY E 201 5.28 -12.53 -6.82
C GLY E 201 6.41 -11.70 -6.28
C GLY E 201 6.45 -11.93 -6.07
N GLY E 202 7.62 -12.08 -6.64
CA GLY E 202 8.83 -11.44 -6.13
C GLY E 202 9.63 -12.41 -5.29
N GLU E 203 10.93 -12.27 -5.29
CA GLU E 203 11.77 -13.23 -4.55
C GLU E 203 11.74 -12.96 -3.05
N ASN E 204 11.47 -11.74 -2.64
CA ASN E 204 11.65 -11.33 -1.22
C ASN E 204 10.36 -10.79 -0.62
N VAL E 205 9.23 -10.98 -1.25
N VAL E 205 9.22 -10.92 -1.31
CA VAL E 205 8.01 -10.26 -0.78
CA VAL E 205 7.96 -10.31 -0.82
C VAL E 205 7.59 -10.88 0.55
C VAL E 205 7.59 -10.93 0.52
N PRO E 206 7.07 -10.04 1.40
N PRO E 206 7.36 -10.07 1.55
CA PRO E 206 6.84 -10.52 2.75
CA PRO E 206 6.86 -10.50 2.85
C PRO E 206 5.40 -11.00 2.89
C PRO E 206 5.44 -11.05 2.83
N PRO E 207 5.10 -12.13 3.58
CA PRO E 207 3.71 -12.46 3.80
C PRO E 207 3.02 -11.30 4.54
N VAL E 208 1.77 -11.04 4.19
CA VAL E 208 0.85 -10.16 4.96
C VAL E 208 -0.44 -10.93 5.16
N LEU E 209 -0.63 -11.43 6.36
CA LEU E 209 -1.73 -12.36 6.65
C LEU E 209 -2.56 -11.76 7.77
N HIS E 210 -3.82 -11.51 7.47
CA HIS E 210 -4.79 -10.97 8.44
C HIS E 210 -5.71 -12.07 8.94
N ILE E 211 -6.01 -12.03 10.23
CA ILE E 211 -6.96 -12.96 10.85
C ILE E 211 -7.98 -12.14 11.62
N THR E 212 -9.23 -12.57 11.54
CA THR E 212 -10.32 -11.99 12.34
C THR E 212 -11.54 -12.86 12.20
N ASN E 213 -12.37 -12.88 13.23
CA ASN E 213 -13.66 -13.63 13.17
C ASN E 213 -14.81 -12.64 12.96
N THR E 214 -14.52 -11.43 12.50
CA THR E 214 -15.53 -10.38 12.35
C THR E 214 -15.83 -10.06 10.89
N ALA E 215 -15.25 -10.77 9.94
CA ALA E 215 -15.36 -10.43 8.51
C ALA E 215 -16.15 -11.50 7.78
N THR E 216 -17.14 -11.07 7.02
CA THR E 216 -18.01 -11.96 6.25
C THR E 216 -17.99 -11.53 4.78
N THR E 217 -17.91 -12.50 3.88
CA THR E 217 -18.07 -12.28 2.43
C THR E 217 -19.46 -12.76 2.02
N VAL E 218 -20.21 -11.91 1.34
CA VAL E 218 -21.54 -12.28 0.81
C VAL E 218 -21.32 -12.93 -0.56
N LEU E 219 -21.95 -14.08 -0.78
CA LEU E 219 -21.75 -14.92 -1.97
C LEU E 219 -22.85 -14.73 -3.02
N LEU E 220 -23.80 -13.85 -2.76
CA LEU E 220 -24.88 -13.59 -3.71
C LEU E 220 -24.32 -12.81 -4.89
N ASP E 221 -24.82 -13.12 -6.08
CA ASP E 221 -24.48 -12.36 -7.30
C ASP E 221 -25.36 -11.09 -7.38
N GLU E 222 -25.29 -10.38 -8.50
CA GLU E 222 -26.01 -9.10 -8.67
C GLU E 222 -27.52 -9.33 -8.76
N PHE E 223 -27.98 -10.57 -8.95
CA PHE E 223 -29.42 -10.93 -8.95
C PHE E 223 -29.87 -11.42 -7.56
N GLY E 224 -28.98 -11.41 -6.57
CA GLY E 224 -29.31 -11.88 -5.22
C GLY E 224 -29.26 -13.38 -5.09
N VAL E 225 -28.56 -14.10 -5.99
CA VAL E 225 -28.52 -15.58 -5.97
C VAL E 225 -27.09 -16.05 -5.66
N GLY E 226 -26.99 -16.92 -4.66
CA GLY E 226 -25.73 -17.56 -4.32
C GLY E 226 -25.54 -18.84 -5.11
N PRO E 227 -24.37 -19.48 -4.97
CA PRO E 227 -24.19 -20.82 -5.50
C PRO E 227 -25.31 -21.77 -5.05
N LEU E 228 -25.80 -22.56 -6.01
CA LEU E 228 -26.89 -23.52 -5.76
C LEU E 228 -26.30 -24.93 -5.82
N CYS E 229 -26.50 -25.69 -4.75
CA CYS E 229 -25.71 -26.91 -4.53
C CYS E 229 -26.34 -28.11 -5.24
N LYS E 230 -25.76 -28.48 -6.38
CA LYS E 230 -26.28 -29.60 -7.18
C LYS E 230 -26.09 -30.90 -6.42
N GLY E 231 -27.14 -31.70 -6.33
CA GLY E 231 -27.07 -32.97 -5.59
C GLY E 231 -26.87 -32.77 -4.12
N ASP E 232 -27.13 -31.57 -3.59
CA ASP E 232 -26.94 -31.27 -2.14
C ASP E 232 -25.48 -31.45 -1.77
N ASN E 233 -24.58 -31.04 -2.65
CA ASN E 233 -23.14 -31.01 -2.35
C ASN E 233 -22.59 -29.59 -2.44
N LEU E 234 -21.78 -29.20 -1.46
CA LEU E 234 -21.05 -27.92 -1.45
C LEU E 234 -19.58 -28.18 -1.77
N TYR E 235 -19.02 -27.41 -2.69
N TYR E 235 -19.01 -27.35 -2.63
CA TYR E 235 -17.59 -27.56 -3.04
CA TYR E 235 -17.62 -27.52 -3.09
C TYR E 235 -16.81 -26.37 -2.51
C TYR E 235 -16.78 -26.36 -2.57
N LEU E 236 -15.77 -26.69 -1.77
CA LEU E 236 -14.82 -25.70 -1.22
C LEU E 236 -13.45 -25.99 -1.82
N SER E 237 -12.77 -24.96 -2.27
CA SER E 237 -11.42 -25.16 -2.84
C SER E 237 -10.50 -24.09 -2.26
N ALA E 238 -9.21 -24.40 -2.19
CA ALA E 238 -8.24 -23.46 -1.61
C ALA E 238 -6.84 -23.74 -2.13
N VAL E 239 -6.06 -22.67 -2.13
CA VAL E 239 -4.58 -22.72 -2.17
C VAL E 239 -4.07 -21.67 -1.21
N ASP E 240 -3.10 -22.02 -0.36
CA ASP E 240 -2.45 -21.04 0.53
C ASP E 240 -0.96 -21.33 0.57
N VAL E 241 -0.31 -21.09 -0.56
CA VAL E 241 1.17 -21.11 -0.66
C VAL E 241 1.61 -19.79 -0.05
N CYS E 242 2.25 -19.85 1.11
CA CYS E 242 2.56 -18.61 1.85
C CYS E 242 3.86 -17.94 1.40
N GLY E 243 4.71 -18.70 0.73
CA GLY E 243 6.05 -18.28 0.31
C GLY E 243 6.96 -19.49 0.39
N MET E 244 8.25 -19.20 0.45
CA MET E 244 9.27 -20.24 0.50
C MET E 244 10.02 -20.14 1.83
N PHE E 245 10.29 -21.31 2.38
CA PHE E 245 11.22 -21.50 3.52
C PHE E 245 12.61 -21.74 2.96
N THR E 246 13.58 -20.97 3.46
CA THR E 246 14.99 -21.11 3.08
C THR E 246 15.71 -21.87 4.19
N ASN E 247 16.26 -23.05 3.91
N ASN E 247 16.30 -23.01 3.84
CA ASN E 247 17.03 -23.76 4.97
CA ASN E 247 17.13 -23.84 4.75
C ASN E 247 18.49 -23.28 4.95
C ASN E 247 18.52 -23.21 4.97
N ARG E 248 19.26 -23.73 5.93
CA ARG E 248 20.63 -23.25 6.19
C ARG E 248 21.48 -23.31 4.92
N SER E 249 21.24 -24.29 4.04
CA SER E 249 22.03 -24.48 2.80
C SER E 249 21.71 -23.42 1.75
N GLY E 250 20.58 -22.73 1.88
CA GLY E 250 20.05 -21.81 0.85
C GLY E 250 18.95 -22.43 0.01
N SER E 251 18.76 -23.75 0.08
N SER E 251 18.78 -23.76 0.09
N SER E 251 18.77 -23.75 0.11
CA SER E 251 17.70 -24.45 -0.69
CA SER E 251 17.69 -24.49 -0.60
CA SER E 251 17.70 -24.48 -0.57
C SER E 251 16.34 -24.07 -0.12
C SER E 251 16.34 -23.95 -0.12
C SER E 251 16.35 -23.90 -0.12
N GLN E 252 15.38 -23.90 -1.03
CA GLN E 252 14.05 -23.34 -0.72
C GLN E 252 12.94 -24.36 -0.99
N GLN E 253 11.93 -24.28 -0.13
CA GLN E 253 10.76 -25.17 -0.18
C GLN E 253 9.52 -24.30 -0.05
N TRP E 254 8.49 -24.56 -0.82
CA TRP E 254 7.19 -23.91 -0.57
C TRP E 254 6.68 -24.31 0.80
N ARG E 255 6.03 -23.38 1.49
CA ARG E 255 5.34 -23.66 2.75
C ARG E 255 3.89 -23.21 2.62
N GLY E 256 2.99 -24.08 3.00
CA GLY E 256 1.55 -23.77 2.96
C GLY E 256 0.89 -23.90 4.31
N LEU E 257 -0.31 -23.36 4.42
CA LEU E 257 -1.11 -23.44 5.65
C LEU E 257 -2.54 -23.84 5.29
N SER E 258 -3.24 -24.40 6.24
CA SER E 258 -4.67 -24.75 6.12
C SER E 258 -5.55 -23.51 6.04
N ARG E 259 -6.76 -23.73 5.52
CA ARG E 259 -7.76 -22.65 5.45
C ARG E 259 -9.08 -23.12 6.08
N TYR E 260 -9.59 -22.29 6.96
CA TYR E 260 -10.92 -22.45 7.57
C TYR E 260 -11.99 -21.88 6.66
N PHE E 261 -13.11 -22.58 6.59
CA PHE E 261 -14.33 -22.11 5.93
C PHE E 261 -15.52 -22.28 6.85
N LYS E 262 -16.36 -21.25 6.92
N LYS E 262 -16.37 -21.26 6.89
CA LYS E 262 -17.72 -21.35 7.50
CA LYS E 262 -17.72 -21.35 7.48
C LYS E 262 -18.69 -20.76 6.46
C LYS E 262 -18.70 -20.76 6.46
N VAL E 263 -19.62 -21.59 5.97
CA VAL E 263 -20.58 -21.16 4.94
C VAL E 263 -21.97 -21.30 5.54
N GLN E 264 -22.76 -20.24 5.39
N GLN E 264 -22.76 -20.25 5.38
CA GLN E 264 -24.19 -20.26 5.74
CA GLN E 264 -24.19 -20.25 5.76
C GLN E 264 -24.98 -20.51 4.45
C GLN E 264 -25.01 -20.47 4.49
N LEU E 265 -25.93 -21.43 4.52
CA LEU E 265 -26.78 -21.77 3.36
C LEU E 265 -28.25 -21.67 3.76
N ARG E 266 -29.06 -21.45 2.76
CA ARG E 266 -30.53 -21.38 2.93
C ARG E 266 -31.20 -22.19 1.82
N LYS E 267 -32.42 -22.64 2.09
CA LYS E 267 -33.19 -23.36 1.07
C LYS E 267 -33.80 -22.40 0.07
N ARG E 268 -33.65 -22.72 -1.21
CA ARG E 268 -34.19 -21.92 -2.33
C ARG E 268 -35.01 -22.84 -3.23
N ARG E 269 -36.21 -22.39 -3.58
CA ARG E 269 -37.00 -23.16 -4.55
C ARG E 269 -36.56 -22.82 -5.97
N VAL E 270 -36.45 -23.86 -6.79
CA VAL E 270 -36.07 -23.65 -8.20
C VAL E 270 -36.97 -24.50 -9.09
N LYS E 271 -37.03 -24.14 -10.36
CA LYS E 271 -37.73 -24.98 -11.35
C LYS E 271 -36.65 -25.36 -12.38
C2 BGC F . 39.21 19.93 9.90
C3 BGC F . 38.05 18.92 9.88
C4 BGC F . 36.93 19.50 9.06
C5 BGC F . 37.49 19.85 7.69
C6 BGC F . 36.46 20.46 6.75
C1 BGC F . 39.67 20.40 8.52
O1 BGC F . 40.49 21.60 8.44
O2 BGC F . 40.25 19.29 10.58
O3 BGC F . 37.58 18.61 11.20
O4 BGC F . 35.98 18.43 8.91
O5 BGC F . 38.50 20.84 7.88
O6 BGC F . 35.88 21.57 7.44
C1 GAL F . 34.61 18.71 9.20
C2 GAL F . 33.81 17.53 8.70
C3 GAL F . 32.36 17.65 9.20
C4 GAL F . 32.32 17.87 10.72
C5 GAL F . 33.15 19.10 11.02
C6 GAL F . 33.17 19.47 12.50
O2 GAL F . 33.82 17.55 7.25
O3 GAL F . 31.76 16.40 8.86
O4 GAL F . 32.89 16.72 11.39
O5 GAL F . 34.50 18.86 10.60
O6 GAL F . 33.92 20.69 12.67
C1 SIA F . 30.10 14.88 8.27
C2 SIA F . 30.47 16.39 8.25
C3 SIA F . 30.47 17.04 6.86
C4 SIA F . 29.03 17.18 6.32
C5 SIA F . 28.15 17.90 7.36
C6 SIA F . 28.25 17.16 8.69
C7 SIA F . 27.46 17.77 9.84
C8 SIA F . 27.70 17.07 11.16
C9 SIA F . 26.57 17.35 12.13
C10 SIA F . 25.95 18.95 7.13
C11 SIA F . 24.54 18.84 6.59
N5 SIA F . 26.78 17.93 6.90
O1A SIA F . 30.32 14.23 7.23
O1B SIA F . 29.58 14.40 9.32
O4 SIA F . 29.05 17.86 5.07
O6 SIA F . 29.62 17.11 9.13
O7 SIA F . 27.72 19.15 9.99
O8 SIA F . 27.76 15.65 11.02
O9 SIA F . 26.82 16.79 13.43
O10 SIA F . 26.28 19.94 7.76
O5 BGC G . 31.71 12.04 -18.45
O5 BGC G . 31.33 11.55 -24.62
C1 GAL G . 31.19 12.30 -19.76
C1 GAL G . 30.10 12.13 -24.18
C2 GAL G . 29.98 11.45 -20.02
C2 GAL G . 29.59 11.30 -23.03
C3 GAL G . 29.34 11.73 -21.37
C3 GAL G . 28.36 12.00 -22.41
C4 GAL G . 29.55 13.14 -21.97
C4 GAL G . 28.61 13.49 -22.14
C5 GAL G . 30.59 14.04 -21.25
C5 GAL G . 29.30 14.22 -23.27
C6 GAL G . 30.15 15.50 -21.22
C6 GAL G . 29.95 15.51 -22.77
O2 GAL G . 30.52 10.12 -20.17
O2 GAL G . 29.34 9.97 -23.55
O3 GAL G . 27.99 11.11 -21.68
O3 GAL G . 28.04 11.43 -21.11
O4 GAL G . 28.30 13.83 -22.22
O4 GAL G . 29.41 13.63 -20.95
O5 GAL G . 30.84 13.66 -19.91
O5 GAL G . 30.39 13.46 -23.76
O6 GAL G . 29.36 15.79 -22.38
O6 GAL G . 29.10 16.19 -21.84
C1 SIA G . 26.75 10.35 -19.51
C1 SIA G . 26.65 10.31 -19.57
C2 SIA G . 26.72 10.87 -20.96
C2 SIA G . 26.71 10.81 -21.01
C3 SIA G . 26.27 9.79 -21.97
C3 SIA G . 26.24 9.74 -22.03
C4 SIA G . 24.79 9.41 -21.86
C4 SIA G . 24.76 9.40 -21.88
C5 SIA G . 23.93 10.67 -21.93
C5 SIA G . 23.91 10.67 -21.94
C6 SIA G . 24.45 11.66 -20.86
C6 SIA G . 24.46 11.66 -20.88
C7 SIA G . 23.71 12.98 -20.84
C7 SIA G . 23.72 12.98 -20.87
C8 SIA G . 24.38 13.97 -19.89
C8 SIA G . 24.39 14.00 -19.94
C9 SIA G . 23.41 15.08 -19.55
C9 SIA G . 23.40 15.07 -19.55
C10 SIA G . 21.52 11.01 -22.31
C10 SIA G . 21.49 10.98 -22.33
C11 SIA G . 20.11 10.53 -22.01
C11 SIA G . 20.09 10.54 -21.97
N5 SIA G . 22.53 10.35 -21.72
N5 SIA G . 22.51 10.37 -21.69
O1A SIA G . 27.03 9.15 -19.28
O1A SIA G . 26.91 9.10 -19.33
O1B SIA G . 26.48 11.15 -18.58
O1B SIA G . 26.46 11.13 -18.64
O4 SIA G . 24.39 8.44 -22.85
O4 SIA G . 24.34 8.44 -22.87
O6 SIA G . 25.84 11.95 -21.10
O6 SIA G . 25.85 11.93 -21.15
O7 SIA G . 23.65 13.59 -22.15
O7 SIA G . 23.67 13.58 -22.18
O8 SIA G . 24.74 13.34 -18.65
O8 SIA G . 24.82 13.36 -18.73
O9 SIA G . 23.99 16.05 -18.68
O9 SIA G . 23.99 16.03 -18.67
O10 SIA G . 21.72 11.95 -23.09
O10 SIA G . 21.67 11.85 -23.17
O5 BGC H . 21.68 -16.51 -29.67
C1 GAL H . 21.68 -15.90 -28.37
C2 GAL H . 21.27 -16.98 -27.41
C3 GAL H . 21.26 -16.54 -25.99
C4 GAL H . 22.67 -16.07 -25.65
C5 GAL H . 23.43 -15.27 -26.75
C6 GAL H . 24.92 -15.67 -26.83
O2 GAL H . 20.01 -17.50 -27.81
O3 GAL H . 20.87 -17.69 -25.22
O4 GAL H . 23.42 -17.25 -25.37
O5 GAL H . 23.00 -15.46 -28.10
O6 GAL H . 25.09 -16.79 -27.71
C1 SIA H . 20.03 -16.51 -23.22
C2 SIA H . 19.80 -17.64 -24.22
C3 SIA H . 19.68 -19.01 -23.54
C4 SIA H . 18.40 -19.15 -22.72
C5 SIA H . 17.17 -18.78 -23.55
C6 SIA H . 17.40 -17.40 -24.16
C7 SIA H . 16.29 -16.92 -25.07
C8 SIA H . 16.68 -15.65 -25.81
C9 SIA H . 15.44 -14.98 -26.34
C10 SIA H . 14.78 -19.16 -23.11
C11 SIA H . 13.73 -19.14 -22.05
N5 SIA H . 16.01 -18.78 -22.68
O1A SIA H . 20.65 -16.73 -22.13
O1B SIA H . 19.61 -15.34 -23.49
O4 SIA H . 18.30 -20.52 -22.26
O6 SIA H . 18.60 -17.38 -24.93
O7 SIA H . 15.92 -17.93 -26.02
O8 SIA H . 17.30 -14.72 -24.92
O9 SIA H . 15.74 -13.84 -27.16
O10 SIA H . 14.55 -19.52 -24.26
C1 EDO I . -6.26 -15.26 32.48
O1 EDO I . -6.99 -16.02 33.41
C2 EDO I . -4.93 -14.82 33.02
O2 EDO I . -4.92 -13.49 33.51
C1 EDO J . -10.40 -3.42 14.09
O1 EDO J . -11.24 -2.37 13.66
C2 EDO J . -9.28 -3.70 13.15
O2 EDO J . -8.03 -3.28 13.64
C1 EDO K . -15.55 -4.32 39.33
O1 EDO K . -15.04 -3.02 39.11
C2 EDO K . -14.84 -5.05 40.39
O2 EDO K . -15.46 -6.29 40.70
CL CL L . 20.03 -11.59 24.94
NA NA M . 15.86 9.72 18.53
NA NA N . -2.28 -30.10 22.70
C1 EDO O . 3.71 25.66 25.90
O1 EDO O . 3.26 26.48 26.98
C2 EDO O . 4.06 26.45 24.68
O2 EDO O . 5.44 26.50 24.37
CL CL P . 33.80 12.12 3.08
NA NA Q . 16.12 19.24 -7.53
NA NA R . 8.86 10.70 35.02
NA NA S . 9.51 -1.78 -24.35
NA NA T . 12.10 35.48 -1.36
C1 EDO U . -5.28 -1.93 -14.19
O1 EDO U . -5.57 -3.02 -13.33
C2 EDO U . -6.22 -0.78 -14.01
O2 EDO U . -5.60 0.46 -13.72
NA NA V . 5.42 -24.22 -8.79
NA NA W . 2.80 9.89 -36.00
C1 PEG X . -13.77 -34.65 -1.72
O1 PEG X . -13.96 -34.23 -0.40
C2 PEG X . -12.54 -34.09 -2.35
O2 PEG X . -12.48 -34.55 -3.70
C3 PEG X . -13.29 -33.78 -4.59
C4 PEG X . -14.42 -34.61 -5.12
O4 PEG X . -15.23 -33.88 -6.05
C1 EDO Y . -25.89 -34.48 5.76
O1 EDO Y . -25.59 -33.28 6.46
C2 EDO Y . -24.93 -35.58 5.99
O2 EDO Y . -24.80 -36.44 4.86
C1 EDO Z . 16.36 -31.46 -15.52
O1 EDO Z . 16.03 -32.38 -14.51
C2 EDO Z . 17.79 -31.05 -15.47
O2 EDO Z . 18.17 -30.04 -16.41
CL CL AA . 13.41 -31.65 0.42
NA NA BA . 9.07 -17.24 17.75
NA NA CA . -6.05 -30.61 -21.37
#